data_1WH7
#
_entry.id   1WH7
#
_entity_poly.entity_id   1
_entity_poly.type   'polypeptide(L)'
_entity_poly.pdbx_seq_one_letter_code
;GSSGSSGSNPSSSGGTTKRFRTKFTAEQKEKMLAFAERLGWRIQKHDDVAVEQFCAETGVRRQVLKIWMHNNKNSGPSSG
;
_entity_poly.pdbx_strand_id   A
#
# COMPACT_ATOMS: atom_id res chain seq x y z
N GLY A 1 -7.95 -44.76 7.75
CA GLY A 1 -7.27 -43.47 7.76
C GLY A 1 -7.16 -42.89 6.36
N SER A 2 -6.69 -41.65 6.30
CA SER A 2 -6.54 -40.96 5.03
C SER A 2 -5.63 -39.74 5.20
N SER A 3 -6.06 -38.85 6.07
CA SER A 3 -5.31 -37.64 6.34
C SER A 3 -3.85 -38.00 6.69
N GLY A 4 -2.94 -37.29 6.05
CA GLY A 4 -1.52 -37.52 6.28
C GLY A 4 -0.71 -36.24 6.05
N SER A 5 -0.56 -35.47 7.13
CA SER A 5 0.18 -34.23 7.06
C SER A 5 -0.49 -33.28 6.08
N SER A 6 -0.45 -31.99 6.43
CA SER A 6 -1.05 -30.97 5.59
C SER A 6 -0.74 -29.58 6.15
N GLY A 7 -0.63 -28.62 5.25
CA GLY A 7 -0.34 -27.25 5.65
C GLY A 7 1.17 -26.97 5.58
N SER A 8 1.61 -26.11 6.48
CA SER A 8 3.02 -25.75 6.53
C SER A 8 3.43 -25.07 5.22
N ASN A 9 3.37 -23.74 5.24
CA ASN A 9 3.74 -22.97 4.06
C ASN A 9 4.61 -21.78 4.48
N PRO A 10 5.95 -21.95 4.31
CA PRO A 10 6.89 -20.91 4.67
C PRO A 10 6.85 -19.77 3.64
N SER A 11 6.74 -18.54 4.16
CA SER A 11 6.70 -17.37 3.31
C SER A 11 6.80 -16.10 4.17
N SER A 12 8.03 -15.68 4.40
CA SER A 12 8.28 -14.49 5.19
C SER A 12 9.78 -14.27 5.35
N SER A 13 10.28 -13.27 4.64
CA SER A 13 11.70 -12.95 4.70
C SER A 13 11.92 -11.50 4.27
N GLY A 14 13.14 -11.03 4.48
CA GLY A 14 13.49 -9.67 4.11
C GLY A 14 14.54 -9.10 5.08
N GLY A 15 15.54 -8.43 4.50
CA GLY A 15 16.60 -7.85 5.28
C GLY A 15 16.77 -6.36 4.96
N THR A 16 16.57 -5.53 5.97
CA THR A 16 16.70 -4.10 5.79
C THR A 16 18.01 -3.59 6.42
N THR A 17 18.40 -2.39 6.02
CA THR A 17 19.62 -1.80 6.51
C THR A 17 19.68 -0.31 6.15
N LYS A 18 19.67 -0.05 4.85
CA LYS A 18 19.72 1.32 4.36
C LYS A 18 19.37 1.33 2.86
N ARG A 19 18.19 0.79 2.57
CA ARG A 19 17.74 0.73 1.19
C ARG A 19 16.20 0.70 1.15
N PHE A 20 15.67 1.02 -0.02
CA PHE A 20 14.23 1.04 -0.21
C PHE A 20 13.80 -0.05 -1.20
N ARG A 21 13.05 -1.00 -0.68
CA ARG A 21 12.56 -2.10 -1.51
C ARG A 21 11.72 -3.06 -0.66
N THR A 22 10.43 -3.10 -0.98
CA THR A 22 9.51 -3.97 -0.26
C THR A 22 9.14 -5.18 -1.12
N LYS A 23 8.95 -6.31 -0.44
CA LYS A 23 8.60 -7.54 -1.13
C LYS A 23 7.31 -8.10 -0.52
N PHE A 24 6.30 -8.20 -1.37
CA PHE A 24 5.01 -8.72 -0.92
C PHE A 24 4.54 -9.85 -1.84
N THR A 25 3.50 -10.54 -1.39
CA THR A 25 2.93 -11.65 -2.15
C THR A 25 1.64 -11.22 -2.84
N ALA A 26 1.33 -11.91 -3.93
CA ALA A 26 0.12 -11.61 -4.69
C ALA A 26 -1.02 -11.31 -3.72
N GLU A 27 -1.20 -12.20 -2.76
CA GLU A 27 -2.25 -12.05 -1.78
C GLU A 27 -2.31 -10.60 -1.29
N GLN A 28 -1.19 -10.13 -0.76
CA GLN A 28 -1.09 -8.78 -0.26
C GLN A 28 -1.47 -7.78 -1.37
N LYS A 29 -0.84 -7.95 -2.52
CA LYS A 29 -1.10 -7.08 -3.66
C LYS A 29 -2.60 -7.08 -3.95
N GLU A 30 -3.14 -8.27 -4.10
CA GLU A 30 -4.56 -8.42 -4.39
C GLU A 30 -5.39 -7.78 -3.28
N LYS A 31 -5.18 -8.26 -2.07
CA LYS A 31 -5.91 -7.75 -0.92
C LYS A 31 -5.85 -6.23 -0.92
N MET A 32 -4.62 -5.71 -0.96
CA MET A 32 -4.41 -4.28 -0.97
C MET A 32 -5.11 -3.62 -2.16
N LEU A 33 -4.91 -4.21 -3.33
CA LEU A 33 -5.52 -3.69 -4.54
C LEU A 33 -6.99 -3.36 -4.27
N ALA A 34 -7.65 -4.28 -3.59
CA ALA A 34 -9.05 -4.09 -3.25
C ALA A 34 -9.17 -3.20 -2.01
N PHE A 35 -8.52 -3.65 -0.94
CA PHE A 35 -8.54 -2.91 0.31
C PHE A 35 -8.47 -1.40 0.05
N ALA A 36 -7.46 -1.00 -0.70
CA ALA A 36 -7.27 0.40 -1.03
C ALA A 36 -8.49 0.91 -1.79
N GLU A 37 -8.90 0.12 -2.77
CA GLU A 37 -10.04 0.47 -3.59
C GLU A 37 -11.26 0.77 -2.71
N ARG A 38 -11.24 0.18 -1.53
CA ARG A 38 -12.32 0.37 -0.57
C ARG A 38 -12.11 1.64 0.23
N LEU A 39 -10.92 1.74 0.82
CA LEU A 39 -10.58 2.91 1.61
C LEU A 39 -10.42 4.13 0.70
N GLY A 40 -10.40 3.85 -0.60
CA GLY A 40 -10.25 4.91 -1.59
C GLY A 40 -8.79 5.32 -1.75
N TRP A 41 -7.91 4.37 -1.44
CA TRP A 41 -6.49 4.62 -1.55
C TRP A 41 -6.11 5.67 -0.51
N ARG A 42 -6.93 5.75 0.53
CA ARG A 42 -6.70 6.71 1.59
C ARG A 42 -7.15 6.12 2.94
N ILE A 43 -6.34 6.35 3.95
CA ILE A 43 -6.65 5.86 5.29
C ILE A 43 -7.04 7.04 6.18
N GLN A 44 -8.20 6.89 6.81
CA GLN A 44 -8.70 7.93 7.69
C GLN A 44 -8.74 7.43 9.14
N LYS A 45 -9.28 8.26 10.01
CA LYS A 45 -9.38 7.92 11.42
C LYS A 45 -10.33 6.74 11.59
N HIS A 46 -11.29 6.65 10.67
CA HIS A 46 -12.27 5.59 10.70
C HIS A 46 -11.64 4.29 10.18
N ASP A 47 -10.71 4.45 9.26
CA ASP A 47 -10.02 3.31 8.68
C ASP A 47 -8.82 2.95 9.55
N ASP A 48 -9.06 2.86 10.84
CA ASP A 48 -8.02 2.52 11.80
C ASP A 48 -8.05 1.02 12.06
N VAL A 49 -9.20 0.55 12.54
CA VAL A 49 -9.36 -0.86 12.84
C VAL A 49 -9.24 -1.68 11.55
N ALA A 50 -10.02 -1.26 10.56
CA ALA A 50 -10.01 -1.94 9.27
C ALA A 50 -8.55 -2.15 8.82
N VAL A 51 -7.73 -1.16 9.13
CA VAL A 51 -6.33 -1.22 8.76
C VAL A 51 -5.63 -2.29 9.61
N GLU A 52 -5.96 -2.29 10.89
CA GLU A 52 -5.38 -3.25 11.82
C GLU A 52 -5.85 -4.67 11.46
N GLN A 53 -7.13 -4.78 11.16
CA GLN A 53 -7.71 -6.06 10.80
C GLN A 53 -7.02 -6.63 9.56
N PHE A 54 -6.78 -5.75 8.60
CA PHE A 54 -6.14 -6.14 7.37
C PHE A 54 -4.72 -6.64 7.61
N CYS A 55 -3.98 -5.88 8.40
CA CYS A 55 -2.61 -6.24 8.74
C CYS A 55 -2.63 -7.60 9.45
N ALA A 56 -3.54 -7.71 10.41
CA ALA A 56 -3.67 -8.95 11.17
C ALA A 56 -3.78 -10.12 10.20
N GLU A 57 -4.23 -9.81 8.99
CA GLU A 57 -4.39 -10.84 7.97
C GLU A 57 -3.15 -10.89 7.07
N THR A 58 -3.02 -9.86 6.24
CA THR A 58 -1.89 -9.78 5.33
C THR A 58 -0.59 -9.60 6.11
N GLY A 59 -0.57 -8.59 6.95
CA GLY A 59 0.61 -8.30 7.77
C GLY A 59 1.27 -7.00 7.32
N VAL A 60 0.61 -6.32 6.40
CA VAL A 60 1.12 -5.06 5.88
C VAL A 60 0.99 -3.98 6.95
N ARG A 61 2.04 -3.19 7.08
CA ARG A 61 2.06 -2.12 8.06
C ARG A 61 1.34 -0.88 7.51
N ARG A 62 0.49 -0.31 8.35
CA ARG A 62 -0.27 0.86 7.96
C ARG A 62 0.61 1.82 7.16
N GLN A 63 1.77 2.11 7.73
CA GLN A 63 2.72 3.01 7.08
C GLN A 63 3.09 2.48 5.69
N VAL A 64 3.38 1.20 5.64
CA VAL A 64 3.74 0.56 4.39
C VAL A 64 2.55 0.61 3.43
N LEU A 65 1.40 0.20 3.94
CA LEU A 65 0.18 0.20 3.15
C LEU A 65 -0.11 1.62 2.68
N LYS A 66 -0.23 2.52 3.64
CA LYS A 66 -0.50 3.91 3.34
C LYS A 66 0.43 4.39 2.23
N ILE A 67 1.69 4.02 2.37
CA ILE A 67 2.70 4.41 1.39
C ILE A 67 2.48 3.59 0.11
N TRP A 68 2.04 2.36 0.29
CA TRP A 68 1.80 1.48 -0.84
C TRP A 68 0.78 2.16 -1.77
N MET A 69 -0.27 2.67 -1.15
CA MET A 69 -1.31 3.35 -1.90
C MET A 69 -0.75 4.52 -2.71
N HIS A 70 -0.12 5.44 -1.99
CA HIS A 70 0.48 6.60 -2.62
C HIS A 70 1.40 6.16 -3.76
N ASN A 71 1.87 4.92 -3.65
CA ASN A 71 2.75 4.36 -4.65
C ASN A 71 1.92 3.61 -5.69
N ASN A 72 0.68 4.03 -5.82
CA ASN A 72 -0.24 3.40 -6.77
C ASN A 72 -1.17 4.46 -7.34
N LYS A 73 -1.87 5.15 -6.44
CA LYS A 73 -2.80 6.19 -6.84
C LYS A 73 -2.15 7.07 -7.90
N ASN A 74 -2.98 7.86 -8.57
CA ASN A 74 -2.50 8.75 -9.61
C ASN A 74 -1.24 9.46 -9.12
N SER A 75 -0.10 9.02 -9.65
CA SER A 75 1.17 9.60 -9.28
C SER A 75 1.17 11.10 -9.59
N GLY A 76 1.20 11.41 -10.88
CA GLY A 76 1.20 12.80 -11.31
C GLY A 76 0.32 13.66 -10.41
N PRO A 77 0.63 14.98 -10.38
CA PRO A 77 -0.13 15.91 -9.57
C PRO A 77 -1.49 16.23 -10.21
N SER A 78 -2.18 17.19 -9.63
CA SER A 78 -3.48 17.59 -10.13
C SER A 78 -3.67 19.09 -9.94
N SER A 79 -4.17 19.73 -11.00
CA SER A 79 -4.41 21.16 -10.97
C SER A 79 -5.52 21.49 -9.97
N GLY A 80 -5.52 22.73 -9.52
CA GLY A 80 -6.52 23.18 -8.56
C GLY A 80 -5.88 24.06 -7.48
N GLY A 1 -9.75 24.24 -9.78
CA GLY A 1 -10.61 23.07 -9.94
C GLY A 1 -10.08 22.15 -11.04
N SER A 2 -10.27 20.87 -10.82
CA SER A 2 -9.82 19.87 -11.78
C SER A 2 -10.44 18.51 -11.45
N SER A 3 -10.97 17.86 -12.48
CA SER A 3 -11.60 16.57 -12.32
C SER A 3 -11.50 15.77 -13.63
N GLY A 4 -11.77 14.48 -13.52
CA GLY A 4 -11.73 13.60 -14.68
C GLY A 4 -10.92 12.34 -14.38
N SER A 5 -11.39 11.22 -14.91
CA SER A 5 -10.72 9.96 -14.70
C SER A 5 -9.67 9.74 -15.79
N SER A 6 -8.83 8.74 -15.57
CA SER A 6 -7.77 8.42 -16.52
C SER A 6 -7.42 6.93 -16.43
N GLY A 7 -7.20 6.34 -17.59
CA GLY A 7 -6.86 4.93 -17.65
C GLY A 7 -5.34 4.73 -17.70
N SER A 8 -4.81 4.09 -16.68
CA SER A 8 -3.39 3.83 -16.60
C SER A 8 -2.62 5.15 -16.67
N ASN A 9 -2.08 5.55 -15.53
CA ASN A 9 -1.32 6.78 -15.44
C ASN A 9 0.14 6.46 -15.11
N PRO A 10 0.97 6.42 -16.19
CA PRO A 10 2.39 6.12 -16.02
C PRO A 10 3.13 7.32 -15.45
N SER A 11 3.65 7.14 -14.24
CA SER A 11 4.39 8.19 -13.57
C SER A 11 5.49 8.72 -14.48
N SER A 12 5.87 9.97 -14.24
CA SER A 12 6.91 10.60 -15.03
C SER A 12 7.41 11.86 -14.32
N SER A 13 8.50 11.69 -13.58
CA SER A 13 9.09 12.81 -12.85
C SER A 13 10.56 12.97 -13.25
N GLY A 14 11.32 11.92 -13.03
CA GLY A 14 12.74 11.93 -13.35
C GLY A 14 13.58 12.20 -12.11
N GLY A 15 14.40 11.21 -11.76
CA GLY A 15 15.26 11.34 -10.60
C GLY A 15 15.36 10.01 -9.85
N THR A 16 16.60 9.61 -9.58
CA THR A 16 16.84 8.36 -8.88
C THR A 16 17.49 8.64 -7.52
N THR A 17 17.44 7.63 -6.65
CA THR A 17 18.02 7.76 -5.34
C THR A 17 17.96 6.42 -4.60
N LYS A 18 18.95 6.19 -3.74
CA LYS A 18 19.02 4.96 -2.98
C LYS A 18 17.67 4.71 -2.30
N ARG A 19 16.97 3.72 -2.82
CA ARG A 19 15.66 3.36 -2.28
C ARG A 19 15.48 1.85 -2.28
N PHE A 20 14.96 1.34 -1.17
CA PHE A 20 14.73 -0.08 -1.03
C PHE A 20 13.42 -0.49 -1.71
N ARG A 21 13.42 -1.72 -2.23
CA ARG A 21 12.25 -2.24 -2.91
C ARG A 21 11.51 -3.24 -2.01
N THR A 22 10.23 -2.99 -1.83
CA THR A 22 9.41 -3.86 -1.00
C THR A 22 8.98 -5.09 -1.79
N LYS A 23 8.83 -6.19 -1.07
CA LYS A 23 8.42 -7.45 -1.67
C LYS A 23 7.18 -7.99 -0.95
N PHE A 24 6.12 -8.17 -1.73
CA PHE A 24 4.88 -8.68 -1.18
C PHE A 24 4.32 -9.82 -2.04
N THR A 25 3.45 -10.61 -1.43
CA THR A 25 2.84 -11.73 -2.11
C THR A 25 1.54 -11.29 -2.80
N ALA A 26 1.21 -12.00 -3.87
CA ALA A 26 0.00 -11.69 -4.62
C ALA A 26 -1.13 -11.35 -3.64
N GLU A 27 -1.41 -12.30 -2.76
CA GLU A 27 -2.46 -12.12 -1.77
C GLU A 27 -2.45 -10.68 -1.26
N GLN A 28 -1.30 -10.28 -0.73
CA GLN A 28 -1.15 -8.93 -0.20
C GLN A 28 -1.53 -7.90 -1.27
N LYS A 29 -0.89 -8.01 -2.42
CA LYS A 29 -1.15 -7.10 -3.51
C LYS A 29 -2.64 -7.09 -3.83
N GLU A 30 -3.16 -8.29 -4.09
CA GLU A 30 -4.57 -8.43 -4.41
C GLU A 30 -5.43 -7.80 -3.31
N LYS A 31 -5.23 -8.28 -2.09
CA LYS A 31 -5.97 -7.77 -0.95
C LYS A 31 -5.89 -6.25 -0.92
N MET A 32 -4.65 -5.76 -0.95
CA MET A 32 -4.42 -4.32 -0.93
C MET A 32 -5.12 -3.64 -2.11
N LEU A 33 -4.89 -4.19 -3.29
CA LEU A 33 -5.48 -3.65 -4.50
C LEU A 33 -6.96 -3.33 -4.23
N ALA A 34 -7.63 -4.28 -3.60
CA ALA A 34 -9.04 -4.10 -3.27
C ALA A 34 -9.18 -3.23 -2.03
N PHE A 35 -8.54 -3.68 -0.95
CA PHE A 35 -8.59 -2.95 0.30
C PHE A 35 -8.51 -1.44 0.06
N ALA A 36 -7.44 -1.04 -0.62
CA ALA A 36 -7.23 0.37 -0.92
C ALA A 36 -8.40 0.88 -1.75
N GLU A 37 -8.84 0.06 -2.70
CA GLU A 37 -9.94 0.41 -3.57
C GLU A 37 -11.19 0.71 -2.74
N ARG A 38 -11.25 0.07 -1.58
CA ARG A 38 -12.39 0.25 -0.69
C ARG A 38 -12.23 1.55 0.11
N LEU A 39 -11.04 1.73 0.67
CA LEU A 39 -10.75 2.92 1.46
C LEU A 39 -10.59 4.12 0.51
N GLY A 40 -10.39 3.80 -0.75
CA GLY A 40 -10.22 4.84 -1.75
C GLY A 40 -8.74 5.24 -1.90
N TRP A 41 -7.88 4.28 -1.60
CA TRP A 41 -6.45 4.51 -1.69
C TRP A 41 -6.06 5.54 -0.63
N ARG A 42 -6.87 5.58 0.42
CA ARG A 42 -6.63 6.50 1.52
C ARG A 42 -7.05 5.88 2.84
N ILE A 43 -6.55 6.48 3.92
CA ILE A 43 -6.87 5.99 5.25
C ILE A 43 -7.24 7.18 6.15
N GLN A 44 -8.30 6.99 6.91
CA GLN A 44 -8.77 8.03 7.82
C GLN A 44 -8.76 7.53 9.26
N LYS A 45 -9.31 8.35 10.14
CA LYS A 45 -9.38 8.00 11.55
C LYS A 45 -10.36 6.85 11.74
N HIS A 46 -11.27 6.72 10.79
CA HIS A 46 -12.26 5.67 10.84
C HIS A 46 -11.67 4.37 10.33
N ASP A 47 -10.82 4.49 9.33
CA ASP A 47 -10.17 3.34 8.73
C ASP A 47 -8.91 2.99 9.54
N ASP A 48 -9.09 2.93 10.85
CA ASP A 48 -7.98 2.61 11.74
C ASP A 48 -7.98 1.11 12.04
N VAL A 49 -9.10 0.64 12.57
CA VAL A 49 -9.24 -0.76 12.90
C VAL A 49 -9.16 -1.60 11.62
N ALA A 50 -10.04 -1.27 10.69
CA ALA A 50 -10.08 -1.97 9.41
C ALA A 50 -8.65 -2.16 8.90
N VAL A 51 -7.84 -1.14 9.09
CA VAL A 51 -6.45 -1.18 8.65
C VAL A 51 -5.70 -2.22 9.48
N GLU A 52 -5.95 -2.20 10.77
CA GLU A 52 -5.30 -3.13 11.68
C GLU A 52 -5.73 -4.57 11.37
N GLN A 53 -7.02 -4.71 11.09
CA GLN A 53 -7.59 -6.01 10.77
C GLN A 53 -6.89 -6.60 9.54
N PHE A 54 -6.58 -5.72 8.60
CA PHE A 54 -5.92 -6.14 7.36
C PHE A 54 -4.51 -6.66 7.65
N CYS A 55 -3.75 -5.83 8.36
CA CYS A 55 -2.38 -6.19 8.71
C CYS A 55 -2.41 -7.54 9.44
N ALA A 56 -3.28 -7.61 10.44
CA ALA A 56 -3.41 -8.82 11.22
C ALA A 56 -3.61 -10.02 10.28
N GLU A 57 -4.08 -9.71 9.08
CA GLU A 57 -4.32 -10.74 8.08
C GLU A 57 -3.13 -10.83 7.12
N THR A 58 -3.01 -9.81 6.28
CA THR A 58 -1.94 -9.76 5.31
C THR A 58 -0.59 -9.63 6.02
N GLY A 59 -0.51 -8.63 6.88
CA GLY A 59 0.72 -8.39 7.63
C GLY A 59 1.38 -7.09 7.17
N VAL A 60 0.72 -6.41 6.25
CA VAL A 60 1.22 -5.15 5.72
C VAL A 60 1.10 -4.07 6.79
N ARG A 61 2.17 -3.29 6.93
CA ARG A 61 2.19 -2.22 7.91
C ARG A 61 1.43 -1.01 7.38
N ARG A 62 0.58 -0.46 8.24
CA ARG A 62 -0.21 0.70 7.88
C ARG A 62 0.63 1.68 7.07
N GLN A 63 1.81 1.97 7.59
CA GLN A 63 2.72 2.90 6.93
C GLN A 63 3.06 2.38 5.52
N VAL A 64 3.34 1.09 5.46
CA VAL A 64 3.69 0.47 4.19
C VAL A 64 2.45 0.47 3.27
N LEU A 65 1.33 0.09 3.84
CA LEU A 65 0.08 0.05 3.10
C LEU A 65 -0.27 1.46 2.62
N LYS A 66 -0.31 2.38 3.58
CA LYS A 66 -0.63 3.76 3.27
C LYS A 66 0.30 4.26 2.16
N ILE A 67 1.60 4.12 2.39
CA ILE A 67 2.58 4.54 1.42
C ILE A 67 2.40 3.74 0.13
N TRP A 68 2.06 2.48 0.29
CA TRP A 68 1.84 1.61 -0.85
C TRP A 68 0.78 2.23 -1.74
N MET A 69 -0.33 2.59 -1.10
CA MET A 69 -1.44 3.20 -1.82
C MET A 69 -0.97 4.39 -2.66
N HIS A 70 -0.38 5.35 -1.98
CA HIS A 70 0.13 6.54 -2.64
C HIS A 70 1.08 6.13 -3.77
N ASN A 71 2.10 5.37 -3.40
CA ASN A 71 3.08 4.91 -4.37
C ASN A 71 2.36 4.49 -5.65
N ASN A 72 1.13 4.03 -5.48
CA ASN A 72 0.33 3.59 -6.61
C ASN A 72 -0.52 4.76 -7.12
N LYS A 73 -1.41 5.22 -6.25
CA LYS A 73 -2.28 6.33 -6.60
C LYS A 73 -1.47 7.43 -7.27
N ASN A 74 -2.18 8.36 -7.87
CA ASN A 74 -1.53 9.47 -8.56
C ASN A 74 -0.34 9.96 -7.72
N SER A 75 0.84 9.57 -8.16
CA SER A 75 2.06 9.97 -7.47
C SER A 75 2.31 11.47 -7.65
N GLY A 76 2.77 11.80 -8.86
CA GLY A 76 3.05 13.20 -9.18
C GLY A 76 2.11 13.70 -10.28
N PRO A 77 1.03 14.40 -9.84
CA PRO A 77 0.07 14.94 -10.77
C PRO A 77 0.62 16.17 -11.48
N SER A 78 1.76 15.99 -12.14
CA SER A 78 2.40 17.07 -12.86
C SER A 78 2.88 18.14 -11.87
N SER A 79 4.03 17.86 -11.28
CA SER A 79 4.62 18.77 -10.31
C SER A 79 5.73 19.59 -10.98
N GLY A 80 5.53 20.90 -11.00
CA GLY A 80 6.50 21.80 -11.60
C GLY A 80 7.56 22.22 -10.58
N GLY A 1 -21.08 11.52 -19.78
CA GLY A 1 -20.33 10.43 -20.38
C GLY A 1 -18.84 10.73 -20.41
N SER A 2 -18.12 9.94 -21.21
CA SER A 2 -16.69 10.13 -21.35
C SER A 2 -16.00 9.90 -20.00
N SER A 3 -15.16 8.88 -19.96
CA SER A 3 -14.44 8.55 -18.74
C SER A 3 -12.99 8.19 -19.08
N GLY A 4 -12.11 9.14 -18.84
CA GLY A 4 -10.69 8.93 -19.11
C GLY A 4 -10.40 9.03 -20.61
N SER A 5 -9.44 8.22 -21.04
CA SER A 5 -9.06 8.21 -22.45
C SER A 5 -8.64 6.79 -22.86
N SER A 6 -7.64 6.27 -22.17
CA SER A 6 -7.15 4.94 -22.45
C SER A 6 -6.50 4.90 -23.82
N GLY A 7 -5.82 3.78 -24.10
CA GLY A 7 -5.15 3.61 -25.38
C GLY A 7 -3.84 2.85 -25.22
N SER A 8 -2.84 3.30 -25.95
CA SER A 8 -1.53 2.68 -25.89
C SER A 8 -0.55 3.58 -25.13
N ASN A 9 -0.66 3.53 -23.81
CA ASN A 9 0.21 4.33 -22.96
C ASN A 9 1.04 3.41 -22.07
N PRO A 10 2.32 3.22 -22.48
CA PRO A 10 3.22 2.36 -21.73
C PRO A 10 3.71 3.06 -20.46
N SER A 11 3.91 2.26 -19.42
CA SER A 11 4.37 2.78 -18.15
C SER A 11 5.31 1.77 -17.48
N SER A 12 6.60 2.04 -17.60
CA SER A 12 7.60 1.17 -17.00
C SER A 12 8.97 1.86 -17.03
N SER A 13 9.55 2.01 -15.84
CA SER A 13 10.84 2.65 -15.72
C SER A 13 11.35 2.51 -14.28
N GLY A 14 12.64 2.74 -14.12
CA GLY A 14 13.26 2.64 -12.81
C GLY A 14 14.30 3.76 -12.61
N GLY A 15 15.39 3.39 -11.95
CA GLY A 15 16.45 4.35 -11.69
C GLY A 15 16.90 4.28 -10.23
N THR A 16 18.00 4.97 -9.94
CA THR A 16 18.54 4.99 -8.60
C THR A 16 17.79 6.00 -7.73
N THR A 17 17.97 5.87 -6.43
CA THR A 17 17.31 6.76 -5.49
C THR A 17 17.86 6.56 -4.08
N LYS A 18 17.54 5.40 -3.51
CA LYS A 18 18.00 5.08 -2.18
C LYS A 18 17.70 3.59 -1.89
N ARG A 19 17.78 3.25 -0.62
CA ARG A 19 17.52 1.88 -0.19
C ARG A 19 16.06 1.71 0.19
N PHE A 20 15.20 1.88 -0.79
CA PHE A 20 13.76 1.76 -0.57
C PHE A 20 13.17 0.68 -1.49
N ARG A 21 12.90 -0.47 -0.89
CA ARG A 21 12.33 -1.59 -1.63
C ARG A 21 11.56 -2.51 -0.69
N THR A 22 10.47 -3.06 -1.21
CA THR A 22 9.63 -3.96 -0.44
C THR A 22 9.21 -5.17 -1.28
N LYS A 23 9.03 -6.29 -0.61
CA LYS A 23 8.63 -7.51 -1.29
C LYS A 23 7.36 -8.06 -0.63
N PHE A 24 6.34 -8.21 -1.44
CA PHE A 24 5.05 -8.71 -0.97
C PHE A 24 4.57 -9.88 -1.82
N THR A 25 3.46 -10.48 -1.39
CA THR A 25 2.90 -11.60 -2.11
C THR A 25 1.60 -11.19 -2.81
N ALA A 26 1.29 -11.90 -3.88
CA ALA A 26 0.09 -11.61 -4.65
C ALA A 26 -1.05 -11.28 -3.69
N GLU A 27 -1.30 -12.21 -2.77
CA GLU A 27 -2.36 -12.04 -1.80
C GLU A 27 -2.37 -10.60 -1.28
N GLN A 28 -1.27 -10.22 -0.66
CA GLN A 28 -1.13 -8.88 -0.11
C GLN A 28 -1.49 -7.84 -1.18
N LYS A 29 -0.88 -7.99 -2.33
CA LYS A 29 -1.12 -7.08 -3.44
C LYS A 29 -2.62 -7.05 -3.76
N GLU A 30 -3.13 -8.22 -4.11
CA GLU A 30 -4.53 -8.35 -4.45
C GLU A 30 -5.40 -7.77 -3.32
N LYS A 31 -5.18 -8.29 -2.12
CA LYS A 31 -5.93 -7.83 -0.97
C LYS A 31 -5.86 -6.30 -0.89
N MET A 32 -4.65 -5.79 -0.94
CA MET A 32 -4.43 -4.35 -0.89
C MET A 32 -5.12 -3.65 -2.05
N LEU A 33 -4.86 -4.16 -3.25
CA LEU A 33 -5.45 -3.59 -4.45
C LEU A 33 -6.92 -3.27 -4.18
N ALA A 34 -7.60 -4.22 -3.59
CA ALA A 34 -9.02 -4.06 -3.28
C ALA A 34 -9.16 -3.22 -2.01
N PHE A 35 -8.56 -3.71 -0.94
CA PHE A 35 -8.60 -3.00 0.33
C PHE A 35 -8.52 -1.49 0.13
N ALA A 36 -7.58 -1.09 -0.71
CA ALA A 36 -7.39 0.32 -1.00
C ALA A 36 -8.62 0.85 -1.75
N GLU A 37 -8.86 0.27 -2.91
CA GLU A 37 -9.99 0.68 -3.73
C GLU A 37 -11.22 0.93 -2.85
N ARG A 38 -11.27 0.20 -1.74
CA ARG A 38 -12.38 0.34 -0.81
C ARG A 38 -12.23 1.62 0.03
N LEU A 39 -11.04 1.78 0.58
CA LEU A 39 -10.75 2.95 1.40
C LEU A 39 -10.54 4.16 0.48
N GLY A 40 -10.50 3.89 -0.81
CA GLY A 40 -10.31 4.94 -1.79
C GLY A 40 -8.83 5.34 -1.88
N TRP A 41 -7.97 4.40 -1.53
CA TRP A 41 -6.53 4.64 -1.56
C TRP A 41 -6.21 5.69 -0.50
N ARG A 42 -7.03 5.71 0.54
CA ARG A 42 -6.84 6.66 1.63
C ARG A 42 -7.26 6.03 2.95
N ILE A 43 -6.50 6.35 3.99
CA ILE A 43 -6.77 5.83 5.32
C ILE A 43 -7.16 6.98 6.24
N GLN A 44 -8.35 6.86 6.81
CA GLN A 44 -8.84 7.88 7.72
C GLN A 44 -8.65 7.44 9.17
N LYS A 45 -9.51 7.95 10.04
CA LYS A 45 -9.44 7.63 11.45
C LYS A 45 -10.29 6.39 11.73
N HIS A 46 -11.24 6.14 10.84
CA HIS A 46 -12.12 5.00 10.97
C HIS A 46 -11.49 3.78 10.28
N ASP A 47 -10.64 4.06 9.32
CA ASP A 47 -9.97 3.00 8.57
C ASP A 47 -8.85 2.41 9.43
N ASP A 48 -8.55 3.11 10.53
CA ASP A 48 -7.51 2.67 11.43
C ASP A 48 -7.75 1.20 11.81
N VAL A 49 -9.02 0.90 12.09
CA VAL A 49 -9.40 -0.44 12.46
C VAL A 49 -9.22 -1.38 11.27
N ALA A 50 -9.92 -1.06 10.19
CA ALA A 50 -9.83 -1.86 8.98
C ALA A 50 -8.37 -2.09 8.63
N VAL A 51 -7.57 -1.05 8.83
CA VAL A 51 -6.15 -1.13 8.54
C VAL A 51 -5.51 -2.22 9.41
N GLU A 52 -5.88 -2.20 10.69
CA GLU A 52 -5.36 -3.16 11.62
C GLU A 52 -5.84 -4.58 11.27
N GLN A 53 -7.12 -4.66 10.97
CA GLN A 53 -7.71 -5.93 10.60
C GLN A 53 -7.00 -6.53 9.40
N PHE A 54 -6.71 -5.67 8.44
CA PHE A 54 -6.02 -6.09 7.23
C PHE A 54 -4.61 -6.59 7.54
N CYS A 55 -3.87 -5.77 8.27
CA CYS A 55 -2.51 -6.11 8.64
C CYS A 55 -2.55 -7.45 9.39
N ALA A 56 -3.46 -7.53 10.34
CA ALA A 56 -3.62 -8.74 11.14
C ALA A 56 -3.79 -9.94 10.21
N GLU A 57 -4.18 -9.64 8.98
CA GLU A 57 -4.39 -10.69 7.99
C GLU A 57 -3.20 -10.75 7.03
N THR A 58 -3.06 -9.71 6.23
CA THR A 58 -1.98 -9.63 5.28
C THR A 58 -0.63 -9.53 5.99
N GLY A 59 -0.56 -8.60 6.92
CA GLY A 59 0.66 -8.40 7.69
C GLY A 59 1.38 -7.12 7.25
N VAL A 60 0.74 -6.40 6.35
CA VAL A 60 1.30 -5.16 5.84
C VAL A 60 1.19 -4.07 6.92
N ARG A 61 2.24 -3.28 7.02
CA ARG A 61 2.27 -2.20 8.00
C ARG A 61 1.52 -0.98 7.47
N ARG A 62 0.74 -0.39 8.36
CA ARG A 62 -0.04 0.78 8.00
C ARG A 62 0.80 1.74 7.15
N GLN A 63 1.97 2.08 7.66
CA GLN A 63 2.86 2.97 6.96
C GLN A 63 3.17 2.43 5.56
N VAL A 64 3.49 1.13 5.52
CA VAL A 64 3.80 0.48 4.27
C VAL A 64 2.57 0.50 3.36
N LEU A 65 1.46 0.06 3.92
CA LEU A 65 0.21 0.03 3.17
C LEU A 65 -0.13 1.44 2.69
N LYS A 66 -0.12 2.37 3.63
CA LYS A 66 -0.43 3.75 3.32
C LYS A 66 0.51 4.24 2.21
N ILE A 67 1.80 4.12 2.49
CA ILE A 67 2.81 4.54 1.53
C ILE A 67 2.64 3.75 0.22
N TRP A 68 2.13 2.53 0.37
CA TRP A 68 1.91 1.67 -0.77
C TRP A 68 0.76 2.26 -1.59
N MET A 69 -0.36 2.46 -0.91
CA MET A 69 -1.54 3.02 -1.56
C MET A 69 -1.21 4.35 -2.27
N HIS A 70 -0.53 5.21 -1.53
CA HIS A 70 -0.14 6.50 -2.06
C HIS A 70 0.90 6.31 -3.17
N ASN A 71 1.40 5.09 -3.27
CA ASN A 71 2.39 4.76 -4.28
C ASN A 71 1.71 4.05 -5.44
N ASN A 72 0.48 3.64 -5.20
CA ASN A 72 -0.29 2.93 -6.22
C ASN A 72 -1.57 3.71 -6.51
N LYS A 73 -1.49 5.02 -6.30
CA LYS A 73 -2.63 5.89 -6.55
C LYS A 73 -2.35 6.75 -7.78
N ASN A 74 -3.43 7.10 -8.47
CA ASN A 74 -3.33 7.91 -9.67
C ASN A 74 -2.43 7.19 -10.69
N SER A 75 -3.06 6.39 -11.52
CA SER A 75 -2.34 5.65 -12.54
C SER A 75 -1.93 6.58 -13.69
N GLY A 76 -2.92 6.94 -14.49
CA GLY A 76 -2.68 7.82 -15.61
C GLY A 76 -1.66 8.90 -15.26
N PRO A 77 -0.99 9.45 -16.32
CA PRO A 77 0.00 10.47 -16.13
C PRO A 77 -0.65 11.82 -15.80
N SER A 78 0.00 12.54 -14.89
CA SER A 78 -0.51 13.84 -14.48
C SER A 78 0.54 14.55 -13.60
N SER A 79 0.85 13.91 -12.48
CA SER A 79 1.83 14.47 -11.56
C SER A 79 2.66 13.35 -10.93
N GLY A 80 3.85 13.71 -10.51
CA GLY A 80 4.76 12.75 -9.90
C GLY A 80 6.08 12.68 -10.64
N GLY A 1 -16.27 12.08 -32.31
CA GLY A 1 -17.21 12.04 -33.42
C GLY A 1 -16.49 11.74 -34.74
N SER A 2 -15.85 10.59 -34.78
CA SER A 2 -15.12 10.18 -35.98
C SER A 2 -14.69 8.72 -35.85
N SER A 3 -15.64 7.83 -36.12
CA SER A 3 -15.38 6.41 -36.04
C SER A 3 -14.38 6.00 -37.13
N GLY A 4 -13.20 5.59 -36.68
CA GLY A 4 -12.16 5.17 -37.59
C GLY A 4 -12.21 3.67 -37.84
N SER A 5 -11.07 3.03 -37.60
CA SER A 5 -10.98 1.58 -37.79
C SER A 5 -9.80 1.03 -36.98
N SER A 6 -10.05 0.83 -35.70
CA SER A 6 -9.01 0.30 -34.81
C SER A 6 -7.79 1.22 -34.83
N GLY A 7 -6.91 1.00 -33.87
CA GLY A 7 -5.70 1.80 -33.76
C GLY A 7 -5.26 1.93 -32.30
N SER A 8 -4.39 1.01 -31.90
CA SER A 8 -3.88 1.03 -30.54
C SER A 8 -2.80 -0.04 -30.37
N ASN A 9 -1.61 0.41 -29.99
CA ASN A 9 -0.49 -0.49 -29.79
C ASN A 9 0.22 -0.13 -28.49
N PRO A 10 -0.10 -0.92 -27.43
CA PRO A 10 0.51 -0.70 -26.12
C PRO A 10 1.96 -1.19 -26.10
N SER A 11 2.66 -0.80 -25.05
CA SER A 11 4.06 -1.20 -24.89
C SER A 11 4.54 -0.85 -23.48
N SER A 12 5.46 -1.66 -22.99
CA SER A 12 6.03 -1.44 -21.67
C SER A 12 7.26 -2.33 -21.46
N SER A 13 8.27 -1.74 -20.83
CA SER A 13 9.51 -2.46 -20.58
C SER A 13 10.51 -1.53 -19.90
N GLY A 14 11.53 -2.14 -19.30
CA GLY A 14 12.56 -1.39 -18.62
C GLY A 14 13.05 -2.13 -17.37
N GLY A 15 14.35 -1.97 -17.11
CA GLY A 15 14.95 -2.63 -15.96
C GLY A 15 14.45 -2.00 -14.65
N THR A 16 15.06 -2.44 -13.55
CA THR A 16 14.69 -1.93 -12.25
C THR A 16 15.83 -1.11 -11.65
N THR A 17 15.48 -0.32 -10.64
CA THR A 17 16.47 0.52 -9.98
C THR A 17 16.00 0.90 -8.58
N LYS A 18 16.77 1.75 -7.93
CA LYS A 18 16.44 2.19 -6.59
C LYS A 18 16.61 1.04 -5.61
N ARG A 19 17.27 1.32 -4.50
CA ARG A 19 17.51 0.32 -3.48
C ARG A 19 16.29 -0.60 -3.36
N PHE A 20 16.55 -1.81 -2.89
CA PHE A 20 15.49 -2.79 -2.72
C PHE A 20 14.53 -2.39 -1.60
N ARG A 21 13.24 -2.49 -1.90
CA ARG A 21 12.22 -2.13 -0.93
C ARG A 21 11.51 -3.38 -0.42
N THR A 22 10.47 -3.15 0.37
CA THR A 22 9.70 -4.25 0.94
C THR A 22 9.28 -5.22 -0.16
N LYS A 23 9.13 -6.48 0.23
CA LYS A 23 8.73 -7.51 -0.72
C LYS A 23 7.49 -8.23 -0.18
N PHE A 24 6.43 -8.19 -0.97
CA PHE A 24 5.18 -8.83 -0.59
C PHE A 24 4.76 -9.89 -1.63
N THR A 25 3.73 -10.63 -1.28
CA THR A 25 3.22 -11.67 -2.16
C THR A 25 1.97 -11.18 -2.90
N ALA A 26 1.77 -11.73 -4.08
CA ALA A 26 0.62 -11.36 -4.90
C ALA A 26 -0.60 -11.19 -4.00
N GLU A 27 -0.93 -12.26 -3.28
CA GLU A 27 -2.08 -12.24 -2.38
C GLU A 27 -2.19 -10.87 -1.69
N GLN A 28 -1.11 -10.50 -1.02
CA GLN A 28 -1.07 -9.23 -0.31
C GLN A 28 -1.46 -8.09 -1.26
N LYS A 29 -0.69 -7.98 -2.34
CA LYS A 29 -0.95 -6.94 -3.33
C LYS A 29 -2.44 -6.94 -3.70
N GLU A 30 -2.95 -8.14 -3.92
CA GLU A 30 -4.36 -8.28 -4.28
C GLU A 30 -5.25 -7.64 -3.22
N LYS A 31 -5.13 -8.16 -2.00
CA LYS A 31 -5.91 -7.66 -0.89
C LYS A 31 -5.89 -6.13 -0.90
N MET A 32 -4.68 -5.60 -0.97
CA MET A 32 -4.50 -4.15 -0.98
C MET A 32 -5.22 -3.53 -2.18
N LEU A 33 -4.98 -4.10 -3.34
CA LEU A 33 -5.60 -3.61 -4.56
C LEU A 33 -7.07 -3.31 -4.29
N ALA A 34 -7.72 -4.23 -3.60
CA ALA A 34 -9.13 -4.08 -3.27
C ALA A 34 -9.25 -3.20 -2.03
N PHE A 35 -8.62 -3.65 -0.95
CA PHE A 35 -8.66 -2.91 0.30
C PHE A 35 -8.62 -1.41 0.05
N ALA A 36 -7.67 -1.00 -0.78
CA ALA A 36 -7.51 0.40 -1.11
C ALA A 36 -8.75 0.90 -1.85
N GLU A 37 -9.06 0.22 -2.94
CA GLU A 37 -10.23 0.57 -3.74
C GLU A 37 -11.44 0.77 -2.85
N ARG A 38 -11.43 0.10 -1.71
CA ARG A 38 -12.52 0.20 -0.75
C ARG A 38 -12.37 1.44 0.10
N LEU A 39 -11.17 1.62 0.63
CA LEU A 39 -10.88 2.76 1.48
C LEU A 39 -10.71 4.01 0.60
N GLY A 40 -10.79 3.79 -0.71
CA GLY A 40 -10.66 4.88 -1.65
C GLY A 40 -9.20 5.33 -1.77
N TRP A 41 -8.31 4.42 -1.44
CA TRP A 41 -6.89 4.70 -1.50
C TRP A 41 -6.57 5.76 -0.43
N ARG A 42 -7.38 5.75 0.62
CA ARG A 42 -7.20 6.69 1.71
C ARG A 42 -7.57 6.04 3.04
N ILE A 43 -6.70 6.24 4.02
CA ILE A 43 -6.94 5.68 5.35
C ILE A 43 -7.36 6.79 6.31
N GLN A 44 -8.60 6.72 6.74
CA GLN A 44 -9.14 7.71 7.66
C GLN A 44 -8.85 7.31 9.10
N LYS A 45 -9.39 8.10 10.03
CA LYS A 45 -9.20 7.84 11.44
C LYS A 45 -9.95 6.56 11.83
N HIS A 46 -11.04 6.32 11.11
CA HIS A 46 -11.85 5.14 11.37
C HIS A 46 -11.23 3.92 10.70
N ASP A 47 -10.69 4.15 9.50
CA ASP A 47 -10.07 3.09 8.74
C ASP A 47 -8.87 2.55 9.54
N ASP A 48 -8.34 3.39 10.40
CA ASP A 48 -7.20 3.02 11.21
C ASP A 48 -7.40 1.59 11.74
N VAL A 49 -8.67 1.23 11.90
CA VAL A 49 -9.00 -0.10 12.38
C VAL A 49 -8.92 -1.10 11.22
N ALA A 50 -9.76 -0.88 10.22
CA ALA A 50 -9.78 -1.76 9.06
C ALA A 50 -8.35 -2.07 8.64
N VAL A 51 -7.48 -1.08 8.83
CA VAL A 51 -6.08 -1.25 8.47
C VAL A 51 -5.45 -2.29 9.38
N GLU A 52 -5.69 -2.14 10.68
CA GLU A 52 -5.14 -3.06 11.66
C GLU A 52 -5.71 -4.46 11.44
N GLN A 53 -7.02 -4.50 11.21
CA GLN A 53 -7.70 -5.77 10.98
C GLN A 53 -7.21 -6.41 9.69
N PHE A 54 -6.83 -5.56 8.75
CA PHE A 54 -6.34 -6.03 7.46
C PHE A 54 -4.91 -6.56 7.58
N CYS A 55 -4.14 -5.90 8.43
CA CYS A 55 -2.76 -6.29 8.64
C CYS A 55 -2.74 -7.65 9.34
N ALA A 56 -3.64 -7.79 10.30
CA ALA A 56 -3.74 -9.03 11.06
C ALA A 56 -3.89 -10.20 10.08
N GLU A 57 -4.34 -9.87 8.88
CA GLU A 57 -4.52 -10.88 7.86
C GLU A 57 -3.30 -10.96 6.94
N THR A 58 -3.15 -9.91 6.14
CA THR A 58 -2.04 -9.84 5.21
C THR A 58 -0.71 -9.71 5.98
N GLY A 59 -0.68 -8.74 6.87
CA GLY A 59 0.51 -8.49 7.67
C GLY A 59 1.18 -7.18 7.27
N VAL A 60 0.55 -6.48 6.34
CA VAL A 60 1.07 -5.22 5.86
C VAL A 60 0.89 -4.15 6.96
N ARG A 61 1.93 -3.35 7.13
CA ARG A 61 1.90 -2.30 8.13
C ARG A 61 1.09 -1.11 7.63
N ARG A 62 0.58 -0.33 8.57
CA ARG A 62 -0.20 0.84 8.24
C ARG A 62 0.60 1.79 7.36
N GLN A 63 1.81 2.09 7.81
CA GLN A 63 2.70 2.99 7.09
C GLN A 63 3.01 2.41 5.71
N VAL A 64 3.27 1.10 5.69
CA VAL A 64 3.58 0.42 4.45
C VAL A 64 2.35 0.41 3.55
N LEU A 65 1.26 -0.12 4.10
CA LEU A 65 0.01 -0.19 3.35
C LEU A 65 -0.35 1.20 2.82
N LYS A 66 -0.13 2.20 3.66
CA LYS A 66 -0.42 3.57 3.29
C LYS A 66 0.50 3.99 2.14
N ILE A 67 1.79 3.84 2.39
CA ILE A 67 2.79 4.20 1.39
C ILE A 67 2.55 3.37 0.13
N TRP A 68 1.98 2.20 0.32
CA TRP A 68 1.69 1.31 -0.79
C TRP A 68 0.49 1.87 -1.55
N MET A 69 -0.46 2.37 -0.80
CA MET A 69 -1.66 2.95 -1.39
C MET A 69 -1.34 4.23 -2.15
N HIS A 70 -0.46 5.03 -1.56
CA HIS A 70 -0.06 6.28 -2.17
C HIS A 70 0.79 6.00 -3.41
N ASN A 71 1.77 5.13 -3.24
CA ASN A 71 2.66 4.76 -4.33
C ASN A 71 1.83 4.34 -5.53
N ASN A 72 0.66 3.79 -5.25
CA ASN A 72 -0.24 3.34 -6.30
C ASN A 72 -1.04 4.53 -6.82
N LYS A 73 -1.77 5.16 -5.92
CA LYS A 73 -2.59 6.30 -6.26
C LYS A 73 -1.79 7.22 -7.21
N ASN A 74 -0.53 7.41 -6.87
CA ASN A 74 0.34 8.25 -7.67
C ASN A 74 1.75 8.20 -7.10
N SER A 75 2.73 8.34 -8.00
CA SER A 75 4.12 8.31 -7.59
C SER A 75 4.99 9.01 -8.64
N GLY A 76 5.23 8.30 -9.73
CA GLY A 76 6.03 8.85 -10.82
C GLY A 76 5.32 8.67 -12.16
N PRO A 77 6.05 9.03 -13.25
CA PRO A 77 5.50 8.92 -14.59
C PRO A 77 5.47 7.47 -15.05
N SER A 78 4.52 6.72 -14.50
CA SER A 78 4.37 5.32 -14.85
C SER A 78 2.93 4.88 -14.62
N SER A 79 2.19 4.76 -15.72
CA SER A 79 0.81 4.35 -15.65
C SER A 79 0.63 3.22 -14.64
N GLY A 80 -0.54 3.18 -14.04
CA GLY A 80 -0.83 2.15 -13.05
C GLY A 80 -2.06 1.32 -13.47
N GLY A 1 -11.64 19.38 -15.54
CA GLY A 1 -11.00 20.61 -15.96
C GLY A 1 -9.49 20.42 -16.12
N SER A 2 -8.74 21.27 -15.44
CA SER A 2 -7.28 21.21 -15.49
C SER A 2 -6.69 21.95 -14.30
N SER A 3 -7.02 23.23 -14.21
CA SER A 3 -6.52 24.06 -13.13
C SER A 3 -5.04 23.76 -12.87
N GLY A 4 -4.20 24.34 -13.71
CA GLY A 4 -2.77 24.14 -13.59
C GLY A 4 -2.05 25.47 -13.35
N SER A 5 -0.76 25.36 -13.06
CA SER A 5 0.04 26.55 -12.80
C SER A 5 0.66 27.05 -14.11
N SER A 6 0.90 28.35 -14.16
CA SER A 6 1.48 28.97 -15.33
C SER A 6 2.64 29.89 -14.92
N GLY A 7 3.83 29.51 -15.34
CA GLY A 7 5.02 30.29 -15.03
C GLY A 7 5.60 29.88 -13.68
N SER A 8 4.81 30.11 -12.64
CA SER A 8 5.24 29.78 -11.29
C SER A 8 5.14 28.26 -11.08
N ASN A 9 6.25 27.58 -11.35
CA ASN A 9 6.31 26.15 -11.19
C ASN A 9 6.75 25.80 -9.77
N PRO A 10 5.91 24.98 -9.08
CA PRO A 10 6.20 24.58 -7.72
C PRO A 10 7.32 23.52 -7.68
N SER A 11 8.54 24.01 -7.84
CA SER A 11 9.69 23.12 -7.83
C SER A 11 9.59 22.13 -6.67
N SER A 12 9.36 20.87 -7.03
CA SER A 12 9.23 19.82 -6.03
C SER A 12 10.29 18.75 -6.26
N SER A 13 11.42 18.91 -5.60
CA SER A 13 12.51 17.97 -5.72
C SER A 13 13.15 17.72 -4.35
N GLY A 14 13.69 16.53 -4.20
CA GLY A 14 14.34 16.15 -2.95
C GLY A 14 15.56 15.26 -3.20
N GLY A 15 15.63 14.18 -2.44
CA GLY A 15 16.74 13.24 -2.57
C GLY A 15 16.50 11.99 -1.73
N THR A 16 17.44 11.07 -1.82
CA THR A 16 17.34 9.82 -1.07
C THR A 16 17.89 10.00 0.34
N THR A 17 17.53 9.06 1.20
CA THR A 17 17.97 9.11 2.58
C THR A 17 17.66 7.78 3.29
N LYS A 18 16.38 7.44 3.30
CA LYS A 18 15.94 6.21 3.93
C LYS A 18 16.18 5.03 2.98
N ARG A 19 15.65 3.89 3.37
CA ARG A 19 15.80 2.68 2.56
C ARG A 19 14.43 2.04 2.32
N PHE A 20 14.00 2.10 1.06
CA PHE A 20 12.72 1.52 0.68
C PHE A 20 12.91 0.19 -0.04
N ARG A 21 12.41 -0.86 0.57
CA ARG A 21 12.52 -2.19 -0.01
C ARG A 21 11.67 -3.19 0.78
N THR A 22 10.61 -3.65 0.13
CA THR A 22 9.71 -4.60 0.75
C THR A 22 9.31 -5.70 -0.24
N LYS A 23 9.11 -6.89 0.28
CA LYS A 23 8.73 -8.02 -0.55
C LYS A 23 7.45 -8.64 0.01
N PHE A 24 6.43 -8.68 -0.84
CA PHE A 24 5.15 -9.25 -0.45
C PHE A 24 4.68 -10.30 -1.46
N THR A 25 3.55 -10.92 -1.15
CA THR A 25 2.99 -11.93 -2.02
C THR A 25 1.77 -11.39 -2.77
N ALA A 26 1.52 -11.96 -3.93
CA ALA A 26 0.40 -11.54 -4.75
C ALA A 26 -0.81 -11.27 -3.85
N GLU A 27 -1.18 -12.28 -3.09
CA GLU A 27 -2.31 -12.17 -2.18
C GLU A 27 -2.35 -10.77 -1.55
N GLN A 28 -1.24 -10.42 -0.91
CA GLN A 28 -1.13 -9.13 -0.26
C GLN A 28 -1.50 -8.02 -1.25
N LYS A 29 -0.78 -7.98 -2.35
CA LYS A 29 -1.01 -6.97 -3.37
C LYS A 29 -2.50 -6.95 -3.72
N GLU A 30 -3.02 -8.13 -4.02
CA GLU A 30 -4.42 -8.26 -4.38
C GLU A 30 -5.30 -7.64 -3.29
N LYS A 31 -5.17 -8.18 -2.09
CA LYS A 31 -5.94 -7.69 -0.96
C LYS A 31 -5.88 -6.16 -0.92
N MET A 32 -4.65 -5.65 -0.98
CA MET A 32 -4.44 -4.21 -0.96
C MET A 32 -5.16 -3.52 -2.12
N LEU A 33 -4.89 -4.04 -3.31
CA LEU A 33 -5.51 -3.48 -4.51
C LEU A 33 -6.99 -3.19 -4.23
N ALA A 34 -7.65 -4.17 -3.63
CA ALA A 34 -9.06 -4.02 -3.29
C ALA A 34 -9.20 -3.14 -2.06
N PHE A 35 -8.58 -3.59 -0.98
CA PHE A 35 -8.63 -2.85 0.28
C PHE A 35 -8.56 -1.34 0.03
N ALA A 36 -7.62 -0.96 -0.81
CA ALA A 36 -7.44 0.45 -1.14
C ALA A 36 -8.66 0.94 -1.91
N GLU A 37 -8.97 0.24 -2.99
CA GLU A 37 -10.11 0.60 -3.82
C GLU A 37 -11.34 0.82 -2.95
N ARG A 38 -11.32 0.22 -1.77
CA ARG A 38 -12.43 0.34 -0.84
C ARG A 38 -12.26 1.59 0.02
N LEU A 39 -11.07 1.75 0.57
CA LEU A 39 -10.77 2.89 1.41
C LEU A 39 -10.60 4.13 0.53
N GLY A 40 -10.60 3.90 -0.77
CA GLY A 40 -10.45 4.99 -1.72
C GLY A 40 -8.98 5.41 -1.84
N TRP A 41 -8.10 4.47 -1.52
CA TRP A 41 -6.67 4.74 -1.58
C TRP A 41 -6.33 5.80 -0.54
N ARG A 42 -7.17 5.86 0.48
CA ARG A 42 -6.97 6.82 1.55
C ARG A 42 -7.42 6.23 2.89
N ILE A 43 -6.53 6.34 3.88
CA ILE A 43 -6.82 5.83 5.20
C ILE A 43 -7.18 6.99 6.13
N GLN A 44 -8.36 6.90 6.72
CA GLN A 44 -8.84 7.92 7.62
C GLN A 44 -8.85 7.41 9.06
N LYS A 45 -9.41 8.21 9.95
CA LYS A 45 -9.48 7.85 11.35
C LYS A 45 -10.35 6.59 11.49
N HIS A 46 -11.53 6.64 10.90
CA HIS A 46 -12.45 5.52 10.95
C HIS A 46 -11.79 4.29 10.35
N ASP A 47 -10.97 4.53 9.34
CA ASP A 47 -10.27 3.44 8.66
C ASP A 47 -8.97 3.15 9.41
N ASP A 48 -9.09 3.06 10.73
CA ASP A 48 -7.93 2.77 11.57
C ASP A 48 -7.88 1.27 11.85
N VAL A 49 -9.01 0.73 12.27
CA VAL A 49 -9.10 -0.69 12.58
C VAL A 49 -8.98 -1.49 11.29
N ALA A 50 -9.84 -1.14 10.33
CA ALA A 50 -9.85 -1.82 9.05
C ALA A 50 -8.41 -2.08 8.61
N VAL A 51 -7.54 -1.13 8.93
CA VAL A 51 -6.14 -1.24 8.57
C VAL A 51 -5.45 -2.25 9.48
N GLU A 52 -5.69 -2.08 10.78
CA GLU A 52 -5.10 -2.97 11.76
C GLU A 52 -5.59 -4.40 11.54
N GLN A 53 -6.84 -4.51 11.12
CA GLN A 53 -7.45 -5.81 10.86
C GLN A 53 -6.86 -6.42 9.59
N PHE A 54 -6.53 -5.55 8.65
CA PHE A 54 -5.96 -5.99 7.38
C PHE A 54 -4.55 -6.56 7.58
N CYS A 55 -3.80 -5.89 8.44
CA CYS A 55 -2.44 -6.30 8.73
C CYS A 55 -2.49 -7.66 9.44
N ALA A 56 -3.39 -7.74 10.41
CA ALA A 56 -3.56 -8.97 11.17
C ALA A 56 -3.68 -10.15 10.21
N GLU A 57 -4.11 -9.84 8.99
CA GLU A 57 -4.28 -10.86 7.98
C GLU A 57 -3.02 -10.95 7.11
N THR A 58 -2.88 -9.96 6.23
CA THR A 58 -1.74 -9.90 5.34
C THR A 58 -0.43 -9.72 6.13
N GLY A 59 -0.44 -8.69 6.96
CA GLY A 59 0.73 -8.39 7.79
C GLY A 59 1.40 -7.09 7.33
N VAL A 60 0.74 -6.41 6.41
CA VAL A 60 1.26 -5.17 5.88
C VAL A 60 1.14 -4.08 6.95
N ARG A 61 2.22 -3.32 7.09
CA ARG A 61 2.25 -2.25 8.07
C ARG A 61 1.50 -1.02 7.55
N ARG A 62 0.64 -0.47 8.40
CA ARG A 62 -0.13 0.70 8.03
C ARG A 62 0.72 1.65 7.18
N GLN A 63 1.87 2.01 7.73
CA GLN A 63 2.78 2.92 7.04
C GLN A 63 3.09 2.38 5.64
N VAL A 64 3.33 1.08 5.58
CA VAL A 64 3.65 0.44 4.32
C VAL A 64 2.40 0.41 3.44
N LEU A 65 1.29 0.04 4.05
CA LEU A 65 0.02 -0.03 3.34
C LEU A 65 -0.33 1.36 2.80
N LYS A 66 -0.17 2.35 3.66
CA LYS A 66 -0.47 3.72 3.27
C LYS A 66 0.47 4.14 2.15
N ILE A 67 1.76 4.01 2.41
CA ILE A 67 2.78 4.37 1.43
C ILE A 67 2.59 3.52 0.18
N TRP A 68 2.06 2.32 0.39
CA TRP A 68 1.83 1.40 -0.71
C TRP A 68 0.67 1.95 -1.55
N MET A 69 -0.38 2.35 -0.87
CA MET A 69 -1.56 2.88 -1.53
C MET A 69 -1.20 4.16 -2.31
N HIS A 70 -0.52 5.06 -1.63
CA HIS A 70 -0.12 6.32 -2.23
C HIS A 70 0.83 6.04 -3.40
N ASN A 71 1.61 4.96 -3.25
CA ASN A 71 2.55 4.58 -4.27
C ASN A 71 1.80 4.02 -5.49
N ASN A 72 0.54 3.67 -5.25
CA ASN A 72 -0.30 3.13 -6.30
C ASN A 72 -1.16 4.24 -6.89
N LYS A 73 -1.77 5.00 -5.99
CA LYS A 73 -2.63 6.11 -6.41
C LYS A 73 -1.88 6.98 -7.42
N ASN A 74 -2.62 7.87 -8.05
CA ASN A 74 -2.05 8.77 -9.03
C ASN A 74 -1.47 7.95 -10.19
N SER A 75 -0.24 7.50 -9.99
CA SER A 75 0.44 6.70 -11.01
C SER A 75 1.42 5.75 -10.35
N GLY A 76 2.56 6.30 -9.94
CA GLY A 76 3.59 5.52 -9.30
C GLY A 76 4.16 6.24 -8.08
N PRO A 77 5.48 6.03 -7.84
CA PRO A 77 6.15 6.66 -6.73
C PRO A 77 6.40 8.14 -6.99
N SER A 78 6.72 8.44 -8.25
CA SER A 78 6.98 9.81 -8.65
C SER A 78 5.69 10.47 -9.11
N SER A 79 5.55 11.74 -8.75
CA SER A 79 4.37 12.51 -9.12
C SER A 79 4.48 12.98 -10.58
N GLY A 80 5.54 13.73 -10.83
CA GLY A 80 5.78 14.24 -12.17
C GLY A 80 6.08 15.74 -12.14
N GLY A 1 19.99 -33.06 -3.69
CA GLY A 1 19.77 -33.21 -2.26
C GLY A 1 19.59 -31.85 -1.59
N SER A 2 18.48 -31.20 -1.94
CA SER A 2 18.18 -29.89 -1.39
C SER A 2 19.32 -28.92 -1.67
N SER A 3 19.09 -28.05 -2.65
CA SER A 3 20.09 -27.07 -3.04
C SER A 3 19.44 -25.96 -3.86
N GLY A 4 20.19 -24.88 -4.04
CA GLY A 4 19.70 -23.74 -4.80
C GLY A 4 20.34 -22.44 -4.31
N SER A 5 19.61 -21.75 -3.45
CA SER A 5 20.08 -20.50 -2.90
C SER A 5 20.18 -19.45 -4.01
N SER A 6 20.22 -18.19 -3.58
CA SER A 6 20.31 -17.08 -4.53
C SER A 6 21.36 -17.40 -5.59
N GLY A 7 20.89 -17.62 -6.81
CA GLY A 7 21.77 -17.93 -7.92
C GLY A 7 22.85 -16.86 -8.06
N SER A 8 22.60 -15.91 -8.95
CA SER A 8 23.54 -14.83 -9.19
C SER A 8 23.26 -13.67 -8.24
N ASN A 9 24.30 -13.28 -7.51
CA ASN A 9 24.18 -12.18 -6.56
C ASN A 9 24.28 -10.85 -7.31
N PRO A 10 23.15 -10.09 -7.30
CA PRO A 10 23.10 -8.81 -7.97
C PRO A 10 23.86 -7.74 -7.18
N SER A 11 23.52 -7.64 -5.90
CA SER A 11 24.15 -6.68 -5.03
C SER A 11 25.37 -7.30 -4.36
N SER A 12 26.32 -6.44 -4.00
CA SER A 12 27.54 -6.90 -3.36
C SER A 12 27.54 -6.50 -1.89
N SER A 13 26.91 -7.34 -1.09
CA SER A 13 26.82 -7.10 0.34
C SER A 13 26.40 -5.64 0.60
N GLY A 14 25.09 -5.45 0.67
CA GLY A 14 24.54 -4.13 0.90
C GLY A 14 23.56 -3.72 -0.21
N GLY A 15 23.27 -2.43 -0.26
CA GLY A 15 22.36 -1.91 -1.27
C GLY A 15 21.36 -0.93 -0.64
N THR A 16 21.72 0.35 -0.72
CA THR A 16 20.88 1.39 -0.17
C THR A 16 20.01 2.00 -1.27
N THR A 17 18.97 2.71 -0.84
CA THR A 17 18.05 3.34 -1.77
C THR A 17 17.06 4.23 -1.01
N LYS A 18 17.06 5.51 -1.39
CA LYS A 18 16.18 6.47 -0.76
C LYS A 18 14.81 5.83 -0.55
N ARG A 19 14.29 5.25 -1.63
CA ARG A 19 12.99 4.60 -1.58
C ARG A 19 13.04 3.37 -0.67
N PHE A 20 11.87 2.91 -0.28
CA PHE A 20 11.76 1.75 0.58
C PHE A 20 11.31 0.53 -0.20
N ARG A 21 12.20 -0.46 -0.29
CA ARG A 21 11.91 -1.68 -1.00
C ARG A 21 11.06 -2.62 -0.13
N THR A 22 10.04 -3.19 -0.75
CA THR A 22 9.15 -4.10 -0.05
C THR A 22 8.83 -5.30 -0.93
N LYS A 23 8.69 -6.46 -0.29
CA LYS A 23 8.37 -7.68 -0.99
C LYS A 23 7.13 -8.32 -0.38
N PHE A 24 6.12 -8.52 -1.22
CA PHE A 24 4.88 -9.11 -0.77
C PHE A 24 4.39 -10.18 -1.76
N THR A 25 3.41 -10.95 -1.30
CA THR A 25 2.86 -12.00 -2.13
C THR A 25 1.62 -11.49 -2.89
N ALA A 26 1.35 -12.13 -4.01
CA ALA A 26 0.21 -11.75 -4.83
C ALA A 26 -0.98 -11.43 -3.92
N GLU A 27 -1.35 -12.40 -3.11
CA GLU A 27 -2.47 -12.23 -2.19
C GLU A 27 -2.45 -10.82 -1.60
N GLN A 28 -1.35 -10.50 -0.95
CA GLN A 28 -1.19 -9.19 -0.33
C GLN A 28 -1.49 -8.09 -1.35
N LYS A 29 -0.76 -8.13 -2.45
CA LYS A 29 -0.94 -7.14 -3.50
C LYS A 29 -2.41 -7.08 -3.89
N GLU A 30 -2.99 -8.26 -4.06
CA GLU A 30 -4.40 -8.35 -4.44
C GLU A 30 -5.27 -7.74 -3.34
N LYS A 31 -5.13 -8.28 -2.14
CA LYS A 31 -5.91 -7.80 -1.01
C LYS A 31 -5.84 -6.28 -0.94
N MET A 32 -4.61 -5.78 -1.01
CA MET A 32 -4.39 -4.35 -0.97
C MET A 32 -5.12 -3.64 -2.12
N LEU A 33 -4.88 -4.13 -3.32
CA LEU A 33 -5.50 -3.57 -4.50
C LEU A 33 -6.97 -3.29 -4.21
N ALA A 34 -7.62 -4.26 -3.58
CA ALA A 34 -9.02 -4.13 -3.24
C ALA A 34 -9.16 -3.27 -2.00
N PHE A 35 -8.49 -3.71 -0.93
CA PHE A 35 -8.54 -2.98 0.33
C PHE A 35 -8.55 -1.47 0.09
N ALA A 36 -7.59 -1.02 -0.70
CA ALA A 36 -7.48 0.39 -1.01
C ALA A 36 -8.75 0.85 -1.72
N GLU A 37 -9.01 0.24 -2.86
CA GLU A 37 -10.19 0.57 -3.64
C GLU A 37 -11.40 0.78 -2.73
N ARG A 38 -11.40 0.06 -1.62
CA ARG A 38 -12.48 0.15 -0.66
C ARG A 38 -12.34 1.44 0.16
N LEU A 39 -11.12 1.68 0.62
CA LEU A 39 -10.85 2.86 1.42
C LEU A 39 -10.61 4.05 0.49
N GLY A 40 -10.80 3.81 -0.80
CA GLY A 40 -10.61 4.85 -1.79
C GLY A 40 -9.15 5.26 -1.88
N TRP A 41 -8.27 4.31 -1.56
CA TRP A 41 -6.84 4.56 -1.60
C TRP A 41 -6.52 5.58 -0.51
N ARG A 42 -7.46 5.75 0.40
CA ARG A 42 -7.28 6.69 1.49
C ARG A 42 -7.57 6.01 2.83
N ILE A 43 -6.85 6.45 3.85
CA ILE A 43 -7.02 5.90 5.18
C ILE A 43 -7.39 7.02 6.16
N GLN A 44 -8.49 6.81 6.86
CA GLN A 44 -8.96 7.79 7.82
C GLN A 44 -8.73 7.29 9.25
N LYS A 45 -9.25 8.05 10.20
CA LYS A 45 -9.11 7.70 11.60
C LYS A 45 -9.97 6.48 11.90
N HIS A 46 -10.95 6.25 11.03
CA HIS A 46 -11.85 5.13 11.20
C HIS A 46 -11.25 3.89 10.53
N ASP A 47 -10.61 4.12 9.39
CA ASP A 47 -10.00 3.03 8.65
C ASP A 47 -8.82 2.47 9.46
N ASP A 48 -8.30 3.32 10.34
CA ASP A 48 -7.18 2.91 11.18
C ASP A 48 -7.41 1.50 11.70
N VAL A 49 -8.68 1.19 11.94
CA VAL A 49 -9.05 -0.13 12.44
C VAL A 49 -8.92 -1.15 11.31
N ALA A 50 -9.65 -0.88 10.23
CA ALA A 50 -9.62 -1.76 9.07
C ALA A 50 -8.17 -2.03 8.66
N VAL A 51 -7.37 -0.99 8.77
CA VAL A 51 -5.96 -1.09 8.41
C VAL A 51 -5.29 -2.13 9.32
N GLU A 52 -5.68 -2.11 10.58
CA GLU A 52 -5.12 -3.04 11.54
C GLU A 52 -5.68 -4.45 11.31
N GLN A 53 -6.99 -4.51 11.10
CA GLN A 53 -7.65 -5.78 10.86
C GLN A 53 -7.08 -6.44 9.60
N PHE A 54 -6.70 -5.61 8.65
CA PHE A 54 -6.13 -6.10 7.40
C PHE A 54 -4.73 -6.68 7.62
N CYS A 55 -3.94 -5.95 8.38
CA CYS A 55 -2.59 -6.36 8.67
C CYS A 55 -2.64 -7.75 9.34
N ALA A 56 -3.53 -7.86 10.32
CA ALA A 56 -3.70 -9.11 11.04
C ALA A 56 -3.83 -10.25 10.03
N GLU A 57 -4.26 -9.90 8.83
CA GLU A 57 -4.43 -10.89 7.78
C GLU A 57 -3.18 -10.94 6.89
N THR A 58 -3.06 -9.93 6.05
CA THR A 58 -1.92 -9.85 5.15
C THR A 58 -0.62 -9.68 5.94
N GLY A 59 -0.62 -8.69 6.82
CA GLY A 59 0.54 -8.42 7.64
C GLY A 59 1.20 -7.09 7.24
N VAL A 60 0.54 -6.40 6.32
CA VAL A 60 1.05 -5.12 5.84
C VAL A 60 0.82 -4.05 6.91
N ARG A 61 1.86 -3.28 7.17
CA ARG A 61 1.77 -2.22 8.16
C ARG A 61 0.96 -1.04 7.62
N ARG A 62 0.34 -0.33 8.53
CA ARG A 62 -0.47 0.82 8.16
C ARG A 62 0.37 1.83 7.36
N GLN A 63 1.56 2.07 7.86
CA GLN A 63 2.47 3.00 7.21
C GLN A 63 2.86 2.49 5.83
N VAL A 64 3.12 1.19 5.77
CA VAL A 64 3.50 0.56 4.52
C VAL A 64 2.30 0.52 3.58
N LEU A 65 1.18 0.07 4.11
CA LEU A 65 -0.04 -0.01 3.33
C LEU A 65 -0.38 1.37 2.78
N LYS A 66 -0.28 2.37 3.65
CA LYS A 66 -0.57 3.74 3.27
C LYS A 66 0.40 4.17 2.16
N ILE A 67 1.69 4.04 2.47
CA ILE A 67 2.72 4.41 1.53
C ILE A 67 2.57 3.58 0.25
N TRP A 68 2.03 2.39 0.43
CA TRP A 68 1.83 1.47 -0.69
C TRP A 68 0.71 2.05 -1.56
N MET A 69 -0.40 2.38 -0.92
CA MET A 69 -1.54 2.94 -1.63
C MET A 69 -1.14 4.22 -2.36
N HIS A 70 -0.58 5.15 -1.61
CA HIS A 70 -0.15 6.42 -2.18
C HIS A 70 0.79 6.17 -3.36
N ASN A 71 1.72 5.25 -3.14
CA ASN A 71 2.69 4.91 -4.17
C ASN A 71 1.95 4.44 -5.42
N ASN A 72 0.77 3.88 -5.20
CA ASN A 72 -0.04 3.39 -6.30
C ASN A 72 -0.89 4.54 -6.84
N LYS A 73 -1.60 5.19 -5.94
CA LYS A 73 -2.46 6.31 -6.31
C LYS A 73 -1.65 7.30 -7.15
N ASN A 74 -2.32 7.86 -8.15
CA ASN A 74 -1.69 8.82 -9.03
C ASN A 74 -0.56 8.14 -9.80
N SER A 75 -0.28 8.67 -10.97
CA SER A 75 0.77 8.13 -11.82
C SER A 75 1.72 9.24 -12.27
N GLY A 76 2.54 8.91 -13.25
CA GLY A 76 3.49 9.87 -13.78
C GLY A 76 2.90 11.28 -13.82
N PRO A 77 3.79 12.29 -13.78
CA PRO A 77 3.37 13.69 -13.80
C PRO A 77 2.93 14.09 -15.20
N SER A 78 1.67 13.79 -15.50
CA SER A 78 1.10 14.12 -16.80
C SER A 78 -0.26 14.79 -16.63
N SER A 79 -1.20 14.00 -16.13
CA SER A 79 -2.55 14.50 -15.91
C SER A 79 -2.76 14.82 -14.43
N GLY A 80 -3.66 15.76 -14.18
CA GLY A 80 -3.95 16.17 -12.82
C GLY A 80 -2.97 17.23 -12.33
N GLY A 1 -7.44 20.94 -8.99
CA GLY A 1 -6.65 19.81 -8.53
C GLY A 1 -5.43 19.59 -9.43
N SER A 2 -5.50 18.52 -10.22
CA SER A 2 -4.43 18.18 -11.14
C SER A 2 -4.89 17.11 -12.12
N SER A 3 -4.33 17.17 -13.32
CA SER A 3 -4.68 16.22 -14.36
C SER A 3 -3.55 16.13 -15.39
N GLY A 4 -3.58 15.06 -16.17
CA GLY A 4 -2.58 14.86 -17.20
C GLY A 4 -2.20 13.39 -17.31
N SER A 5 -1.49 12.92 -16.29
CA SER A 5 -1.05 11.53 -16.25
C SER A 5 -2.24 10.62 -15.95
N SER A 6 -2.10 9.35 -16.32
CA SER A 6 -3.14 8.38 -16.10
C SER A 6 -2.68 7.00 -16.57
N GLY A 7 -2.05 6.27 -15.66
CA GLY A 7 -1.56 4.95 -15.97
C GLY A 7 -0.61 4.43 -14.88
N SER A 8 0.68 4.60 -15.14
CA SER A 8 1.70 4.17 -14.20
C SER A 8 3.08 4.31 -14.83
N ASN A 9 3.77 5.38 -14.44
CA ASN A 9 5.10 5.65 -14.96
C ASN A 9 6.11 4.76 -14.22
N PRO A 10 6.90 4.01 -15.02
CA PRO A 10 7.91 3.11 -14.45
C PRO A 10 9.12 3.90 -13.94
N SER A 11 9.52 4.88 -14.74
CA SER A 11 10.66 5.71 -14.39
C SER A 11 11.95 4.88 -14.38
N SER A 12 12.05 4.01 -13.40
CA SER A 12 13.22 3.14 -13.28
C SER A 12 13.00 1.85 -14.05
N SER A 13 13.77 1.69 -15.11
CA SER A 13 13.67 0.50 -15.94
C SER A 13 14.71 -0.53 -15.50
N GLY A 14 14.44 -1.78 -15.88
CA GLY A 14 15.35 -2.86 -15.53
C GLY A 14 14.71 -3.80 -14.49
N GLY A 15 14.97 -5.09 -14.67
CA GLY A 15 14.43 -6.08 -13.76
C GLY A 15 14.95 -5.87 -12.34
N THR A 16 16.11 -6.48 -12.08
CA THR A 16 16.73 -6.36 -10.76
C THR A 16 17.23 -4.94 -10.53
N THR A 17 17.48 -4.64 -9.27
CA THR A 17 17.95 -3.32 -8.89
C THR A 17 18.45 -3.31 -7.44
N LYS A 18 19.67 -2.85 -7.26
CA LYS A 18 20.26 -2.78 -5.94
C LYS A 18 19.20 -2.32 -4.94
N ARG A 19 18.62 -1.18 -5.23
CA ARG A 19 17.58 -0.63 -4.36
C ARG A 19 16.52 -1.68 -4.06
N PHE A 20 16.65 -2.29 -2.89
CA PHE A 20 15.72 -3.32 -2.46
C PHE A 20 14.42 -2.69 -1.95
N ARG A 21 13.31 -3.13 -2.55
CA ARG A 21 12.00 -2.62 -2.18
C ARG A 21 11.18 -3.73 -1.53
N THR A 22 10.22 -3.31 -0.72
CA THR A 22 9.35 -4.26 -0.04
C THR A 22 8.96 -5.40 -0.97
N LYS A 23 8.85 -6.59 -0.39
CA LYS A 23 8.48 -7.77 -1.16
C LYS A 23 7.26 -8.43 -0.53
N PHE A 24 6.21 -8.54 -1.33
CA PHE A 24 4.98 -9.15 -0.86
C PHE A 24 4.50 -10.23 -1.82
N THR A 25 3.44 -10.92 -1.41
CA THR A 25 2.88 -11.99 -2.23
C THR A 25 1.64 -11.48 -2.98
N ALA A 26 1.38 -12.11 -4.11
CA ALA A 26 0.23 -11.75 -4.93
C ALA A 26 -0.95 -11.43 -4.01
N GLU A 27 -1.33 -12.42 -3.21
CA GLU A 27 -2.44 -12.26 -2.29
C GLU A 27 -2.44 -10.84 -1.70
N GLN A 28 -1.36 -10.51 -1.02
CA GLN A 28 -1.24 -9.21 -0.41
C GLN A 28 -1.56 -8.11 -1.43
N LYS A 29 -0.81 -8.14 -2.53
CA LYS A 29 -1.00 -7.15 -3.58
C LYS A 29 -2.48 -7.11 -3.97
N GLU A 30 -3.06 -8.29 -4.12
CA GLU A 30 -4.45 -8.40 -4.48
C GLU A 30 -5.34 -7.82 -3.37
N LYS A 31 -5.11 -8.31 -2.17
CA LYS A 31 -5.87 -7.85 -1.02
C LYS A 31 -5.81 -6.32 -0.95
N MET A 32 -4.59 -5.81 -1.03
CA MET A 32 -4.38 -4.37 -0.98
C MET A 32 -5.10 -3.66 -2.13
N LEU A 33 -4.85 -4.17 -3.33
CA LEU A 33 -5.47 -3.59 -4.51
C LEU A 33 -6.95 -3.30 -4.23
N ALA A 34 -7.60 -4.28 -3.62
CA ALA A 34 -9.02 -4.15 -3.29
C ALA A 34 -9.16 -3.28 -2.05
N PHE A 35 -8.52 -3.74 -0.97
CA PHE A 35 -8.58 -3.02 0.29
C PHE A 35 -8.52 -1.51 0.06
N ALA A 36 -7.52 -1.10 -0.72
CA ALA A 36 -7.35 0.32 -1.02
C ALA A 36 -8.58 0.82 -1.79
N GLU A 37 -8.88 0.12 -2.87
CA GLU A 37 -10.02 0.50 -3.71
C GLU A 37 -11.26 0.70 -2.83
N ARG A 38 -11.33 -0.07 -1.76
CA ARG A 38 -12.45 0.03 -0.85
C ARG A 38 -12.33 1.28 0.03
N LEU A 39 -11.15 1.43 0.62
CA LEU A 39 -10.89 2.57 1.47
C LEU A 39 -10.79 3.84 0.62
N GLY A 40 -10.73 3.62 -0.69
CA GLY A 40 -10.64 4.74 -1.62
C GLY A 40 -9.20 5.23 -1.75
N TRP A 41 -8.26 4.34 -1.42
CA TRP A 41 -6.86 4.66 -1.49
C TRP A 41 -6.57 5.72 -0.43
N ARG A 42 -7.41 5.74 0.59
CA ARG A 42 -7.26 6.69 1.68
C ARG A 42 -7.68 6.06 3.00
N ILE A 43 -6.84 6.22 4.00
CA ILE A 43 -7.12 5.68 5.32
C ILE A 43 -7.64 6.79 6.23
N GLN A 44 -8.79 6.53 6.84
CA GLN A 44 -9.40 7.50 7.73
C GLN A 44 -9.28 7.03 9.18
N LYS A 45 -9.91 7.79 10.07
CA LYS A 45 -9.87 7.48 11.48
C LYS A 45 -10.67 6.19 11.73
N HIS A 46 -11.65 5.96 10.86
CA HIS A 46 -12.48 4.78 10.97
C HIS A 46 -11.73 3.57 10.41
N ASP A 47 -11.01 3.80 9.33
CA ASP A 47 -10.25 2.74 8.69
C ASP A 47 -9.09 2.34 9.61
N ASP A 48 -8.72 3.25 10.49
CA ASP A 48 -7.63 3.01 11.41
C ASP A 48 -7.72 1.57 11.93
N VAL A 49 -8.96 1.10 12.05
CA VAL A 49 -9.19 -0.25 12.53
C VAL A 49 -9.09 -1.23 11.37
N ALA A 50 -9.79 -0.90 10.29
CA ALA A 50 -9.79 -1.75 9.10
C ALA A 50 -8.34 -2.00 8.68
N VAL A 51 -7.51 -1.00 8.89
CA VAL A 51 -6.10 -1.11 8.53
C VAL A 51 -5.41 -2.08 9.48
N GLU A 52 -5.68 -1.89 10.77
CA GLU A 52 -5.10 -2.74 11.79
C GLU A 52 -5.62 -4.17 11.65
N GLN A 53 -6.88 -4.27 11.26
CA GLN A 53 -7.51 -5.58 11.08
C GLN A 53 -6.97 -6.25 9.82
N PHE A 54 -6.90 -5.47 8.75
CA PHE A 54 -6.41 -5.99 7.48
C PHE A 54 -4.90 -6.19 7.53
N CYS A 55 -4.21 -5.25 8.16
CA CYS A 55 -2.77 -5.31 8.27
C CYS A 55 -2.41 -6.58 9.05
N ALA A 56 -3.39 -7.10 9.77
CA ALA A 56 -3.19 -8.31 10.55
C ALA A 56 -3.27 -9.53 9.63
N GLU A 57 -4.34 -9.58 8.86
CA GLU A 57 -4.54 -10.68 7.94
C GLU A 57 -3.37 -10.78 6.97
N THR A 58 -3.21 -9.73 6.16
CA THR A 58 -2.13 -9.70 5.19
C THR A 58 -0.77 -9.64 5.89
N GLY A 59 -0.67 -8.72 6.84
CA GLY A 59 0.55 -8.55 7.59
C GLY A 59 1.29 -7.27 7.17
N VAL A 60 0.66 -6.55 6.26
CA VAL A 60 1.23 -5.31 5.76
C VAL A 60 1.16 -4.25 6.86
N ARG A 61 2.24 -3.49 6.98
CA ARG A 61 2.31 -2.44 7.97
C ARG A 61 1.57 -1.19 7.48
N ARG A 62 0.74 -0.65 8.36
CA ARG A 62 -0.02 0.55 8.03
C ARG A 62 0.83 1.51 7.20
N GLN A 63 1.99 1.82 7.73
CA GLN A 63 2.91 2.72 7.06
C GLN A 63 3.20 2.23 5.64
N VAL A 64 3.40 0.92 5.53
CA VAL A 64 3.69 0.32 4.24
C VAL A 64 2.42 0.32 3.38
N LEU A 65 1.31 -0.04 4.01
CA LEU A 65 0.04 -0.07 3.32
C LEU A 65 -0.30 1.33 2.81
N LYS A 66 -0.11 2.31 3.69
CA LYS A 66 -0.39 3.69 3.34
C LYS A 66 0.56 4.13 2.23
N ILE A 67 1.85 3.98 2.50
CA ILE A 67 2.86 4.35 1.53
C ILE A 67 2.66 3.56 0.25
N TRP A 68 2.10 2.36 0.40
CA TRP A 68 1.85 1.49 -0.73
C TRP A 68 0.68 2.09 -1.53
N MET A 69 -0.37 2.42 -0.80
CA MET A 69 -1.56 3.00 -1.42
C MET A 69 -1.22 4.29 -2.15
N HIS A 70 -0.56 5.19 -1.42
CA HIS A 70 -0.18 6.47 -1.99
C HIS A 70 0.71 6.24 -3.22
N ASN A 71 1.69 5.37 -3.06
CA ASN A 71 2.61 5.06 -4.14
C ASN A 71 1.80 4.58 -5.36
N ASN A 72 0.66 3.98 -5.07
CA ASN A 72 -0.20 3.48 -6.13
C ASN A 72 -1.05 4.63 -6.68
N LYS A 73 -1.80 5.25 -5.79
CA LYS A 73 -2.65 6.36 -6.16
C LYS A 73 -1.85 7.37 -6.99
N ASN A 74 -2.38 7.68 -8.16
CA ASN A 74 -1.72 8.61 -9.06
C ASN A 74 -1.18 9.79 -8.25
N SER A 75 0.13 9.79 -8.07
CA SER A 75 0.79 10.85 -7.32
C SER A 75 2.31 10.64 -7.33
N GLY A 76 2.99 11.45 -6.54
CA GLY A 76 4.44 11.36 -6.44
C GLY A 76 5.08 12.74 -6.58
N PRO A 77 6.44 12.74 -6.65
CA PRO A 77 7.18 13.98 -6.78
C PRO A 77 7.07 14.54 -8.19
N SER A 78 7.32 13.68 -9.16
CA SER A 78 7.25 14.09 -10.56
C SER A 78 8.06 15.36 -10.79
N SER A 79 9.34 15.17 -11.09
CA SER A 79 10.22 16.29 -11.33
C SER A 79 9.78 17.05 -12.59
N GLY A 80 10.18 18.31 -12.64
CA GLY A 80 9.83 19.15 -13.77
C GLY A 80 11.02 20.02 -14.19
N GLY A 1 4.33 -25.56 17.87
CA GLY A 1 4.74 -24.18 18.08
C GLY A 1 3.52 -23.29 18.35
N SER A 2 3.77 -21.99 18.37
CA SER A 2 2.71 -21.03 18.61
C SER A 2 2.17 -21.19 20.04
N SER A 3 2.90 -20.61 20.98
CA SER A 3 2.51 -20.68 22.37
C SER A 3 3.41 -19.77 23.21
N GLY A 4 2.78 -19.08 24.15
CA GLY A 4 3.51 -18.18 25.03
C GLY A 4 2.59 -17.11 25.61
N SER A 5 3.06 -16.46 26.66
CA SER A 5 2.29 -15.42 27.31
C SER A 5 3.23 -14.43 27.99
N SER A 6 2.79 -13.18 28.05
CA SER A 6 3.57 -12.13 28.68
C SER A 6 4.83 -11.85 27.85
N GLY A 7 5.74 -12.81 27.87
CA GLY A 7 6.98 -12.68 27.13
C GLY A 7 6.71 -12.55 25.63
N SER A 8 7.75 -12.79 24.85
CA SER A 8 7.65 -12.70 23.40
C SER A 8 7.18 -11.30 22.99
N ASN A 9 8.14 -10.38 22.99
CA ASN A 9 7.85 -9.01 22.61
C ASN A 9 8.88 -8.53 21.58
N PRO A 10 8.36 -7.88 20.51
CA PRO A 10 9.21 -7.37 19.46
C PRO A 10 9.95 -6.11 19.90
N SER A 11 11.27 -6.22 19.96
CA SER A 11 12.10 -5.10 20.37
C SER A 11 12.21 -4.09 19.22
N SER A 12 12.71 -2.91 19.56
CA SER A 12 12.88 -1.86 18.58
C SER A 12 13.75 -2.36 17.42
N SER A 13 13.56 -1.73 16.27
CA SER A 13 14.31 -2.11 15.08
C SER A 13 13.98 -1.15 13.93
N GLY A 14 14.78 -1.25 12.87
CA GLY A 14 14.58 -0.40 11.71
C GLY A 14 15.92 0.18 11.23
N GLY A 15 16.22 -0.08 9.97
CA GLY A 15 17.44 0.41 9.38
C GLY A 15 17.88 -0.46 8.19
N THR A 16 19.16 -0.76 8.15
CA THR A 16 19.71 -1.57 7.09
C THR A 16 19.35 -3.05 7.31
N THR A 17 19.49 -3.82 6.24
CA THR A 17 19.19 -5.25 6.31
C THR A 17 19.60 -5.94 5.01
N LYS A 18 19.85 -7.24 5.12
CA LYS A 18 20.25 -8.03 3.97
C LYS A 18 19.35 -7.68 2.79
N ARG A 19 18.19 -8.32 2.76
CA ARG A 19 17.23 -8.09 1.69
C ARG A 19 16.76 -6.63 1.70
N PHE A 20 16.84 -6.00 0.54
CA PHE A 20 16.43 -4.61 0.41
C PHE A 20 15.03 -4.52 -0.19
N ARG A 21 14.41 -3.36 0.03
CA ARG A 21 13.07 -3.13 -0.48
C ARG A 21 12.07 -4.10 0.16
N THR A 22 10.79 -3.81 -0.02
CA THR A 22 9.75 -4.65 0.53
C THR A 22 9.28 -5.68 -0.50
N LYS A 23 9.11 -6.90 -0.04
CA LYS A 23 8.68 -7.98 -0.91
C LYS A 23 7.42 -8.63 -0.32
N PHE A 24 6.33 -8.52 -1.06
CA PHE A 24 5.07 -9.10 -0.63
C PHE A 24 4.61 -10.18 -1.60
N THR A 25 3.49 -10.81 -1.23
CA THR A 25 2.93 -11.87 -2.06
C THR A 25 1.68 -11.37 -2.80
N ALA A 26 1.42 -12.01 -3.93
CA ALA A 26 0.27 -11.64 -4.74
C ALA A 26 -0.92 -11.34 -3.82
N GLU A 27 -1.28 -12.33 -3.03
CA GLU A 27 -2.39 -12.18 -2.10
C GLU A 27 -2.40 -10.77 -1.51
N GLN A 28 -1.29 -10.41 -0.89
CA GLN A 28 -1.16 -9.10 -0.27
C GLN A 28 -1.48 -8.01 -1.30
N LYS A 29 -0.72 -8.03 -2.39
CA LYS A 29 -0.91 -7.05 -3.45
C LYS A 29 -2.39 -6.99 -3.84
N GLU A 30 -2.96 -8.18 -4.00
CA GLU A 30 -4.37 -8.28 -4.38
C GLU A 30 -5.25 -7.66 -3.28
N LYS A 31 -5.10 -8.19 -2.08
CA LYS A 31 -5.87 -7.70 -0.95
C LYS A 31 -5.83 -6.18 -0.92
N MET A 32 -4.61 -5.66 -0.97
CA MET A 32 -4.42 -4.21 -0.94
C MET A 32 -5.15 -3.56 -2.11
N LEU A 33 -4.89 -4.07 -3.30
CA LEU A 33 -5.51 -3.53 -4.51
C LEU A 33 -6.99 -3.23 -4.22
N ALA A 34 -7.64 -4.20 -3.61
CA ALA A 34 -9.05 -4.05 -3.28
C ALA A 34 -9.18 -3.18 -2.03
N PHE A 35 -8.57 -3.63 -0.95
CA PHE A 35 -8.61 -2.89 0.30
C PHE A 35 -8.54 -1.39 0.06
N ALA A 36 -7.56 -0.98 -0.72
CA ALA A 36 -7.37 0.42 -1.03
C ALA A 36 -8.62 0.93 -1.78
N GLU A 37 -9.02 0.17 -2.79
CA GLU A 37 -10.17 0.53 -3.59
C GLU A 37 -11.38 0.80 -2.68
N ARG A 38 -11.44 0.04 -1.61
CA ARG A 38 -12.53 0.18 -0.65
C ARG A 38 -12.37 1.47 0.14
N LEU A 39 -11.16 1.68 0.64
CA LEU A 39 -10.87 2.87 1.42
C LEU A 39 -10.72 4.07 0.49
N GLY A 40 -10.77 3.78 -0.81
CA GLY A 40 -10.65 4.82 -1.81
C GLY A 40 -9.20 5.28 -1.94
N TRP A 41 -8.29 4.39 -1.59
CA TRP A 41 -6.87 4.70 -1.66
C TRP A 41 -6.57 5.78 -0.63
N ARG A 42 -7.39 5.80 0.42
CA ARG A 42 -7.22 6.78 1.48
C ARG A 42 -7.61 6.17 2.83
N ILE A 43 -6.79 6.46 3.83
CA ILE A 43 -7.04 5.96 5.17
C ILE A 43 -7.47 7.11 6.07
N GLN A 44 -8.41 6.81 6.96
CA GLN A 44 -8.92 7.81 7.88
C GLN A 44 -8.82 7.29 9.31
N LYS A 45 -9.73 7.78 10.15
CA LYS A 45 -9.77 7.38 11.54
C LYS A 45 -10.64 6.13 11.70
N HIS A 46 -11.60 6.02 10.80
CA HIS A 46 -12.51 4.89 10.82
C HIS A 46 -11.83 3.67 10.18
N ASP A 47 -10.89 3.96 9.29
CA ASP A 47 -10.16 2.90 8.60
C ASP A 47 -9.03 2.41 9.50
N ASP A 48 -8.62 3.27 10.42
CA ASP A 48 -7.55 2.94 11.34
C ASP A 48 -7.74 1.50 11.83
N VAL A 49 -9.00 1.13 12.02
CA VAL A 49 -9.33 -0.20 12.48
C VAL A 49 -9.15 -1.20 11.34
N ALA A 50 -9.96 -1.01 10.31
CA ALA A 50 -9.90 -1.88 9.14
C ALA A 50 -8.44 -2.09 8.74
N VAL A 51 -7.66 -1.03 8.92
CA VAL A 51 -6.25 -1.08 8.58
C VAL A 51 -5.56 -2.12 9.46
N GLU A 52 -5.89 -2.07 10.74
CA GLU A 52 -5.30 -3.00 11.70
C GLU A 52 -5.78 -4.42 11.42
N GLN A 53 -7.02 -4.53 10.95
CA GLN A 53 -7.61 -5.81 10.64
C GLN A 53 -6.93 -6.43 9.41
N PHE A 54 -6.57 -5.55 8.48
CA PHE A 54 -5.92 -5.99 7.26
C PHE A 54 -4.52 -6.52 7.54
N CYS A 55 -3.77 -5.74 8.30
CA CYS A 55 -2.42 -6.11 8.66
C CYS A 55 -2.47 -7.43 9.43
N ALA A 56 -3.40 -7.50 10.36
CA ALA A 56 -3.57 -8.70 11.16
C ALA A 56 -3.74 -9.92 10.23
N GLU A 57 -4.12 -9.63 9.00
CA GLU A 57 -4.32 -10.68 8.01
C GLU A 57 -3.09 -10.80 7.12
N THR A 58 -2.92 -9.79 6.28
CA THR A 58 -1.79 -9.78 5.36
C THR A 58 -0.47 -9.66 6.12
N GLY A 59 -0.41 -8.65 6.99
CA GLY A 59 0.78 -8.43 7.79
C GLY A 59 1.49 -7.14 7.36
N VAL A 60 0.86 -6.43 6.44
CA VAL A 60 1.42 -5.20 5.93
C VAL A 60 1.31 -4.11 7.01
N ARG A 61 2.36 -3.30 7.09
CA ARG A 61 2.39 -2.22 8.07
C ARG A 61 1.61 -1.01 7.56
N ARG A 62 0.78 -0.48 8.44
CA ARG A 62 -0.02 0.69 8.08
C ARG A 62 0.78 1.66 7.23
N GLN A 63 1.99 1.95 7.69
CA GLN A 63 2.87 2.85 6.98
C GLN A 63 3.17 2.31 5.58
N VAL A 64 3.49 1.03 5.53
CA VAL A 64 3.80 0.37 4.28
C VAL A 64 2.55 0.35 3.40
N LEU A 65 1.44 -0.04 4.01
CA LEU A 65 0.18 -0.11 3.29
C LEU A 65 -0.20 1.29 2.80
N LYS A 66 -0.21 2.23 3.74
CA LYS A 66 -0.56 3.60 3.42
C LYS A 66 0.33 4.09 2.27
N ILE A 67 1.63 3.98 2.48
CA ILE A 67 2.58 4.39 1.47
C ILE A 67 2.38 3.57 0.20
N TRP A 68 2.05 2.31 0.40
CA TRP A 68 1.82 1.40 -0.71
C TRP A 68 0.72 1.98 -1.58
N MET A 69 -0.34 2.44 -0.90
CA MET A 69 -1.46 3.03 -1.60
C MET A 69 -1.07 4.32 -2.33
N HIS A 70 -0.46 5.22 -1.57
CA HIS A 70 -0.02 6.48 -2.14
C HIS A 70 0.95 6.23 -3.30
N ASN A 71 1.60 5.07 -3.24
CA ASN A 71 2.55 4.69 -4.26
C ASN A 71 1.79 4.13 -5.47
N ASN A 72 0.53 3.81 -5.23
CA ASN A 72 -0.32 3.26 -6.29
C ASN A 72 -1.16 4.39 -6.90
N LYS A 73 -2.11 4.85 -6.10
CA LYS A 73 -2.99 5.92 -6.55
C LYS A 73 -2.17 6.97 -7.31
N ASN A 74 -1.03 7.30 -6.74
CA ASN A 74 -0.15 8.29 -7.34
C ASN A 74 -0.99 9.45 -7.89
N SER A 75 -1.39 10.32 -7.00
CA SER A 75 -2.20 11.48 -7.37
C SER A 75 -2.29 12.45 -6.20
N GLY A 76 -3.12 13.47 -6.39
CA GLY A 76 -3.31 14.49 -5.36
C GLY A 76 -3.14 15.89 -5.94
N PRO A 77 -4.16 16.75 -5.68
CA PRO A 77 -4.13 18.12 -6.17
C PRO A 77 -3.16 18.97 -5.34
N SER A 78 -1.89 18.61 -5.42
CA SER A 78 -0.86 19.33 -4.70
C SER A 78 0.09 20.01 -5.67
N SER A 79 0.16 21.33 -5.56
CA SER A 79 1.03 22.12 -6.42
C SER A 79 0.91 21.63 -7.86
N GLY A 80 -0.08 22.17 -8.57
CA GLY A 80 -0.31 21.79 -9.94
C GLY A 80 0.64 22.55 -10.88
N GLY A 1 25.67 2.89 -19.51
CA GLY A 1 25.82 4.33 -19.59
C GLY A 1 24.85 5.04 -18.63
N SER A 2 25.36 6.09 -18.00
CA SER A 2 24.56 6.86 -17.06
C SER A 2 24.24 6.00 -15.83
N SER A 3 23.33 5.06 -16.02
CA SER A 3 22.93 4.17 -14.94
C SER A 3 22.15 4.96 -13.89
N GLY A 4 21.54 4.21 -12.98
CA GLY A 4 20.75 4.82 -11.91
C GLY A 4 21.62 5.76 -11.07
N SER A 5 21.37 7.05 -11.22
CA SER A 5 22.11 8.06 -10.48
C SER A 5 21.21 9.25 -10.17
N SER A 6 20.53 9.72 -11.21
CA SER A 6 19.64 10.86 -11.06
C SER A 6 18.23 10.47 -11.52
N GLY A 7 17.25 11.17 -10.96
CA GLY A 7 15.86 10.91 -11.31
C GLY A 7 14.94 11.25 -10.13
N SER A 8 14.93 10.35 -9.16
CA SER A 8 14.11 10.54 -7.97
C SER A 8 14.88 10.13 -6.72
N ASN A 9 15.59 11.11 -6.15
CA ASN A 9 16.37 10.87 -4.96
C ASN A 9 16.09 11.97 -3.94
N PRO A 10 15.92 11.54 -2.67
CA PRO A 10 15.64 12.48 -1.58
C PRO A 10 16.90 13.24 -1.19
N SER A 11 16.72 14.18 -0.28
CA SER A 11 17.83 15.00 0.20
C SER A 11 18.92 14.09 0.78
N SER A 12 18.51 13.26 1.72
CA SER A 12 19.44 12.34 2.37
C SER A 12 20.48 13.13 3.17
N SER A 13 20.97 12.51 4.23
CA SER A 13 21.96 13.13 5.08
C SER A 13 23.36 12.66 4.68
N GLY A 14 23.55 11.34 4.74
CA GLY A 14 24.83 10.76 4.38
C GLY A 14 24.66 9.66 3.34
N GLY A 15 24.76 8.42 3.82
CA GLY A 15 24.62 7.27 2.93
C GLY A 15 23.16 6.88 2.77
N THR A 16 22.83 5.70 3.28
CA THR A 16 21.46 5.21 3.20
C THR A 16 20.59 5.87 4.26
N THR A 17 19.28 5.77 4.05
CA THR A 17 18.33 6.36 4.98
C THR A 17 16.90 5.94 4.61
N LYS A 18 16.34 5.10 5.47
CA LYS A 18 14.98 4.61 5.26
C LYS A 18 14.85 4.11 3.82
N ARG A 19 13.63 3.76 3.46
CA ARG A 19 13.34 3.28 2.12
C ARG A 19 14.04 1.93 1.89
N PHE A 20 13.35 0.87 2.27
CA PHE A 20 13.88 -0.48 2.11
C PHE A 20 13.01 -1.30 1.17
N ARG A 21 13.68 -2.00 0.26
CA ARG A 21 12.98 -2.84 -0.70
C ARG A 21 12.12 -3.87 0.02
N THR A 22 10.82 -3.61 0.02
CA THR A 22 9.87 -4.51 0.67
C THR A 22 9.43 -5.61 -0.30
N LYS A 23 9.19 -6.78 0.26
CA LYS A 23 8.76 -7.92 -0.53
C LYS A 23 7.45 -8.48 0.03
N PHE A 24 6.43 -8.49 -0.81
CA PHE A 24 5.14 -9.00 -0.40
C PHE A 24 4.65 -10.12 -1.33
N THR A 25 3.57 -10.76 -0.93
CA THR A 25 3.00 -11.83 -1.72
C THR A 25 1.82 -11.33 -2.54
N ALA A 26 1.62 -11.96 -3.69
CA ALA A 26 0.54 -11.59 -4.57
C ALA A 26 -0.70 -11.28 -3.75
N GLU A 27 -1.11 -12.25 -2.95
CA GLU A 27 -2.27 -12.09 -2.10
C GLU A 27 -2.34 -10.66 -1.54
N GLN A 28 -1.26 -10.29 -0.86
CA GLN A 28 -1.17 -8.96 -0.27
C GLN A 28 -1.54 -7.90 -1.30
N LYS A 29 -0.81 -7.91 -2.40
CA LYS A 29 -1.04 -6.94 -3.46
C LYS A 29 -2.52 -6.94 -3.82
N GLU A 30 -3.04 -8.13 -4.08
CA GLU A 30 -4.44 -8.29 -4.43
C GLU A 30 -5.33 -7.71 -3.33
N LYS A 31 -5.12 -8.19 -2.12
CA LYS A 31 -5.89 -7.73 -0.99
C LYS A 31 -5.85 -6.19 -0.94
N MET A 32 -4.64 -5.66 -0.99
CA MET A 32 -4.45 -4.22 -0.96
C MET A 32 -5.17 -3.55 -2.13
N LEU A 33 -4.93 -4.10 -3.32
CA LEU A 33 -5.54 -3.56 -4.52
C LEU A 33 -7.01 -3.26 -4.25
N ALA A 34 -7.67 -4.22 -3.63
CA ALA A 34 -9.09 -4.07 -3.31
C ALA A 34 -9.23 -3.19 -2.06
N PHE A 35 -8.61 -3.64 -0.98
CA PHE A 35 -8.65 -2.91 0.27
C PHE A 35 -8.61 -1.40 0.02
N ALA A 36 -7.60 -0.99 -0.73
CA ALA A 36 -7.43 0.42 -1.05
C ALA A 36 -8.66 0.92 -1.80
N GLU A 37 -9.02 0.21 -2.85
CA GLU A 37 -10.17 0.57 -3.65
C GLU A 37 -11.38 0.85 -2.76
N ARG A 38 -11.41 0.16 -1.62
CA ARG A 38 -12.49 0.33 -0.67
C ARG A 38 -12.31 1.63 0.11
N LEU A 39 -11.13 1.77 0.69
CA LEU A 39 -10.82 2.97 1.48
C LEU A 39 -10.68 4.16 0.53
N GLY A 40 -10.67 3.86 -0.76
CA GLY A 40 -10.55 4.90 -1.76
C GLY A 40 -9.09 5.35 -1.93
N TRP A 41 -8.19 4.42 -1.60
CA TRP A 41 -6.77 4.70 -1.70
C TRP A 41 -6.43 5.77 -0.66
N ARG A 42 -7.18 5.77 0.42
CA ARG A 42 -6.97 6.74 1.49
C ARG A 42 -7.29 6.10 2.84
N ILE A 43 -6.51 6.50 3.84
CA ILE A 43 -6.70 5.97 5.19
C ILE A 43 -7.01 7.14 6.14
N GLN A 44 -8.17 7.05 6.77
CA GLN A 44 -8.59 8.08 7.70
C GLN A 44 -8.78 7.49 9.10
N LYS A 45 -9.27 8.32 10.00
CA LYS A 45 -9.50 7.90 11.37
C LYS A 45 -10.46 6.71 11.38
N HIS A 46 -11.43 6.77 10.47
CA HIS A 46 -12.42 5.72 10.37
C HIS A 46 -11.74 4.42 9.90
N ASP A 47 -10.69 4.59 9.12
CA ASP A 47 -9.95 3.45 8.61
C ASP A 47 -8.80 3.12 9.56
N ASP A 48 -9.16 2.93 10.82
CA ASP A 48 -8.18 2.59 11.84
C ASP A 48 -8.12 1.08 12.02
N VAL A 49 -9.23 0.53 12.50
CA VAL A 49 -9.33 -0.90 12.71
C VAL A 49 -9.21 -1.63 11.38
N ALA A 50 -9.96 -1.14 10.40
CA ALA A 50 -9.95 -1.73 9.07
C ALA A 50 -8.51 -1.94 8.63
N VAL A 51 -7.65 -1.03 9.05
CA VAL A 51 -6.24 -1.10 8.70
C VAL A 51 -5.57 -2.19 9.53
N GLU A 52 -5.81 -2.13 10.83
CA GLU A 52 -5.24 -3.11 11.74
C GLU A 52 -5.72 -4.52 11.39
N GLN A 53 -7.00 -4.61 11.07
CA GLN A 53 -7.60 -5.88 10.71
C GLN A 53 -6.90 -6.47 9.47
N PHE A 54 -6.63 -5.58 8.52
CA PHE A 54 -5.98 -5.99 7.29
C PHE A 54 -4.57 -6.54 7.57
N CYS A 55 -3.82 -5.78 8.37
CA CYS A 55 -2.48 -6.18 8.72
C CYS A 55 -2.54 -7.53 9.42
N ALA A 56 -3.44 -7.63 10.38
CA ALA A 56 -3.62 -8.86 11.13
C ALA A 56 -3.72 -10.04 10.15
N GLU A 57 -4.20 -9.73 8.96
CA GLU A 57 -4.35 -10.74 7.93
C GLU A 57 -3.09 -10.82 7.07
N THR A 58 -2.92 -9.82 6.22
CA THR A 58 -1.76 -9.76 5.35
C THR A 58 -0.48 -9.61 6.16
N GLY A 59 -0.45 -8.57 6.98
CA GLY A 59 0.70 -8.30 7.82
C GLY A 59 1.43 -7.04 7.36
N VAL A 60 0.77 -6.31 6.46
CA VAL A 60 1.33 -5.07 5.94
C VAL A 60 1.24 -3.98 7.00
N ARG A 61 2.33 -3.24 7.14
CA ARG A 61 2.38 -2.15 8.11
C ARG A 61 1.62 -0.93 7.59
N ARG A 62 0.77 -0.38 8.45
CA ARG A 62 -0.01 0.78 8.08
C ARG A 62 0.82 1.74 7.23
N GLN A 63 2.02 2.01 7.71
CA GLN A 63 2.93 2.91 7.00
C GLN A 63 3.23 2.37 5.61
N VAL A 64 3.51 1.08 5.56
CA VAL A 64 3.82 0.43 4.30
C VAL A 64 2.58 0.42 3.41
N LEU A 65 1.46 0.03 4.01
CA LEU A 65 0.20 -0.02 3.29
C LEU A 65 -0.16 1.39 2.81
N LYS A 66 -0.20 2.31 3.76
CA LYS A 66 -0.53 3.69 3.45
C LYS A 66 0.35 4.17 2.29
N ILE A 67 1.65 4.03 2.48
CA ILE A 67 2.60 4.43 1.46
C ILE A 67 2.38 3.62 0.19
N TRP A 68 2.14 2.34 0.38
CA TRP A 68 1.90 1.45 -0.74
C TRP A 68 0.83 2.08 -1.64
N MET A 69 -0.31 2.36 -1.03
CA MET A 69 -1.41 2.96 -1.76
C MET A 69 -0.97 4.24 -2.47
N HIS A 70 -0.29 5.09 -1.72
CA HIS A 70 0.20 6.35 -2.25
C HIS A 70 1.14 6.07 -3.43
N ASN A 71 1.65 4.84 -3.46
CA ASN A 71 2.56 4.44 -4.52
C ASN A 71 1.78 3.66 -5.58
N ASN A 72 0.50 3.94 -5.66
CA ASN A 72 -0.37 3.28 -6.62
C ASN A 72 -1.32 4.30 -7.23
N LYS A 73 -2.06 4.97 -6.36
CA LYS A 73 -3.02 5.97 -6.79
C LYS A 73 -2.32 6.96 -7.74
N ASN A 74 -2.99 7.25 -8.85
CA ASN A 74 -2.45 8.17 -9.83
C ASN A 74 -1.12 7.63 -10.35
N SER A 75 -0.77 8.06 -11.55
CA SER A 75 0.48 7.62 -12.16
C SER A 75 1.64 8.47 -11.64
N GLY A 76 1.69 9.70 -12.11
CA GLY A 76 2.75 10.62 -11.69
C GLY A 76 2.17 11.99 -11.33
N PRO A 77 2.90 12.70 -10.44
CA PRO A 77 2.48 14.02 -9.99
C PRO A 77 2.74 15.07 -11.08
N SER A 78 1.96 14.96 -12.15
CA SER A 78 2.09 15.89 -13.26
C SER A 78 0.86 16.80 -13.33
N SER A 79 1.04 18.02 -12.84
CA SER A 79 -0.04 18.99 -12.84
C SER A 79 -0.01 19.81 -14.14
N GLY A 80 -1.19 20.13 -14.63
CA GLY A 80 -1.31 20.91 -15.85
C GLY A 80 -1.66 22.36 -15.54
N GLY A 1 22.14 -7.60 13.33
CA GLY A 1 22.29 -6.29 13.96
C GLY A 1 22.68 -5.24 12.91
N SER A 2 21.90 -4.16 12.90
CA SER A 2 22.15 -3.08 11.96
C SER A 2 21.85 -1.73 12.63
N SER A 3 22.44 -0.68 12.07
CA SER A 3 22.24 0.65 12.59
C SER A 3 21.39 1.48 11.62
N GLY A 4 20.45 2.22 12.20
CA GLY A 4 19.56 3.05 11.40
C GLY A 4 19.44 4.45 12.00
N SER A 5 18.22 4.80 12.39
CA SER A 5 17.96 6.09 12.98
C SER A 5 18.32 6.08 14.47
N SER A 6 19.23 6.99 14.83
CA SER A 6 19.67 7.08 16.21
C SER A 6 20.66 8.22 16.36
N GLY A 7 21.76 8.10 15.61
CA GLY A 7 22.80 9.11 15.66
C GLY A 7 24.15 8.53 15.22
N SER A 8 24.34 8.43 13.92
CA SER A 8 25.57 7.88 13.37
C SER A 8 25.76 8.37 11.93
N ASN A 9 24.78 8.05 11.11
CA ASN A 9 24.81 8.44 9.70
C ASN A 9 23.95 9.67 9.50
N PRO A 10 24.64 10.82 9.25
CA PRO A 10 23.95 12.08 9.02
C PRO A 10 23.30 12.12 7.64
N SER A 11 22.02 11.78 7.60
CA SER A 11 21.28 11.77 6.35
C SER A 11 20.41 13.01 6.26
N SER A 12 20.22 13.48 5.03
CA SER A 12 19.41 14.66 4.79
C SER A 12 18.00 14.45 5.33
N SER A 13 17.36 13.39 4.83
CA SER A 13 16.02 13.07 5.26
C SER A 13 16.06 12.18 6.50
N GLY A 14 16.71 11.04 6.36
CA GLY A 14 16.84 10.10 7.46
C GLY A 14 16.56 8.67 6.99
N GLY A 15 15.64 8.02 7.69
CA GLY A 15 15.28 6.66 7.36
C GLY A 15 14.68 6.57 5.94
N THR A 16 13.52 7.19 5.79
CA THR A 16 12.84 7.21 4.51
C THR A 16 13.59 8.10 3.51
N THR A 17 13.27 7.92 2.23
CA THR A 17 13.90 8.70 1.19
C THR A 17 13.18 8.48 -0.15
N LYS A 18 13.21 7.24 -0.60
CA LYS A 18 12.56 6.89 -1.86
C LYS A 18 12.75 5.39 -2.12
N ARG A 19 13.92 4.90 -1.75
CA ARG A 19 14.24 3.49 -1.94
C ARG A 19 13.66 2.66 -0.79
N PHE A 20 12.62 1.93 -1.10
CA PHE A 20 11.98 1.08 -0.10
C PHE A 20 12.43 -0.37 -0.24
N ARG A 21 12.36 -1.09 0.87
CA ARG A 21 12.76 -2.49 0.89
C ARG A 21 11.68 -3.34 1.56
N THR A 22 10.82 -3.93 0.74
CA THR A 22 9.74 -4.76 1.25
C THR A 22 9.36 -5.82 0.21
N LYS A 23 9.09 -7.01 0.70
CA LYS A 23 8.70 -8.12 -0.16
C LYS A 23 7.38 -8.70 0.31
N PHE A 24 6.40 -8.67 -0.59
CA PHE A 24 5.07 -9.18 -0.27
C PHE A 24 4.67 -10.28 -1.26
N THR A 25 3.50 -10.86 -1.01
CA THR A 25 2.99 -11.91 -1.86
C THR A 25 1.78 -11.41 -2.68
N ALA A 26 1.57 -12.05 -3.81
CA ALA A 26 0.47 -11.68 -4.68
C ALA A 26 -0.76 -11.34 -3.83
N GLU A 27 -1.16 -12.32 -3.03
CA GLU A 27 -2.32 -12.14 -2.16
C GLU A 27 -2.35 -10.71 -1.61
N GLN A 28 -1.28 -10.35 -0.94
CA GLN A 28 -1.18 -9.02 -0.36
C GLN A 28 -1.46 -7.95 -1.42
N LYS A 29 -0.67 -8.01 -2.48
CA LYS A 29 -0.82 -7.05 -3.57
C LYS A 29 -2.30 -6.99 -3.98
N GLU A 30 -2.90 -8.16 -4.09
CA GLU A 30 -4.31 -8.25 -4.47
C GLU A 30 -5.19 -7.65 -3.38
N LYS A 31 -5.03 -8.20 -2.17
CA LYS A 31 -5.80 -7.74 -1.03
C LYS A 31 -5.77 -6.21 -0.98
N MET A 32 -4.57 -5.66 -1.07
CA MET A 32 -4.40 -4.23 -1.04
C MET A 32 -5.14 -3.56 -2.19
N LEU A 33 -4.90 -4.07 -3.39
CA LEU A 33 -5.53 -3.54 -4.58
C LEU A 33 -7.01 -3.27 -4.28
N ALA A 34 -7.64 -4.24 -3.64
CA ALA A 34 -9.05 -4.12 -3.29
C ALA A 34 -9.18 -3.26 -2.03
N PHE A 35 -8.54 -3.73 -0.97
CA PHE A 35 -8.58 -3.02 0.30
C PHE A 35 -8.55 -1.51 0.09
N ALA A 36 -7.59 -1.08 -0.71
CA ALA A 36 -7.43 0.34 -1.01
C ALA A 36 -8.68 0.84 -1.74
N GLU A 37 -8.97 0.21 -2.86
CA GLU A 37 -10.13 0.58 -3.66
C GLU A 37 -11.35 0.78 -2.75
N ARG A 38 -11.39 -0.01 -1.69
CA ARG A 38 -12.49 0.07 -0.73
C ARG A 38 -12.36 1.32 0.13
N LEU A 39 -11.17 1.49 0.69
CA LEU A 39 -10.89 2.64 1.54
C LEU A 39 -10.77 3.89 0.67
N GLY A 40 -10.81 3.68 -0.64
CA GLY A 40 -10.70 4.78 -1.57
C GLY A 40 -9.26 5.25 -1.70
N TRP A 41 -8.34 4.34 -1.41
CA TRP A 41 -6.92 4.65 -1.48
C TRP A 41 -6.60 5.68 -0.39
N ARG A 42 -7.39 5.63 0.67
CA ARG A 42 -7.21 6.54 1.79
C ARG A 42 -7.54 5.85 3.10
N ILE A 43 -6.76 6.19 4.13
CA ILE A 43 -6.96 5.61 5.44
C ILE A 43 -7.35 6.72 6.43
N GLN A 44 -8.63 6.71 6.81
CA GLN A 44 -9.13 7.70 7.74
C GLN A 44 -8.88 7.24 9.18
N LYS A 45 -9.48 7.98 10.11
CA LYS A 45 -9.34 7.67 11.52
C LYS A 45 -9.98 6.31 11.81
N HIS A 46 -11.18 6.14 11.27
CA HIS A 46 -11.91 4.90 11.46
C HIS A 46 -11.18 3.76 10.76
N ASP A 47 -10.68 4.06 9.56
CA ASP A 47 -9.96 3.07 8.78
C ASP A 47 -8.79 2.54 9.60
N ASP A 48 -8.33 3.36 10.54
CA ASP A 48 -7.23 2.98 11.40
C ASP A 48 -7.46 1.55 11.92
N VAL A 49 -8.73 1.21 12.07
CA VAL A 49 -9.10 -0.11 12.55
C VAL A 49 -9.04 -1.10 11.40
N ALA A 50 -9.74 -0.76 10.33
CA ALA A 50 -9.79 -1.62 9.16
C ALA A 50 -8.36 -2.00 8.75
N VAL A 51 -7.45 -1.06 8.94
CA VAL A 51 -6.06 -1.28 8.61
C VAL A 51 -5.48 -2.35 9.54
N GLU A 52 -5.80 -2.20 10.82
CA GLU A 52 -5.32 -3.12 11.82
C GLU A 52 -5.93 -4.51 11.60
N GLN A 53 -7.16 -4.51 11.09
CA GLN A 53 -7.86 -5.75 10.82
C GLN A 53 -7.32 -6.40 9.55
N PHE A 54 -6.88 -5.55 8.62
CA PHE A 54 -6.35 -6.03 7.36
C PHE A 54 -4.92 -6.55 7.55
N CYS A 55 -4.17 -5.85 8.38
CA CYS A 55 -2.80 -6.23 8.65
C CYS A 55 -2.80 -7.59 9.36
N ALA A 56 -3.71 -7.72 10.30
CA ALA A 56 -3.83 -8.96 11.06
C ALA A 56 -3.92 -10.14 10.09
N GLU A 57 -4.36 -9.84 8.88
CA GLU A 57 -4.49 -10.86 7.86
C GLU A 57 -3.24 -10.89 6.97
N THR A 58 -3.10 -9.84 6.18
CA THR A 58 -1.96 -9.74 5.28
C THR A 58 -0.66 -9.60 6.09
N GLY A 59 -0.65 -8.59 6.95
CA GLY A 59 0.52 -8.33 7.77
C GLY A 59 1.23 -7.05 7.33
N VAL A 60 0.59 -6.33 6.43
CA VAL A 60 1.15 -5.09 5.92
C VAL A 60 1.08 -4.02 7.01
N ARG A 61 2.12 -3.20 7.06
CA ARG A 61 2.18 -2.13 8.04
C ARG A 61 1.42 -0.90 7.56
N ARG A 62 0.61 -0.35 8.45
CA ARG A 62 -0.18 0.82 8.13
C ARG A 62 0.63 1.78 7.25
N GLN A 63 1.84 2.04 7.68
CA GLN A 63 2.72 2.95 6.95
C GLN A 63 3.04 2.37 5.58
N VAL A 64 3.30 1.07 5.55
CA VAL A 64 3.61 0.39 4.32
C VAL A 64 2.38 0.36 3.41
N LEU A 65 1.26 -0.03 4.01
CA LEU A 65 0.01 -0.09 3.29
C LEU A 65 -0.34 1.29 2.75
N LYS A 66 -0.21 2.29 3.62
CA LYS A 66 -0.51 3.65 3.24
C LYS A 66 0.44 4.08 2.12
N ILE A 67 1.73 3.96 2.39
CA ILE A 67 2.73 4.33 1.41
C ILE A 67 2.55 3.49 0.15
N TRP A 68 2.00 2.31 0.34
CA TRP A 68 1.76 1.39 -0.76
C TRP A 68 0.61 1.96 -1.60
N MET A 69 -0.40 2.45 -0.90
CA MET A 69 -1.56 3.02 -1.56
C MET A 69 -1.21 4.31 -2.29
N HIS A 70 -0.46 5.16 -1.58
CA HIS A 70 -0.05 6.44 -2.14
C HIS A 70 0.86 6.19 -3.35
N ASN A 71 1.71 5.19 -3.22
CA ASN A 71 2.64 4.83 -4.28
C ASN A 71 1.85 4.35 -5.50
N ASN A 72 0.66 3.83 -5.23
CA ASN A 72 -0.20 3.34 -6.30
C ASN A 72 -1.03 4.49 -6.85
N LYS A 73 -1.75 5.14 -5.94
CA LYS A 73 -2.60 6.26 -6.32
C LYS A 73 -1.80 7.21 -7.22
N ASN A 74 -0.54 7.40 -6.86
CA ASN A 74 0.33 8.28 -7.63
C ASN A 74 1.69 7.59 -7.81
N SER A 75 2.07 7.43 -9.07
CA SER A 75 3.34 6.80 -9.39
C SER A 75 4.43 7.86 -9.52
N GLY A 76 4.36 8.62 -10.62
CA GLY A 76 5.32 9.66 -10.87
C GLY A 76 5.72 10.37 -9.56
N PRO A 77 7.06 10.42 -9.33
CA PRO A 77 7.58 11.06 -8.13
C PRO A 77 7.51 12.59 -8.24
N SER A 78 8.04 13.09 -9.35
CA SER A 78 8.04 14.53 -9.59
C SER A 78 8.88 15.24 -8.54
N SER A 79 9.10 16.52 -8.77
CA SER A 79 9.89 17.32 -7.85
C SER A 79 9.67 18.81 -8.13
N GLY A 80 10.53 19.35 -8.99
CA GLY A 80 10.44 20.75 -9.34
C GLY A 80 9.21 21.02 -10.21
N GLY A 1 16.98 -31.43 12.09
CA GLY A 1 15.97 -30.47 12.50
C GLY A 1 16.22 -29.10 11.87
N SER A 2 17.34 -28.52 12.23
CA SER A 2 17.73 -27.22 11.71
C SER A 2 18.33 -27.37 10.32
N SER A 3 18.15 -26.33 9.50
CA SER A 3 18.68 -26.34 8.15
C SER A 3 18.93 -24.91 7.68
N GLY A 4 17.88 -24.11 7.71
CA GLY A 4 17.99 -22.72 7.29
C GLY A 4 17.37 -22.52 5.91
N SER A 5 18.08 -21.75 5.09
CA SER A 5 17.61 -21.47 3.74
C SER A 5 16.23 -20.81 3.79
N SER A 6 16.22 -19.51 3.48
CA SER A 6 14.98 -18.76 3.47
C SER A 6 15.01 -17.72 2.35
N GLY A 7 13.85 -17.53 1.74
CA GLY A 7 13.72 -16.57 0.66
C GLY A 7 13.89 -17.24 -0.70
N SER A 8 14.28 -16.45 -1.69
CA SER A 8 14.47 -16.96 -3.03
C SER A 8 15.49 -16.08 -3.78
N ASN A 9 16.75 -16.36 -3.53
CA ASN A 9 17.83 -15.62 -4.18
C ASN A 9 18.74 -16.59 -4.92
N PRO A 10 18.54 -16.65 -6.26
CA PRO A 10 19.34 -17.52 -7.11
C PRO A 10 20.74 -16.96 -7.31
N SER A 11 20.79 -15.68 -7.67
CA SER A 11 22.06 -15.00 -7.89
C SER A 11 21.83 -13.51 -8.10
N SER A 12 21.01 -13.20 -9.10
CA SER A 12 20.70 -11.82 -9.41
C SER A 12 19.51 -11.76 -10.37
N SER A 13 18.69 -10.73 -10.18
CA SER A 13 17.51 -10.54 -11.01
C SER A 13 17.76 -9.40 -12.01
N GLY A 14 18.02 -8.23 -11.45
CA GLY A 14 18.27 -7.06 -12.28
C GLY A 14 17.46 -5.86 -11.79
N GLY A 15 18.18 -4.81 -11.38
CA GLY A 15 17.53 -3.61 -10.88
C GLY A 15 18.05 -3.24 -9.49
N THR A 16 17.34 -3.72 -8.49
CA THR A 16 17.71 -3.45 -7.11
C THR A 16 18.69 -4.53 -6.60
N THR A 17 19.36 -4.20 -5.51
CA THR A 17 20.32 -5.11 -4.92
C THR A 17 20.74 -4.62 -3.53
N LYS A 18 21.12 -3.34 -3.48
CA LYS A 18 21.54 -2.75 -2.23
C LYS A 18 20.62 -1.58 -1.89
N ARG A 19 19.32 -1.83 -2.06
CA ARG A 19 18.32 -0.81 -1.77
C ARG A 19 17.12 -1.42 -1.05
N PHE A 20 16.29 -0.56 -0.52
CA PHE A 20 15.10 -1.00 0.19
C PHE A 20 13.90 -1.10 -0.75
N ARG A 21 13.51 -2.34 -1.04
CA ARG A 21 12.39 -2.57 -1.92
C ARG A 21 11.46 -3.64 -1.33
N THR A 22 10.50 -3.17 -0.55
CA THR A 22 9.55 -4.08 0.09
C THR A 22 9.19 -5.22 -0.85
N LYS A 23 9.00 -6.40 -0.26
CA LYS A 23 8.66 -7.58 -1.03
C LYS A 23 7.37 -8.19 -0.48
N PHE A 24 6.35 -8.22 -1.32
CA PHE A 24 5.07 -8.77 -0.92
C PHE A 24 4.64 -9.89 -1.87
N THR A 25 3.54 -10.54 -1.51
CA THR A 25 3.02 -11.63 -2.32
C THR A 25 1.72 -11.20 -3.00
N ALA A 26 1.41 -11.90 -4.09
CA ALA A 26 0.20 -11.61 -4.84
C ALA A 26 -0.94 -11.29 -3.87
N GLU A 27 -1.15 -12.21 -2.94
CA GLU A 27 -2.21 -12.04 -1.96
C GLU A 27 -2.25 -10.58 -1.47
N GLN A 28 -1.17 -10.18 -0.82
CA GLN A 28 -1.07 -8.82 -0.30
C GLN A 28 -1.42 -7.81 -1.39
N LYS A 29 -0.80 -7.99 -2.55
CA LYS A 29 -1.04 -7.11 -3.68
C LYS A 29 -2.53 -7.08 -3.99
N GLU A 30 -3.10 -8.27 -4.12
CA GLU A 30 -4.52 -8.40 -4.41
C GLU A 30 -5.35 -7.77 -3.30
N LYS A 31 -5.14 -8.27 -2.08
CA LYS A 31 -5.86 -7.76 -0.94
C LYS A 31 -5.78 -6.23 -0.91
N MET A 32 -4.56 -5.73 -0.98
CA MET A 32 -4.34 -4.30 -0.97
C MET A 32 -5.05 -3.63 -2.14
N LEU A 33 -4.87 -4.20 -3.33
CA LEU A 33 -5.49 -3.67 -4.53
C LEU A 33 -6.95 -3.35 -4.23
N ALA A 34 -7.61 -4.28 -3.56
CA ALA A 34 -9.01 -4.10 -3.22
C ALA A 34 -9.12 -3.21 -1.99
N PHE A 35 -8.47 -3.64 -0.91
CA PHE A 35 -8.47 -2.90 0.33
C PHE A 35 -8.41 -1.39 0.07
N ALA A 36 -7.37 -0.99 -0.66
CA ALA A 36 -7.19 0.41 -0.98
C ALA A 36 -8.42 0.92 -1.73
N GLU A 37 -8.84 0.14 -2.72
CA GLU A 37 -9.99 0.51 -3.51
C GLU A 37 -11.19 0.81 -2.61
N ARG A 38 -11.22 0.12 -1.48
CA ARG A 38 -12.31 0.31 -0.52
C ARG A 38 -12.10 1.60 0.27
N LEU A 39 -10.88 1.75 0.78
CA LEU A 39 -10.54 2.93 1.56
C LEU A 39 -10.33 4.12 0.61
N GLY A 40 -10.46 3.84 -0.68
CA GLY A 40 -10.28 4.87 -1.68
C GLY A 40 -8.83 5.30 -1.78
N TRP A 41 -7.93 4.39 -1.41
CA TRP A 41 -6.51 4.67 -1.45
C TRP A 41 -6.21 5.74 -0.41
N ARG A 42 -7.02 5.74 0.65
CA ARG A 42 -6.85 6.71 1.72
C ARG A 42 -7.22 6.07 3.07
N ILE A 43 -6.34 6.26 4.03
CA ILE A 43 -6.55 5.71 5.36
C ILE A 43 -6.93 6.84 6.32
N GLN A 44 -8.23 6.96 6.55
CA GLN A 44 -8.73 8.00 7.45
C GLN A 44 -8.83 7.47 8.88
N LYS A 45 -8.98 8.39 9.81
CA LYS A 45 -9.08 8.03 11.22
C LYS A 45 -10.07 6.87 11.36
N HIS A 46 -11.11 6.92 10.54
CA HIS A 46 -12.13 5.88 10.58
C HIS A 46 -11.51 4.54 10.18
N ASP A 47 -10.64 4.60 9.18
CA ASP A 47 -9.97 3.40 8.69
C ASP A 47 -8.82 3.05 9.64
N ASP A 48 -9.16 2.90 10.91
CA ASP A 48 -8.17 2.55 11.92
C ASP A 48 -8.16 1.05 12.13
N VAL A 49 -9.28 0.54 12.62
CA VAL A 49 -9.41 -0.89 12.87
C VAL A 49 -9.28 -1.65 11.55
N ALA A 50 -10.07 -1.21 10.58
CA ALA A 50 -10.05 -1.84 9.28
C ALA A 50 -8.60 -2.10 8.85
N VAL A 51 -7.74 -1.18 9.24
CA VAL A 51 -6.32 -1.29 8.91
C VAL A 51 -5.69 -2.38 9.78
N GLU A 52 -5.95 -2.27 11.08
CA GLU A 52 -5.40 -3.23 12.03
C GLU A 52 -5.92 -4.63 11.71
N GLN A 53 -7.16 -4.69 11.24
CA GLN A 53 -7.76 -5.96 10.89
C GLN A 53 -7.11 -6.55 9.65
N PHE A 54 -6.87 -5.68 8.68
CA PHE A 54 -6.24 -6.10 7.43
C PHE A 54 -4.82 -6.62 7.69
N CYS A 55 -4.03 -5.79 8.36
CA CYS A 55 -2.66 -6.16 8.67
C CYS A 55 -2.66 -7.50 9.40
N ALA A 56 -3.56 -7.60 10.38
CA ALA A 56 -3.67 -8.81 11.15
C ALA A 56 -3.81 -10.02 10.21
N GLU A 57 -4.28 -9.72 9.00
CA GLU A 57 -4.46 -10.76 7.99
C GLU A 57 -3.24 -10.83 7.08
N THR A 58 -3.10 -9.82 6.24
CA THR A 58 -1.98 -9.76 5.31
C THR A 58 -0.67 -9.60 6.07
N GLY A 59 -0.63 -8.59 6.92
CA GLY A 59 0.56 -8.32 7.71
C GLY A 59 1.24 -7.03 7.26
N VAL A 60 0.59 -6.34 6.34
CA VAL A 60 1.12 -5.10 5.81
C VAL A 60 1.00 -4.01 6.87
N ARG A 61 2.08 -3.25 7.02
CA ARG A 61 2.11 -2.17 8.00
C ARG A 61 1.39 -0.94 7.46
N ARG A 62 0.54 -0.38 8.30
CA ARG A 62 -0.22 0.80 7.92
C ARG A 62 0.64 1.75 7.09
N GLN A 63 1.81 2.07 7.65
CA GLN A 63 2.73 2.96 6.98
C GLN A 63 3.07 2.43 5.58
N VAL A 64 3.35 1.13 5.53
CA VAL A 64 3.70 0.49 4.27
C VAL A 64 2.48 0.53 3.34
N LEU A 65 1.35 0.10 3.87
CA LEU A 65 0.12 0.09 3.10
C LEU A 65 -0.21 1.51 2.63
N LYS A 66 -0.29 2.42 3.60
CA LYS A 66 -0.58 3.80 3.30
C LYS A 66 0.32 4.29 2.17
N ILE A 67 1.62 4.09 2.36
CA ILE A 67 2.59 4.49 1.37
C ILE A 67 2.37 3.70 0.09
N TRP A 68 2.08 2.42 0.26
CA TRP A 68 1.84 1.54 -0.87
C TRP A 68 0.79 2.20 -1.77
N MET A 69 -0.29 2.65 -1.13
CA MET A 69 -1.37 3.31 -1.85
C MET A 69 -0.84 4.49 -2.67
N HIS A 70 -0.14 5.38 -1.98
CA HIS A 70 0.41 6.55 -2.62
C HIS A 70 1.35 6.13 -3.74
N ASN A 71 1.84 4.90 -3.64
CA ASN A 71 2.75 4.36 -4.63
C ASN A 71 1.95 3.61 -5.69
N ASN A 72 0.69 4.01 -5.84
CA ASN A 72 -0.19 3.38 -6.80
C ASN A 72 -1.14 4.42 -7.37
N LYS A 73 -1.90 5.05 -6.48
CA LYS A 73 -2.86 6.07 -6.89
C LYS A 73 -2.22 6.94 -7.97
N ASN A 74 -3.03 7.25 -8.98
CA ASN A 74 -2.57 8.07 -10.08
C ASN A 74 -1.63 7.26 -10.96
N SER A 75 -0.54 6.80 -10.35
CA SER A 75 0.45 6.01 -11.06
C SER A 75 1.21 6.89 -12.06
N GLY A 76 2.27 6.33 -12.59
CA GLY A 76 3.09 7.05 -13.56
C GLY A 76 4.54 6.55 -13.53
N PRO A 77 5.49 7.54 -13.60
CA PRO A 77 6.90 7.21 -13.58
C PRO A 77 7.35 6.84 -12.17
N SER A 78 6.71 5.81 -11.63
CA SER A 78 7.05 5.35 -10.29
C SER A 78 6.79 3.84 -10.19
N SER A 79 7.75 3.16 -9.57
CA SER A 79 7.64 1.71 -9.39
C SER A 79 7.31 1.38 -7.94
N GLY A 80 6.02 1.15 -7.71
CA GLY A 80 5.56 0.81 -6.37
C GLY A 80 4.40 -0.18 -6.42
N GLY A 1 -39.06 -0.74 -21.81
CA GLY A 1 -38.93 0.11 -20.63
C GLY A 1 -38.07 1.34 -20.95
N SER A 2 -36.76 1.12 -20.97
CA SER A 2 -35.84 2.20 -21.25
C SER A 2 -35.98 3.31 -20.21
N SER A 3 -35.24 3.15 -19.12
CA SER A 3 -35.28 4.13 -18.05
C SER A 3 -34.08 3.91 -17.11
N GLY A 4 -33.29 4.97 -16.97
CA GLY A 4 -32.12 4.92 -16.11
C GLY A 4 -31.18 6.09 -16.39
N SER A 5 -30.17 5.82 -17.20
CA SER A 5 -29.19 6.83 -17.55
C SER A 5 -28.46 7.31 -16.31
N SER A 6 -27.46 6.53 -15.90
CA SER A 6 -26.68 6.86 -14.73
C SER A 6 -25.21 7.05 -15.11
N GLY A 7 -24.49 7.74 -14.24
CA GLY A 7 -23.07 8.00 -14.48
C GLY A 7 -22.20 6.95 -13.78
N SER A 8 -20.91 7.21 -13.77
CA SER A 8 -19.96 6.31 -13.14
C SER A 8 -18.58 6.96 -13.08
N ASN A 9 -17.71 6.37 -12.27
CA ASN A 9 -16.36 6.88 -12.11
C ASN A 9 -15.38 5.92 -12.79
N PRO A 10 -14.47 6.51 -13.62
CA PRO A 10 -13.48 5.73 -14.33
C PRO A 10 -12.38 5.26 -13.39
N SER A 11 -11.50 4.41 -13.92
CA SER A 11 -10.40 3.88 -13.15
C SER A 11 -9.36 4.98 -12.89
N SER A 12 -8.64 4.83 -11.80
CA SER A 12 -7.61 5.79 -11.44
C SER A 12 -6.32 5.51 -12.21
N SER A 13 -5.81 4.30 -12.01
CA SER A 13 -4.59 3.89 -12.67
C SER A 13 -3.41 4.70 -12.14
N GLY A 14 -2.74 4.14 -11.14
CA GLY A 14 -1.60 4.78 -10.53
C GLY A 14 -0.32 4.47 -11.30
N GLY A 15 0.81 4.73 -10.64
CA GLY A 15 2.10 4.47 -11.25
C GLY A 15 3.20 4.39 -10.18
N THR A 16 4.39 4.00 -10.63
CA THR A 16 5.52 3.87 -9.73
C THR A 16 6.59 4.90 -10.08
N THR A 17 7.50 5.12 -9.14
CA THR A 17 8.58 6.07 -9.35
C THR A 17 9.61 5.95 -8.23
N LYS A 18 10.68 5.24 -8.53
CA LYS A 18 11.75 5.04 -7.56
C LYS A 18 11.16 4.54 -6.24
N ARG A 19 12.01 4.42 -5.24
CA ARG A 19 11.58 3.97 -3.93
C ARG A 19 11.15 2.50 -4.00
N PHE A 20 12.13 1.63 -4.20
CA PHE A 20 11.86 0.21 -4.29
C PHE A 20 12.72 -0.58 -3.28
N ARG A 21 12.04 -1.23 -2.36
CA ARG A 21 12.71 -2.02 -1.35
C ARG A 21 11.69 -2.75 -0.47
N THR A 22 10.65 -3.25 -1.12
CA THR A 22 9.61 -3.97 -0.41
C THR A 22 9.30 -5.30 -1.12
N LYS A 23 9.02 -6.30 -0.31
CA LYS A 23 8.71 -7.62 -0.84
C LYS A 23 7.36 -8.08 -0.30
N PHE A 24 6.45 -8.36 -1.23
CA PHE A 24 5.11 -8.81 -0.86
C PHE A 24 4.68 -9.99 -1.72
N THR A 25 3.50 -10.51 -1.40
CA THR A 25 2.96 -11.65 -2.14
C THR A 25 1.68 -11.25 -2.88
N ALA A 26 1.42 -11.94 -3.97
CA ALA A 26 0.23 -11.68 -4.77
C ALA A 26 -0.95 -11.38 -3.84
N GLU A 27 -1.19 -12.31 -2.94
CA GLU A 27 -2.29 -12.16 -1.99
C GLU A 27 -2.32 -10.73 -1.45
N GLN A 28 -1.24 -10.34 -0.80
CA GLN A 28 -1.14 -9.01 -0.23
C GLN A 28 -1.44 -7.96 -1.31
N LYS A 29 -0.79 -8.11 -2.44
CA LYS A 29 -0.98 -7.19 -3.55
C LYS A 29 -2.46 -7.13 -3.91
N GLU A 30 -3.03 -8.31 -4.10
CA GLU A 30 -4.44 -8.41 -4.45
C GLU A 30 -5.31 -7.83 -3.33
N LYS A 31 -5.00 -8.25 -2.12
CA LYS A 31 -5.74 -7.79 -0.95
C LYS A 31 -5.70 -6.26 -0.90
N MET A 32 -4.50 -5.72 -1.07
CA MET A 32 -4.32 -4.29 -1.05
C MET A 32 -5.06 -3.62 -2.20
N LEU A 33 -4.91 -4.20 -3.38
CA LEU A 33 -5.56 -3.67 -4.56
C LEU A 33 -7.03 -3.39 -4.25
N ALA A 34 -7.66 -4.37 -3.64
CA ALA A 34 -9.06 -4.26 -3.28
C ALA A 34 -9.19 -3.35 -2.06
N PHE A 35 -8.51 -3.74 -0.99
CA PHE A 35 -8.54 -2.98 0.25
C PHE A 35 -8.59 -1.48 -0.03
N ALA A 36 -7.62 -1.03 -0.82
CA ALA A 36 -7.55 0.38 -1.17
C ALA A 36 -8.84 0.80 -1.87
N GLU A 37 -9.09 0.18 -3.01
CA GLU A 37 -10.28 0.48 -3.78
C GLU A 37 -11.48 0.67 -2.85
N ARG A 38 -11.42 0.01 -1.71
CA ARG A 38 -12.48 0.10 -0.73
C ARG A 38 -12.38 1.41 0.05
N LEU A 39 -11.17 1.66 0.55
CA LEU A 39 -10.92 2.87 1.32
C LEU A 39 -10.64 4.03 0.36
N GLY A 40 -10.80 3.74 -0.93
CA GLY A 40 -10.56 4.75 -1.95
C GLY A 40 -9.09 5.16 -1.99
N TRP A 41 -8.24 4.23 -1.59
CA TRP A 41 -6.80 4.48 -1.58
C TRP A 41 -6.53 5.52 -0.48
N ARG A 42 -7.51 5.68 0.41
CA ARG A 42 -7.37 6.63 1.49
C ARG A 42 -7.65 5.95 2.83
N ILE A 43 -6.98 6.44 3.86
CA ILE A 43 -7.15 5.89 5.19
C ILE A 43 -7.56 7.01 6.16
N GLN A 44 -8.65 6.77 6.86
CA GLN A 44 -9.16 7.74 7.82
C GLN A 44 -9.07 7.19 9.24
N LYS A 45 -9.65 7.94 10.17
CA LYS A 45 -9.63 7.52 11.56
C LYS A 45 -10.53 6.30 11.74
N HIS A 46 -11.42 6.11 10.78
CA HIS A 46 -12.33 4.99 10.81
C HIS A 46 -11.67 3.76 10.19
N ASP A 47 -10.77 4.03 9.25
CA ASP A 47 -10.05 2.96 8.57
C ASP A 47 -8.87 2.51 9.43
N ASP A 48 -8.56 3.34 10.43
CA ASP A 48 -7.46 3.04 11.33
C ASP A 48 -7.62 1.63 11.89
N VAL A 49 -8.86 1.19 11.91
CA VAL A 49 -9.17 -0.15 12.41
C VAL A 49 -9.07 -1.16 11.28
N ALA A 50 -9.76 -0.86 10.19
CA ALA A 50 -9.74 -1.74 9.03
C ALA A 50 -8.30 -1.99 8.61
N VAL A 51 -7.45 -1.01 8.86
CA VAL A 51 -6.05 -1.12 8.52
C VAL A 51 -5.36 -2.10 9.47
N GLU A 52 -5.76 -2.01 10.73
CA GLU A 52 -5.19 -2.89 11.75
C GLU A 52 -5.72 -4.31 11.58
N GLN A 53 -6.98 -4.40 11.17
CA GLN A 53 -7.61 -5.69 10.96
C GLN A 53 -7.04 -6.37 9.71
N PHE A 54 -6.78 -5.55 8.71
CA PHE A 54 -6.23 -6.05 7.46
C PHE A 54 -4.72 -6.26 7.56
N CYS A 55 -4.04 -5.25 8.08
CA CYS A 55 -2.60 -5.30 8.24
C CYS A 55 -2.25 -6.62 8.94
N ALA A 56 -3.21 -7.10 9.72
CA ALA A 56 -3.01 -8.35 10.45
C ALA A 56 -3.13 -9.53 9.48
N GLU A 57 -4.30 -9.65 8.90
CA GLU A 57 -4.56 -10.73 7.95
C GLU A 57 -3.41 -10.84 6.96
N THR A 58 -3.24 -9.78 6.17
CA THR A 58 -2.18 -9.75 5.18
C THR A 58 -0.81 -9.76 5.86
N GLY A 59 -0.64 -8.85 6.81
CA GLY A 59 0.60 -8.74 7.53
C GLY A 59 1.34 -7.45 7.17
N VAL A 60 0.75 -6.71 6.24
CA VAL A 60 1.34 -5.45 5.79
C VAL A 60 1.18 -4.41 6.89
N ARG A 61 2.19 -3.56 7.00
CA ARG A 61 2.18 -2.50 8.00
C ARG A 61 1.32 -1.34 7.53
N ARG A 62 0.84 -0.57 8.50
CA ARG A 62 -0.01 0.57 8.20
C ARG A 62 0.74 1.57 7.32
N GLN A 63 2.01 1.78 7.66
CA GLN A 63 2.84 2.69 6.90
C GLN A 63 3.13 2.13 5.51
N VAL A 64 3.40 0.83 5.48
CA VAL A 64 3.69 0.15 4.23
C VAL A 64 2.43 0.12 3.37
N LEU A 65 1.33 -0.29 4.00
CA LEU A 65 0.06 -0.39 3.31
C LEU A 65 -0.35 1.01 2.83
N LYS A 66 -0.14 1.99 3.69
CA LYS A 66 -0.49 3.37 3.37
C LYS A 66 0.45 3.88 2.28
N ILE A 67 1.74 3.72 2.52
CA ILE A 67 2.74 4.16 1.57
C ILE A 67 2.55 3.41 0.25
N TRP A 68 1.98 2.22 0.36
CA TRP A 68 1.74 1.39 -0.80
C TRP A 68 0.52 1.97 -1.55
N MET A 69 -0.47 2.37 -0.77
CA MET A 69 -1.68 2.93 -1.33
C MET A 69 -1.41 4.29 -1.97
N HIS A 70 -0.56 5.06 -1.32
CA HIS A 70 -0.20 6.37 -1.81
C HIS A 70 0.65 6.24 -3.08
N ASN A 71 1.69 5.43 -2.96
CA ASN A 71 2.59 5.20 -4.09
C ASN A 71 1.77 4.80 -5.31
N ASN A 72 0.60 4.22 -5.04
CA ASN A 72 -0.28 3.79 -6.11
C ASN A 72 -1.12 4.98 -6.59
N LYS A 73 -2.09 5.34 -5.78
CA LYS A 73 -2.96 6.46 -6.11
C LYS A 73 -2.13 7.60 -6.68
N ASN A 74 -2.71 8.30 -7.64
CA ASN A 74 -2.03 9.43 -8.27
C ASN A 74 -0.78 8.92 -8.98
N SER A 75 -0.55 9.48 -10.17
CA SER A 75 0.60 9.08 -10.95
C SER A 75 0.48 9.65 -12.38
N GLY A 76 1.38 9.22 -13.24
CA GLY A 76 1.38 9.67 -14.62
C GLY A 76 2.78 10.07 -15.06
N PRO A 77 2.83 11.07 -15.99
CA PRO A 77 4.09 11.56 -16.50
C PRO A 77 4.80 12.44 -15.47
N SER A 78 4.04 13.37 -14.92
CA SER A 78 4.57 14.28 -13.93
C SER A 78 4.67 13.58 -12.57
N SER A 79 5.84 13.70 -11.95
CA SER A 79 6.07 13.09 -10.66
C SER A 79 5.91 14.12 -9.55
N GLY A 80 6.72 15.18 -9.63
CA GLY A 80 6.67 16.23 -8.64
C GLY A 80 5.23 16.66 -8.37
N GLY A 1 -25.23 10.69 -20.17
CA GLY A 1 -23.79 10.48 -20.15
C GLY A 1 -23.45 9.03 -19.75
N SER A 2 -22.21 8.84 -19.37
CA SER A 2 -21.75 7.51 -18.96
C SER A 2 -21.11 7.60 -17.57
N SER A 3 -20.08 8.42 -17.47
CA SER A 3 -19.39 8.59 -16.20
C SER A 3 -18.88 7.25 -15.70
N GLY A 4 -17.73 6.84 -16.23
CA GLY A 4 -17.13 5.57 -15.85
C GLY A 4 -16.24 5.03 -16.96
N SER A 5 -15.11 5.70 -17.14
CA SER A 5 -14.16 5.29 -18.17
C SER A 5 -12.72 5.40 -17.63
N SER A 6 -12.14 4.24 -17.38
CA SER A 6 -10.78 4.18 -16.87
C SER A 6 -9.85 5.00 -17.77
N GLY A 7 -9.82 4.61 -19.04
CA GLY A 7 -8.97 5.29 -20.00
C GLY A 7 -7.56 4.71 -20.00
N SER A 8 -6.59 5.59 -20.20
CA SER A 8 -5.20 5.18 -20.23
C SER A 8 -4.50 5.62 -18.93
N ASN A 9 -4.33 4.65 -18.04
CA ASN A 9 -3.68 4.93 -16.76
C ASN A 9 -2.36 4.17 -16.70
N PRO A 10 -1.29 4.92 -16.32
CA PRO A 10 0.04 4.33 -16.22
C PRO A 10 0.16 3.47 -14.96
N SER A 11 1.17 2.61 -14.96
CA SER A 11 1.40 1.72 -13.83
C SER A 11 2.88 1.75 -13.45
N SER A 12 3.21 2.64 -12.52
CA SER A 12 4.58 2.76 -12.06
C SER A 12 4.60 3.23 -10.61
N SER A 13 5.01 2.32 -9.73
CA SER A 13 5.08 2.63 -8.32
C SER A 13 6.29 3.53 -8.03
N GLY A 14 6.13 4.80 -8.34
CA GLY A 14 7.20 5.76 -8.13
C GLY A 14 8.56 5.17 -8.52
N GLY A 15 9.50 5.27 -7.59
CA GLY A 15 10.84 4.75 -7.83
C GLY A 15 11.58 4.54 -6.51
N THR A 16 12.65 3.75 -6.59
CA THR A 16 13.45 3.46 -5.42
C THR A 16 14.69 4.35 -5.39
N THR A 17 15.30 4.42 -4.20
CA THR A 17 16.49 5.23 -4.03
C THR A 17 17.11 4.96 -2.65
N LYS A 18 18.19 4.19 -2.67
CA LYS A 18 18.89 3.86 -1.44
C LYS A 18 18.01 2.93 -0.59
N ARG A 19 16.81 3.42 -0.29
CA ARG A 19 15.87 2.64 0.50
C ARG A 19 15.82 1.19 0.01
N PHE A 20 15.16 0.36 0.80
CA PHE A 20 15.04 -1.05 0.45
C PHE A 20 13.66 -1.35 -0.14
N ARG A 21 13.66 -2.12 -1.20
CA ARG A 21 12.42 -2.49 -1.87
C ARG A 21 11.71 -3.60 -1.09
N THR A 22 10.42 -3.37 -0.85
CA THR A 22 9.61 -4.33 -0.13
C THR A 22 9.14 -5.44 -1.07
N LYS A 23 9.01 -6.64 -0.49
CA LYS A 23 8.56 -7.79 -1.27
C LYS A 23 7.35 -8.42 -0.57
N PHE A 24 6.26 -8.48 -1.32
CA PHE A 24 5.03 -9.05 -0.79
C PHE A 24 4.51 -10.16 -1.70
N THR A 25 3.46 -10.83 -1.24
CA THR A 25 2.86 -11.91 -2.00
C THR A 25 1.61 -11.42 -2.72
N ALA A 26 1.29 -12.08 -3.82
CA ALA A 26 0.13 -11.72 -4.61
C ALA A 26 -1.03 -11.36 -3.67
N GLU A 27 -1.38 -12.31 -2.83
CA GLU A 27 -2.46 -12.11 -1.88
C GLU A 27 -2.42 -10.70 -1.32
N GLN A 28 -1.30 -10.38 -0.69
CA GLN A 28 -1.12 -9.05 -0.11
C GLN A 28 -1.45 -7.97 -1.14
N LYS A 29 -0.75 -8.02 -2.26
CA LYS A 29 -0.96 -7.05 -3.32
C LYS A 29 -2.44 -7.03 -3.68
N GLU A 30 -2.98 -8.20 -3.95
CA GLU A 30 -4.38 -8.33 -4.31
C GLU A 30 -5.27 -7.70 -3.23
N LYS A 31 -5.10 -8.20 -2.01
CA LYS A 31 -5.88 -7.69 -0.89
C LYS A 31 -5.83 -6.16 -0.90
N MET A 32 -4.63 -5.63 -0.99
CA MET A 32 -4.43 -4.19 -1.00
C MET A 32 -5.18 -3.56 -2.18
N LEU A 33 -4.96 -4.13 -3.36
CA LEU A 33 -5.60 -3.63 -4.56
C LEU A 33 -7.06 -3.32 -4.27
N ALA A 34 -7.71 -4.25 -3.58
CA ALA A 34 -9.11 -4.10 -3.23
C ALA A 34 -9.22 -3.20 -1.98
N PHE A 35 -8.56 -3.65 -0.92
CA PHE A 35 -8.59 -2.91 0.33
C PHE A 35 -8.54 -1.40 0.08
N ALA A 36 -7.60 -1.00 -0.76
CA ALA A 36 -7.44 0.41 -1.10
C ALA A 36 -8.70 0.90 -1.81
N GLU A 37 -8.97 0.28 -2.96
CA GLU A 37 -10.14 0.64 -3.74
C GLU A 37 -11.34 0.91 -2.82
N ARG A 38 -11.37 0.17 -1.73
CA ARG A 38 -12.45 0.31 -0.77
C ARG A 38 -12.29 1.61 0.03
N LEU A 39 -11.09 1.80 0.56
CA LEU A 39 -10.79 2.98 1.34
C LEU A 39 -10.65 4.18 0.40
N GLY A 40 -10.66 3.88 -0.89
CA GLY A 40 -10.53 4.93 -1.90
C GLY A 40 -9.08 5.37 -2.04
N TRP A 41 -8.17 4.46 -1.73
CA TRP A 41 -6.75 4.74 -1.82
C TRP A 41 -6.41 5.82 -0.79
N ARG A 42 -7.19 5.83 0.28
CA ARG A 42 -6.98 6.79 1.36
C ARG A 42 -7.31 6.17 2.71
N ILE A 43 -6.51 6.52 3.70
CA ILE A 43 -6.70 6.00 5.05
C ILE A 43 -6.97 7.17 5.99
N GLN A 44 -8.08 7.05 6.72
CA GLN A 44 -8.46 8.08 7.67
C GLN A 44 -8.61 7.49 9.07
N LYS A 45 -9.07 8.32 9.99
CA LYS A 45 -9.26 7.89 11.37
C LYS A 45 -10.25 6.73 11.40
N HIS A 46 -11.21 6.78 10.49
CA HIS A 46 -12.22 5.74 10.41
C HIS A 46 -11.57 4.43 9.96
N ASP A 47 -10.62 4.55 9.04
CA ASP A 47 -9.92 3.40 8.53
C ASP A 47 -8.77 3.04 9.46
N ASP A 48 -9.12 2.90 10.73
CA ASP A 48 -8.12 2.57 11.74
C ASP A 48 -8.12 1.05 11.96
N VAL A 49 -9.26 0.55 12.40
CA VAL A 49 -9.40 -0.88 12.66
C VAL A 49 -9.20 -1.65 11.36
N ALA A 50 -9.95 -1.24 10.34
CA ALA A 50 -9.88 -1.88 9.04
C ALA A 50 -8.41 -2.06 8.66
N VAL A 51 -7.60 -1.08 9.05
CA VAL A 51 -6.18 -1.13 8.75
C VAL A 51 -5.52 -2.20 9.61
N GLU A 52 -5.88 -2.19 10.89
CA GLU A 52 -5.32 -3.16 11.82
C GLU A 52 -5.78 -4.58 11.46
N GLN A 53 -7.03 -4.67 11.02
CA GLN A 53 -7.58 -5.95 10.63
C GLN A 53 -6.85 -6.50 9.40
N PHE A 54 -6.54 -5.60 8.49
CA PHE A 54 -5.84 -5.99 7.27
C PHE A 54 -4.44 -6.52 7.59
N CYS A 55 -3.72 -5.76 8.39
CA CYS A 55 -2.37 -6.14 8.77
C CYS A 55 -2.44 -7.48 9.51
N ALA A 56 -3.36 -7.55 10.46
CA ALA A 56 -3.54 -8.77 11.22
C ALA A 56 -3.68 -9.97 10.27
N GLU A 57 -4.09 -9.65 9.05
CA GLU A 57 -4.26 -10.68 8.04
C GLU A 57 -3.01 -10.79 7.17
N THR A 58 -2.83 -9.78 6.32
CA THR A 58 -1.68 -9.76 5.44
C THR A 58 -0.38 -9.60 6.24
N GLY A 59 -0.37 -8.58 7.07
CA GLY A 59 0.79 -8.30 7.90
C GLY A 59 1.51 -7.03 7.44
N VAL A 60 0.86 -6.33 6.52
CA VAL A 60 1.43 -5.10 5.98
C VAL A 60 1.35 -4.01 7.05
N ARG A 61 2.38 -3.18 7.08
CA ARG A 61 2.44 -2.09 8.03
C ARG A 61 1.65 -0.88 7.53
N ARG A 62 0.83 -0.33 8.41
CA ARG A 62 0.02 0.82 8.05
C ARG A 62 0.81 1.77 7.14
N GLN A 63 2.04 2.05 7.57
CA GLN A 63 2.90 2.95 6.81
C GLN A 63 3.17 2.36 5.41
N VAL A 64 3.50 1.07 5.40
CA VAL A 64 3.78 0.39 4.15
C VAL A 64 2.51 0.34 3.30
N LEU A 65 1.42 -0.04 3.95
CA LEU A 65 0.13 -0.13 3.27
C LEU A 65 -0.26 1.26 2.76
N LYS A 66 -0.24 2.22 3.67
CA LYS A 66 -0.60 3.59 3.33
C LYS A 66 0.29 4.07 2.19
N ILE A 67 1.59 3.93 2.39
CA ILE A 67 2.55 4.35 1.38
C ILE A 67 2.33 3.55 0.10
N TRP A 68 2.05 2.26 0.29
CA TRP A 68 1.81 1.37 -0.84
C TRP A 68 0.76 2.02 -1.73
N MET A 69 -0.33 2.45 -1.10
CA MET A 69 -1.42 3.08 -1.83
C MET A 69 -0.96 4.39 -2.46
N HIS A 70 -0.36 5.23 -1.64
CA HIS A 70 0.12 6.52 -2.10
C HIS A 70 0.97 6.33 -3.36
N ASN A 71 1.80 5.29 -3.31
CA ASN A 71 2.68 4.98 -4.43
C ASN A 71 1.83 4.48 -5.61
N ASN A 72 0.70 3.88 -5.26
CA ASN A 72 -0.20 3.34 -6.27
C ASN A 72 -0.99 4.50 -6.90
N LYS A 73 -1.94 5.01 -6.14
CA LYS A 73 -2.77 6.10 -6.61
C LYS A 73 -1.89 7.15 -7.28
N ASN A 74 -2.43 7.76 -8.33
CA ASN A 74 -1.71 8.78 -9.05
C ASN A 74 -2.49 9.15 -10.32
N SER A 75 -1.94 10.10 -11.06
CA SER A 75 -2.56 10.55 -12.28
C SER A 75 -1.79 11.73 -12.88
N GLY A 76 -2.35 12.29 -13.94
CA GLY A 76 -1.71 13.42 -14.61
C GLY A 76 -0.19 13.26 -14.64
N PRO A 77 0.30 12.65 -15.75
CA PRO A 77 1.73 12.43 -15.92
C PRO A 77 2.45 13.73 -16.27
N SER A 78 1.95 14.39 -17.31
CA SER A 78 2.54 15.64 -17.75
C SER A 78 1.88 16.81 -17.03
N SER A 79 2.71 17.76 -16.62
CA SER A 79 2.22 18.94 -15.92
C SER A 79 3.39 19.80 -15.46
N GLY A 80 4.44 19.12 -15.00
CA GLY A 80 5.63 19.82 -14.53
C GLY A 80 6.63 18.84 -13.93
N GLY A 1 0.29 -14.18 13.50
CA GLY A 1 0.33 -12.94 14.26
C GLY A 1 1.76 -12.59 14.67
N SER A 2 2.00 -11.29 14.82
CA SER A 2 3.32 -10.82 15.22
C SER A 2 3.22 -9.39 15.74
N SER A 3 4.01 -9.12 16.77
CA SER A 3 4.02 -7.79 17.38
C SER A 3 5.22 -7.67 18.33
N GLY A 4 5.94 -6.57 18.17
CA GLY A 4 7.10 -6.32 19.00
C GLY A 4 8.26 -5.75 18.18
N SER A 5 8.74 -6.58 17.26
CA SER A 5 9.84 -6.18 16.39
C SER A 5 9.58 -4.78 15.83
N SER A 6 10.47 -3.87 16.20
CA SER A 6 10.36 -2.49 15.74
C SER A 6 9.06 -1.86 16.28
N GLY A 7 9.09 -0.55 16.40
CA GLY A 7 7.94 0.18 16.91
C GLY A 7 6.91 0.40 15.80
N SER A 8 6.37 1.61 15.76
CA SER A 8 5.37 1.95 14.77
C SER A 8 5.81 3.19 13.98
N ASN A 9 6.35 4.15 14.70
CA ASN A 9 6.82 5.39 14.08
C ASN A 9 8.30 5.59 14.42
N PRO A 10 9.16 5.24 13.42
CA PRO A 10 10.60 5.38 13.59
C PRO A 10 11.02 6.84 13.51
N SER A 11 10.64 7.48 12.41
CA SER A 11 10.97 8.88 12.20
C SER A 11 9.83 9.59 11.48
N SER A 12 9.96 10.90 11.38
CA SER A 12 8.94 11.70 10.71
C SER A 12 9.14 11.65 9.20
N SER A 13 10.32 12.09 8.78
CA SER A 13 10.65 12.10 7.36
C SER A 13 12.15 11.86 7.18
N GLY A 14 12.94 12.77 7.73
CA GLY A 14 14.38 12.67 7.64
C GLY A 14 14.83 12.51 6.17
N GLY A 15 15.49 11.40 5.91
CA GLY A 15 15.97 11.12 4.56
C GLY A 15 14.91 10.36 3.75
N THR A 16 14.89 9.05 3.93
CA THR A 16 13.94 8.21 3.22
C THR A 16 12.54 8.41 3.79
N THR A 17 11.56 7.97 3.00
CA THR A 17 10.17 8.09 3.41
C THR A 17 9.27 7.25 2.50
N LYS A 18 9.49 7.41 1.21
CA LYS A 18 8.71 6.67 0.22
C LYS A 18 9.65 5.83 -0.64
N ARG A 19 10.61 5.21 0.04
CA ARG A 19 11.58 4.37 -0.65
C ARG A 19 12.06 3.24 0.27
N PHE A 20 11.25 2.19 0.33
CA PHE A 20 11.57 1.05 1.16
C PHE A 20 11.57 -0.25 0.34
N ARG A 21 12.48 -1.14 0.72
CA ARG A 21 12.59 -2.43 0.03
C ARG A 21 11.75 -3.48 0.74
N THR A 22 10.53 -3.64 0.24
CA THR A 22 9.62 -4.62 0.82
C THR A 22 9.21 -5.64 -0.24
N LYS A 23 9.01 -6.87 0.22
CA LYS A 23 8.61 -7.95 -0.68
C LYS A 23 7.34 -8.60 -0.15
N PHE A 24 6.32 -8.60 -0.98
CA PHE A 24 5.04 -9.18 -0.60
C PHE A 24 4.62 -10.27 -1.61
N THR A 25 3.56 -10.97 -1.26
CA THR A 25 3.05 -12.03 -2.10
C THR A 25 1.81 -11.56 -2.87
N ALA A 26 1.60 -12.18 -4.03
CA ALA A 26 0.47 -11.82 -4.87
C ALA A 26 -0.75 -11.58 -3.99
N GLU A 27 -1.11 -12.60 -3.22
CA GLU A 27 -2.26 -12.52 -2.33
C GLU A 27 -2.35 -11.12 -1.73
N GLN A 28 -1.29 -10.73 -1.05
CA GLN A 28 -1.23 -9.42 -0.41
C GLN A 28 -1.59 -8.34 -1.43
N LYS A 29 -0.80 -8.29 -2.49
CA LYS A 29 -1.01 -7.30 -3.54
C LYS A 29 -2.50 -7.28 -3.92
N GLU A 30 -3.06 -8.47 -4.03
CA GLU A 30 -4.47 -8.60 -4.39
C GLU A 30 -5.35 -7.99 -3.29
N LYS A 31 -5.07 -8.40 -2.06
CA LYS A 31 -5.83 -7.91 -0.93
C LYS A 31 -5.79 -6.39 -0.92
N MET A 32 -4.59 -5.85 -0.98
CA MET A 32 -4.40 -4.40 -0.97
C MET A 32 -5.09 -3.77 -2.18
N LEU A 33 -4.84 -4.35 -3.34
CA LEU A 33 -5.43 -3.84 -4.57
C LEU A 33 -6.90 -3.48 -4.31
N ALA A 34 -7.57 -4.35 -3.59
CA ALA A 34 -8.98 -4.13 -3.27
C ALA A 34 -9.08 -3.22 -2.04
N PHE A 35 -8.46 -3.69 -0.97
CA PHE A 35 -8.47 -2.92 0.28
C PHE A 35 -8.39 -1.43 0.01
N ALA A 36 -7.39 -1.06 -0.80
CA ALA A 36 -7.19 0.34 -1.14
C ALA A 36 -8.41 0.86 -1.90
N GLU A 37 -8.83 0.08 -2.88
CA GLU A 37 -9.98 0.45 -3.68
C GLU A 37 -11.18 0.77 -2.78
N ARG A 38 -11.22 0.07 -1.66
CA ARG A 38 -12.31 0.26 -0.70
C ARG A 38 -12.11 1.57 0.08
N LEU A 39 -10.90 1.72 0.61
CA LEU A 39 -10.56 2.90 1.38
C LEU A 39 -10.38 4.08 0.43
N GLY A 40 -10.47 3.78 -0.86
CA GLY A 40 -10.30 4.81 -1.88
C GLY A 40 -8.84 5.22 -2.01
N TRP A 41 -7.95 4.30 -1.67
CA TRP A 41 -6.53 4.56 -1.73
C TRP A 41 -6.19 5.63 -0.70
N ARG A 42 -7.04 5.71 0.32
CA ARG A 42 -6.83 6.67 1.39
C ARG A 42 -7.31 6.10 2.72
N ILE A 43 -6.57 6.43 3.77
CA ILE A 43 -6.89 5.97 5.11
C ILE A 43 -7.50 7.11 5.92
N GLN A 44 -8.57 6.80 6.62
CA GLN A 44 -9.25 7.79 7.44
C GLN A 44 -9.03 7.49 8.93
N LYS A 45 -9.75 8.23 9.75
CA LYS A 45 -9.65 8.06 11.20
C LYS A 45 -10.49 6.85 11.62
N HIS A 46 -11.25 6.34 10.66
CA HIS A 46 -12.10 5.19 10.92
C HIS A 46 -11.46 3.93 10.34
N ASP A 47 -10.69 4.13 9.29
CA ASP A 47 -10.02 3.03 8.62
C ASP A 47 -8.83 2.57 9.48
N ASP A 48 -8.43 3.45 10.39
CA ASP A 48 -7.32 3.16 11.27
C ASP A 48 -7.50 1.76 11.88
N VAL A 49 -8.76 1.35 11.93
CA VAL A 49 -9.08 0.03 12.48
C VAL A 49 -8.97 -1.01 11.38
N ALA A 50 -9.84 -0.87 10.37
CA ALA A 50 -9.85 -1.80 9.26
C ALA A 50 -8.42 -2.04 8.79
N VAL A 51 -7.64 -0.96 8.77
CA VAL A 51 -6.26 -1.04 8.35
C VAL A 51 -5.49 -1.99 9.26
N GLU A 52 -5.82 -1.92 10.55
CA GLU A 52 -5.18 -2.76 11.54
C GLU A 52 -5.68 -4.20 11.41
N GLN A 53 -6.98 -4.33 11.19
CA GLN A 53 -7.59 -5.64 11.04
C GLN A 53 -7.05 -6.33 9.79
N PHE A 54 -6.84 -5.53 8.75
CA PHE A 54 -6.33 -6.07 7.49
C PHE A 54 -4.82 -6.27 7.55
N CYS A 55 -4.15 -5.28 8.12
CA CYS A 55 -2.70 -5.36 8.24
C CYS A 55 -2.34 -6.64 9.00
N ALA A 56 -3.33 -7.16 9.71
CA ALA A 56 -3.12 -8.39 10.47
C ALA A 56 -3.22 -9.59 9.53
N GLU A 57 -4.37 -9.69 8.87
CA GLU A 57 -4.60 -10.77 7.94
C GLU A 57 -3.44 -10.88 6.95
N THR A 58 -3.26 -9.82 6.19
CA THR A 58 -2.20 -9.78 5.19
C THR A 58 -0.82 -9.76 5.88
N GLY A 59 -0.69 -8.84 6.82
CA GLY A 59 0.56 -8.70 7.55
C GLY A 59 1.30 -7.43 7.15
N VAL A 60 0.68 -6.68 6.25
CA VAL A 60 1.27 -5.44 5.77
C VAL A 60 1.19 -4.39 6.88
N ARG A 61 2.23 -3.57 6.94
CA ARG A 61 2.29 -2.51 7.94
C ARG A 61 1.53 -1.28 7.46
N ARG A 62 0.71 -0.74 8.36
CA ARG A 62 -0.07 0.44 8.03
C ARG A 62 0.75 1.41 7.20
N GLN A 63 1.94 1.71 7.69
CA GLN A 63 2.84 2.63 7.00
C GLN A 63 3.12 2.12 5.59
N VAL A 64 3.35 0.82 5.49
CA VAL A 64 3.64 0.20 4.21
C VAL A 64 2.39 0.24 3.34
N LEU A 65 1.27 -0.12 3.95
CA LEU A 65 0.00 -0.14 3.24
C LEU A 65 -0.33 1.27 2.76
N LYS A 66 -0.29 2.21 3.70
CA LYS A 66 -0.59 3.60 3.38
C LYS A 66 0.37 4.08 2.28
N ILE A 67 1.64 3.77 2.48
CA ILE A 67 2.65 4.16 1.52
C ILE A 67 2.44 3.40 0.21
N TRP A 68 1.84 2.22 0.34
CA TRP A 68 1.56 1.38 -0.82
C TRP A 68 0.40 2.01 -1.59
N MET A 69 -0.64 2.35 -0.86
CA MET A 69 -1.82 2.96 -1.46
C MET A 69 -1.48 4.34 -2.04
N HIS A 70 -0.89 5.17 -1.20
CA HIS A 70 -0.52 6.51 -1.61
C HIS A 70 0.38 6.43 -2.85
N ASN A 71 1.42 5.63 -2.74
CA ASN A 71 2.36 5.45 -3.84
C ASN A 71 1.58 5.11 -5.11
N ASN A 72 0.57 4.28 -4.95
CA ASN A 72 -0.25 3.86 -6.07
C ASN A 72 -1.02 5.07 -6.60
N LYS A 73 -1.99 5.51 -5.81
CA LYS A 73 -2.80 6.66 -6.18
C LYS A 73 -1.90 7.76 -6.75
N ASN A 74 -2.52 8.66 -7.50
CA ASN A 74 -1.79 9.76 -8.09
C ASN A 74 -1.12 10.59 -6.98
N SER A 75 0.14 10.27 -6.73
CA SER A 75 0.90 10.96 -5.71
C SER A 75 0.60 12.46 -5.76
N GLY A 76 1.16 13.11 -6.77
CA GLY A 76 0.95 14.54 -6.95
C GLY A 76 0.56 14.86 -8.38
N PRO A 77 0.73 16.17 -8.74
CA PRO A 77 0.41 16.62 -10.08
C PRO A 77 1.47 16.17 -11.10
N SER A 78 1.64 14.86 -11.18
CA SER A 78 2.61 14.29 -12.09
C SER A 78 4.02 14.77 -11.72
N SER A 79 5.00 14.07 -12.27
CA SER A 79 6.39 14.41 -12.01
C SER A 79 6.61 14.64 -10.51
N GLY A 80 6.72 13.53 -9.79
CA GLY A 80 6.92 13.61 -8.35
C GLY A 80 7.60 12.33 -7.84
N GLY A 1 -2.95 -41.19 3.00
CA GLY A 1 -2.70 -39.81 2.62
C GLY A 1 -2.83 -38.87 3.83
N SER A 2 -2.04 -37.82 3.79
CA SER A 2 -2.05 -36.83 4.87
C SER A 2 -1.52 -35.49 4.37
N SER A 3 -1.97 -34.43 5.02
CA SER A 3 -1.56 -33.09 4.64
C SER A 3 -0.04 -32.96 4.79
N GLY A 4 0.48 -31.89 4.20
CA GLY A 4 1.91 -31.63 4.26
C GLY A 4 2.26 -30.31 3.58
N SER A 5 3.15 -29.56 4.22
CA SER A 5 3.57 -28.27 3.69
C SER A 5 4.92 -28.42 3.00
N SER A 6 5.29 -27.38 2.26
CA SER A 6 6.54 -27.37 1.54
C SER A 6 7.07 -25.94 1.42
N GLY A 7 6.25 -25.09 0.81
CA GLY A 7 6.63 -23.70 0.63
C GLY A 7 6.85 -23.01 1.97
N SER A 8 8.00 -22.37 2.09
CA SER A 8 8.35 -21.67 3.31
C SER A 8 9.74 -21.06 3.20
N ASN A 9 9.92 -19.91 3.83
CA ASN A 9 11.20 -19.22 3.81
C ASN A 9 11.82 -19.25 5.20
N PRO A 10 13.07 -19.77 5.27
CA PRO A 10 13.79 -19.87 6.52
C PRO A 10 14.30 -18.49 6.96
N SER A 11 14.90 -17.79 6.02
CA SER A 11 15.44 -16.47 6.29
C SER A 11 15.02 -15.50 5.20
N SER A 12 14.16 -14.56 5.57
CA SER A 12 13.67 -13.57 4.64
C SER A 12 13.09 -12.37 5.40
N SER A 13 13.94 -11.37 5.60
CA SER A 13 13.53 -10.17 6.30
C SER A 13 14.73 -9.22 6.44
N GLY A 14 14.46 -7.95 6.14
CA GLY A 14 15.50 -6.94 6.22
C GLY A 14 14.94 -5.63 6.81
N GLY A 15 15.83 -4.67 6.96
CA GLY A 15 15.44 -3.38 7.51
C GLY A 15 15.86 -2.24 6.57
N THR A 16 16.92 -1.55 6.96
CA THR A 16 17.42 -0.44 6.17
C THR A 16 18.87 -0.68 5.76
N THR A 17 19.31 0.08 4.77
CA THR A 17 20.67 -0.05 4.27
C THR A 17 21.01 1.10 3.34
N LYS A 18 20.26 1.17 2.25
CA LYS A 18 20.47 2.23 1.27
C LYS A 18 19.39 2.12 0.17
N ARG A 19 19.08 0.89 -0.18
CA ARG A 19 18.08 0.63 -1.20
C ARG A 19 16.84 -0.02 -0.57
N PHE A 20 15.83 0.80 -0.33
CA PHE A 20 14.59 0.31 0.25
C PHE A 20 13.64 -0.19 -0.82
N ARG A 21 13.06 -1.35 -0.57
CA ARG A 21 12.12 -1.95 -1.50
C ARG A 21 11.41 -3.15 -0.86
N THR A 22 10.16 -2.92 -0.48
CA THR A 22 9.37 -3.96 0.14
C THR A 22 8.90 -4.98 -0.90
N LYS A 23 8.80 -6.23 -0.47
CA LYS A 23 8.37 -7.30 -1.36
C LYS A 23 7.18 -8.02 -0.72
N PHE A 24 6.04 -7.93 -1.40
CA PHE A 24 4.83 -8.55 -0.92
C PHE A 24 4.38 -9.67 -1.87
N THR A 25 3.49 -10.51 -1.37
CA THR A 25 2.97 -11.61 -2.16
C THR A 25 1.72 -11.18 -2.92
N ALA A 26 1.50 -11.82 -4.06
CA ALA A 26 0.34 -11.52 -4.89
C ALA A 26 -0.87 -11.27 -3.98
N GLU A 27 -1.20 -12.28 -3.20
CA GLU A 27 -2.34 -12.19 -2.29
C GLU A 27 -2.40 -10.79 -1.67
N GLN A 28 -1.30 -10.41 -1.03
CA GLN A 28 -1.22 -9.11 -0.39
C GLN A 28 -1.58 -8.00 -1.39
N LYS A 29 -0.82 -7.97 -2.48
CA LYS A 29 -1.04 -6.98 -3.52
C LYS A 29 -2.54 -6.96 -3.90
N GLU A 30 -3.06 -8.15 -4.12
CA GLU A 30 -4.46 -8.29 -4.48
C GLU A 30 -5.36 -7.73 -3.38
N LYS A 31 -5.11 -8.21 -2.17
CA LYS A 31 -5.87 -7.76 -1.01
C LYS A 31 -5.86 -6.23 -0.95
N MET A 32 -4.66 -5.69 -1.02
CA MET A 32 -4.48 -4.24 -0.97
C MET A 32 -5.23 -3.56 -2.13
N LEU A 33 -4.98 -4.06 -3.33
CA LEU A 33 -5.62 -3.51 -4.51
C LEU A 33 -7.10 -3.26 -4.22
N ALA A 34 -7.73 -4.25 -3.59
CA ALA A 34 -9.13 -4.15 -3.25
C ALA A 34 -9.29 -3.30 -1.99
N PHE A 35 -8.64 -3.75 -0.93
CA PHE A 35 -8.69 -3.04 0.34
C PHE A 35 -8.66 -1.53 0.13
N ALA A 36 -7.67 -1.10 -0.64
CA ALA A 36 -7.52 0.33 -0.92
C ALA A 36 -8.75 0.82 -1.70
N GLU A 37 -9.14 0.03 -2.68
CA GLU A 37 -10.29 0.37 -3.50
C GLU A 37 -11.52 0.60 -2.62
N ARG A 38 -11.57 -0.13 -1.51
CA ARG A 38 -12.67 0.00 -0.58
C ARG A 38 -12.57 1.32 0.19
N LEU A 39 -11.39 1.55 0.74
CA LEU A 39 -11.15 2.76 1.50
C LEU A 39 -11.03 3.95 0.54
N GLY A 40 -10.92 3.63 -0.73
CA GLY A 40 -10.80 4.66 -1.76
C GLY A 40 -9.35 5.13 -1.90
N TRP A 41 -8.44 4.23 -1.56
CA TRP A 41 -7.02 4.54 -1.64
C TRP A 41 -6.72 5.62 -0.60
N ARG A 42 -7.48 5.59 0.48
CA ARG A 42 -7.30 6.56 1.55
C ARG A 42 -7.60 5.91 2.91
N ILE A 43 -6.88 6.37 3.92
CA ILE A 43 -7.05 5.84 5.27
C ILE A 43 -7.40 6.99 6.21
N GLN A 44 -8.56 6.86 6.84
CA GLN A 44 -9.03 7.88 7.76
C GLN A 44 -8.77 7.43 9.21
N LYS A 45 -9.65 7.88 10.10
CA LYS A 45 -9.54 7.53 11.50
C LYS A 45 -10.35 6.27 11.77
N HIS A 46 -11.40 6.09 10.99
CA HIS A 46 -12.26 4.92 11.14
C HIS A 46 -11.62 3.72 10.46
N ASP A 47 -10.79 4.01 9.46
CA ASP A 47 -10.11 2.96 8.72
C ASP A 47 -8.93 2.45 9.55
N ASP A 48 -8.55 3.25 10.54
CA ASP A 48 -7.44 2.89 11.40
C ASP A 48 -7.60 1.44 11.86
N VAL A 49 -8.84 1.09 12.20
CA VAL A 49 -9.15 -0.27 12.64
C VAL A 49 -9.04 -1.22 11.46
N ALA A 50 -9.94 -1.04 10.51
CA ALA A 50 -9.96 -1.88 9.32
C ALA A 50 -8.52 -2.10 8.84
N VAL A 51 -7.70 -1.09 9.05
CA VAL A 51 -6.31 -1.16 8.64
C VAL A 51 -5.60 -2.26 9.45
N GLU A 52 -5.77 -2.17 10.76
CA GLU A 52 -5.15 -3.14 11.65
C GLU A 52 -5.69 -4.55 11.36
N GLN A 53 -7.00 -4.61 11.19
CA GLN A 53 -7.66 -5.88 10.92
C GLN A 53 -7.08 -6.51 9.64
N PHE A 54 -6.70 -5.63 8.72
CA PHE A 54 -6.14 -6.07 7.45
C PHE A 54 -4.72 -6.60 7.63
N CYS A 55 -3.96 -5.89 8.46
CA CYS A 55 -2.59 -6.27 8.72
C CYS A 55 -2.59 -7.64 9.40
N ALA A 56 -3.45 -7.77 10.40
CA ALA A 56 -3.57 -9.02 11.13
C ALA A 56 -3.68 -10.18 10.14
N GLU A 57 -4.16 -9.86 8.95
CA GLU A 57 -4.32 -10.85 7.91
C GLU A 57 -3.11 -10.86 6.98
N THR A 58 -3.04 -9.83 6.14
CA THR A 58 -1.94 -9.70 5.20
C THR A 58 -0.62 -9.55 5.95
N GLY A 59 -0.59 -8.56 6.85
CA GLY A 59 0.60 -8.31 7.64
C GLY A 59 1.24 -6.98 7.24
N VAL A 60 0.60 -6.31 6.29
CA VAL A 60 1.09 -5.02 5.82
C VAL A 60 0.86 -3.97 6.89
N ARG A 61 1.89 -3.15 7.11
CA ARG A 61 1.81 -2.09 8.10
C ARG A 61 1.00 -0.91 7.56
N ARG A 62 0.48 -0.12 8.49
CA ARG A 62 -0.31 1.04 8.13
C ARG A 62 0.52 2.01 7.28
N GLN A 63 1.79 2.13 7.66
CA GLN A 63 2.70 3.02 6.96
C GLN A 63 3.05 2.44 5.58
N VAL A 64 3.32 1.15 5.57
CA VAL A 64 3.66 0.47 4.33
C VAL A 64 2.43 0.42 3.42
N LEU A 65 1.30 0.11 4.03
CA LEU A 65 0.05 0.04 3.28
C LEU A 65 -0.31 1.42 2.76
N LYS A 66 -0.28 2.40 3.66
CA LYS A 66 -0.61 3.76 3.31
C LYS A 66 0.36 4.24 2.23
N ILE A 67 1.65 4.09 2.51
CA ILE A 67 2.68 4.50 1.57
C ILE A 67 2.51 3.73 0.27
N TRP A 68 2.05 2.50 0.40
CA TRP A 68 1.84 1.65 -0.76
C TRP A 68 0.78 2.30 -1.65
N MET A 69 -0.26 2.80 -0.99
CA MET A 69 -1.34 3.45 -1.71
C MET A 69 -0.83 4.66 -2.50
N HIS A 70 0.02 5.44 -1.85
CA HIS A 70 0.59 6.61 -2.48
C HIS A 70 1.70 6.19 -3.45
N ASN A 71 2.01 4.91 -3.41
CA ASN A 71 3.05 4.37 -4.28
C ASN A 71 2.39 3.80 -5.54
N ASN A 72 1.09 3.63 -5.47
CA ASN A 72 0.34 3.09 -6.59
C ASN A 72 -0.60 4.17 -7.14
N LYS A 73 -1.46 4.67 -6.26
CA LYS A 73 -2.40 5.70 -6.64
C LYS A 73 -1.72 6.70 -7.59
N ASN A 74 -2.44 7.06 -8.63
CA ASN A 74 -1.92 7.99 -9.61
C ASN A 74 -0.85 7.30 -10.46
N SER A 75 -0.81 7.68 -11.72
CA SER A 75 0.16 7.10 -12.64
C SER A 75 1.55 7.68 -12.38
N GLY A 76 1.75 8.91 -12.86
CA GLY A 76 3.02 9.58 -12.67
C GLY A 76 2.83 10.94 -12.01
N PRO A 77 3.78 11.87 -12.30
CA PRO A 77 3.74 13.21 -11.74
C PRO A 77 2.66 14.05 -12.43
N SER A 78 1.43 13.54 -12.38
CA SER A 78 0.32 14.24 -12.99
C SER A 78 0.73 14.79 -14.37
N SER A 79 0.65 13.92 -15.36
CA SER A 79 1.01 14.29 -16.72
C SER A 79 2.48 14.71 -16.77
N GLY A 80 3.31 13.76 -17.16
CA GLY A 80 4.74 14.02 -17.26
C GLY A 80 5.27 14.67 -15.99
N GLY A 1 26.86 23.90 -2.88
CA GLY A 1 28.10 23.41 -2.31
C GLY A 1 28.26 21.90 -2.56
N SER A 2 28.00 21.13 -1.51
CA SER A 2 28.11 19.69 -1.61
C SER A 2 26.94 19.12 -2.41
N SER A 3 25.74 19.40 -1.93
CA SER A 3 24.54 18.93 -2.60
C SER A 3 24.50 17.40 -2.60
N GLY A 4 23.86 16.85 -1.57
CA GLY A 4 23.75 15.41 -1.45
C GLY A 4 22.75 14.84 -2.46
N SER A 5 22.82 13.54 -2.65
CA SER A 5 21.93 12.86 -3.58
C SER A 5 20.78 12.19 -2.82
N SER A 6 19.66 12.07 -3.52
CA SER A 6 18.49 11.45 -2.92
C SER A 6 17.37 11.32 -3.96
N GLY A 7 16.78 10.14 -4.01
CA GLY A 7 15.71 9.88 -4.95
C GLY A 7 14.45 9.38 -4.23
N SER A 8 13.85 10.29 -3.48
CA SER A 8 12.64 9.98 -2.72
C SER A 8 11.95 11.26 -2.27
N ASN A 9 10.73 11.10 -1.77
CA ASN A 9 9.96 12.23 -1.29
C ASN A 9 10.18 12.39 0.22
N PRO A 10 10.12 13.67 0.68
CA PRO A 10 10.30 13.97 2.09
C PRO A 10 9.06 13.57 2.90
N SER A 11 9.16 13.80 4.20
CA SER A 11 8.06 13.47 5.09
C SER A 11 7.61 12.03 4.87
N SER A 12 8.32 11.11 5.51
CA SER A 12 8.01 9.70 5.39
C SER A 12 8.20 9.00 6.75
N SER A 13 7.78 7.75 6.80
CA SER A 13 7.90 6.97 8.01
C SER A 13 8.57 5.63 7.71
N GLY A 14 9.04 4.98 8.76
CA GLY A 14 9.71 3.70 8.62
C GLY A 14 11.22 3.84 8.78
N GLY A 15 11.93 2.86 8.28
CA GLY A 15 13.39 2.87 8.36
C GLY A 15 14.00 3.40 7.06
N THR A 16 14.14 4.72 7.01
CA THR A 16 14.71 5.36 5.84
C THR A 16 16.13 5.84 6.14
N THR A 17 16.94 5.89 5.09
CA THR A 17 18.31 6.32 5.21
C THR A 17 18.89 6.70 3.85
N LYS A 18 18.60 5.85 2.87
CA LYS A 18 19.08 6.08 1.52
C LYS A 18 18.18 5.34 0.53
N ARG A 19 17.89 4.09 0.86
CA ARG A 19 17.04 3.27 0.01
C ARG A 19 15.83 2.77 0.81
N PHE A 20 14.69 3.42 0.57
CA PHE A 20 13.46 3.06 1.25
C PHE A 20 12.44 2.48 0.27
N ARG A 21 11.98 1.29 0.57
CA ARG A 21 10.99 0.62 -0.27
C ARG A 21 10.32 -0.52 0.49
N THR A 22 9.13 -0.87 0.03
CA THR A 22 8.37 -1.94 0.66
C THR A 22 8.11 -3.07 -0.34
N LYS A 23 8.06 -4.29 0.18
CA LYS A 23 7.82 -5.46 -0.64
C LYS A 23 6.62 -6.22 -0.10
N PHE A 24 5.62 -6.37 -0.96
CA PHE A 24 4.41 -7.08 -0.58
C PHE A 24 4.28 -8.40 -1.34
N THR A 25 3.26 -9.16 -0.98
CA THR A 25 3.01 -10.44 -1.62
C THR A 25 1.71 -10.40 -2.43
N ALA A 26 1.61 -11.32 -3.37
CA ALA A 26 0.42 -11.40 -4.21
C ALA A 26 -0.82 -11.14 -3.36
N GLU A 27 -0.96 -11.95 -2.32
CA GLU A 27 -2.09 -11.81 -1.42
C GLU A 27 -2.33 -10.34 -1.07
N GLN A 28 -1.27 -9.70 -0.60
CA GLN A 28 -1.34 -8.29 -0.23
C GLN A 28 -1.66 -7.44 -1.46
N LYS A 29 -0.89 -7.67 -2.52
CA LYS A 29 -1.07 -6.92 -3.75
C LYS A 29 -2.54 -6.99 -4.17
N GLU A 30 -3.13 -8.17 -3.97
CA GLU A 30 -4.53 -8.37 -4.31
C GLU A 30 -5.44 -7.79 -3.22
N LYS A 31 -5.15 -8.20 -1.99
CA LYS A 31 -5.94 -7.73 -0.85
C LYS A 31 -5.94 -6.20 -0.83
N MET A 32 -4.76 -5.63 -1.04
CA MET A 32 -4.61 -4.19 -1.05
C MET A 32 -5.34 -3.57 -2.23
N LEU A 33 -5.15 -4.18 -3.40
CA LEU A 33 -5.79 -3.70 -4.61
C LEU A 33 -7.26 -3.39 -4.32
N ALA A 34 -7.88 -4.30 -3.59
CA ALA A 34 -9.28 -4.14 -3.23
C ALA A 34 -9.40 -3.22 -2.02
N PHE A 35 -8.76 -3.63 -0.93
CA PHE A 35 -8.78 -2.84 0.29
C PHE A 35 -8.74 -1.34 -0.02
N ALA A 36 -7.73 -0.96 -0.80
CA ALA A 36 -7.57 0.44 -1.17
C ALA A 36 -8.84 0.92 -1.88
N GLU A 37 -9.13 0.27 -3.00
CA GLU A 37 -10.31 0.63 -3.79
C GLU A 37 -11.48 0.93 -2.87
N ARG A 38 -11.53 0.22 -1.75
CA ARG A 38 -12.59 0.41 -0.78
C ARG A 38 -12.39 1.71 -0.01
N LEU A 39 -11.21 1.86 0.57
CA LEU A 39 -10.89 3.06 1.32
C LEU A 39 -10.72 4.22 0.35
N GLY A 40 -10.72 3.91 -0.93
CA GLY A 40 -10.58 4.92 -1.95
C GLY A 40 -9.12 5.36 -2.09
N TRP A 41 -8.23 4.45 -1.71
CA TRP A 41 -6.80 4.73 -1.79
C TRP A 41 -6.47 5.82 -0.77
N ARG A 42 -7.28 5.87 0.29
CA ARG A 42 -7.09 6.86 1.34
C ARG A 42 -7.46 6.27 2.70
N ILE A 43 -6.57 6.46 3.65
CA ILE A 43 -6.80 5.96 5.00
C ILE A 43 -7.07 7.14 5.94
N GLN A 44 -8.15 7.02 6.70
CA GLN A 44 -8.52 8.06 7.63
C GLN A 44 -8.56 7.51 9.05
N LYS A 45 -9.05 8.34 9.97
CA LYS A 45 -9.15 7.94 11.36
C LYS A 45 -10.14 6.79 11.50
N HIS A 46 -11.14 6.82 10.64
CA HIS A 46 -12.17 5.79 10.65
C HIS A 46 -11.59 4.48 10.09
N ASP A 47 -10.66 4.63 9.17
CA ASP A 47 -10.02 3.48 8.56
C ASP A 47 -8.78 3.10 9.36
N ASP A 48 -8.97 3.02 10.67
CA ASP A 48 -7.88 2.66 11.56
C ASP A 48 -7.91 1.16 11.84
N VAL A 49 -9.11 0.66 12.04
CA VAL A 49 -9.30 -0.77 12.32
C VAL A 49 -9.07 -1.56 11.02
N ALA A 50 -9.82 -1.18 10.00
CA ALA A 50 -9.72 -1.85 8.72
C ALA A 50 -8.24 -1.98 8.34
N VAL A 51 -7.48 -0.97 8.71
CA VAL A 51 -6.05 -0.97 8.43
C VAL A 51 -5.36 -2.04 9.27
N GLU A 52 -5.78 -2.12 10.53
CA GLU A 52 -5.20 -3.08 11.45
C GLU A 52 -5.68 -4.50 11.10
N GLN A 53 -6.95 -4.57 10.70
CA GLN A 53 -7.53 -5.85 10.33
C GLN A 53 -6.78 -6.47 9.16
N PHE A 54 -6.09 -5.61 8.41
CA PHE A 54 -5.33 -6.05 7.27
C PHE A 54 -3.97 -6.62 7.69
N CYS A 55 -3.13 -5.73 8.21
CA CYS A 55 -1.81 -6.13 8.65
C CYS A 55 -1.94 -7.42 9.47
N ALA A 56 -2.82 -7.37 10.46
CA ALA A 56 -3.06 -8.52 11.32
C ALA A 56 -3.16 -9.78 10.44
N GLU A 57 -3.81 -9.62 9.30
CA GLU A 57 -3.99 -10.73 8.38
C GLU A 57 -2.82 -10.78 7.39
N THR A 58 -2.83 -9.85 6.46
CA THR A 58 -1.78 -9.78 5.45
C THR A 58 -0.40 -9.76 6.11
N GLY A 59 -0.24 -8.83 7.03
CA GLY A 59 1.01 -8.69 7.75
C GLY A 59 1.75 -7.40 7.34
N VAL A 60 1.07 -6.63 6.50
CA VAL A 60 1.63 -5.37 6.04
C VAL A 60 1.27 -4.25 7.02
N ARG A 61 2.30 -3.60 7.54
CA ARG A 61 2.11 -2.51 8.48
C ARG A 61 1.25 -1.41 7.85
N ARG A 62 0.88 -0.45 8.69
CA ARG A 62 0.06 0.66 8.24
C ARG A 62 0.84 1.53 7.25
N GLN A 63 1.88 2.16 7.77
CA GLN A 63 2.72 3.02 6.94
C GLN A 63 3.04 2.33 5.61
N VAL A 64 3.33 1.05 5.70
CA VAL A 64 3.66 0.26 4.52
C VAL A 64 2.41 0.14 3.65
N LEU A 65 1.33 -0.33 4.25
CA LEU A 65 0.08 -0.50 3.54
C LEU A 65 -0.35 0.84 2.93
N LYS A 66 -0.20 1.88 3.74
CA LYS A 66 -0.57 3.22 3.29
C LYS A 66 0.43 3.68 2.22
N ILE A 67 1.70 3.58 2.55
CA ILE A 67 2.75 3.99 1.62
C ILE A 67 2.52 3.29 0.27
N TRP A 68 1.94 2.11 0.34
CA TRP A 68 1.67 1.35 -0.85
C TRP A 68 0.65 2.12 -1.69
N MET A 69 -0.53 2.31 -1.10
CA MET A 69 -1.60 3.03 -1.79
C MET A 69 -1.10 4.38 -2.29
N HIS A 70 -0.33 5.05 -1.46
CA HIS A 70 0.21 6.36 -1.81
C HIS A 70 1.26 6.18 -2.92
N ASN A 71 1.57 4.94 -3.20
CA ASN A 71 2.55 4.63 -4.23
C ASN A 71 1.85 3.98 -5.43
N ASN A 72 0.56 3.71 -5.24
CA ASN A 72 -0.23 3.10 -6.29
C ASN A 72 -1.50 3.93 -6.51
N LYS A 73 -1.36 5.24 -6.34
CA LYS A 73 -2.49 6.14 -6.51
C LYS A 73 -2.16 7.16 -7.59
N ASN A 74 -3.19 7.86 -8.04
CA ASN A 74 -3.02 8.87 -9.08
C ASN A 74 -2.70 8.18 -10.40
N SER A 75 -3.74 7.92 -11.17
CA SER A 75 -3.59 7.27 -12.46
C SER A 75 -4.96 7.08 -13.12
N GLY A 76 -4.95 6.30 -14.20
CA GLY A 76 -6.18 6.04 -14.92
C GLY A 76 -5.98 6.23 -16.43
N PRO A 77 -6.64 5.34 -17.22
CA PRO A 77 -6.55 5.41 -18.66
C PRO A 77 -7.38 6.56 -19.21
N SER A 78 -8.66 6.55 -18.89
CA SER A 78 -9.56 7.59 -19.35
C SER A 78 -10.61 7.88 -18.27
N SER A 79 -10.31 8.90 -17.46
CA SER A 79 -11.21 9.29 -16.39
C SER A 79 -11.20 10.81 -16.24
N GLY A 80 -12.34 11.33 -15.77
CA GLY A 80 -12.47 12.77 -15.58
C GLY A 80 -13.05 13.08 -14.19
N GLY A 1 -5.77 -37.83 24.64
CA GLY A 1 -5.13 -36.78 23.86
C GLY A 1 -5.60 -36.82 22.40
N SER A 2 -6.87 -36.50 22.21
CA SER A 2 -7.45 -36.49 20.88
C SER A 2 -7.83 -35.06 20.48
N SER A 3 -8.70 -34.48 21.29
CA SER A 3 -9.16 -33.12 21.04
C SER A 3 -8.08 -32.12 21.45
N GLY A 4 -7.41 -31.57 20.45
CA GLY A 4 -6.36 -30.60 20.69
C GLY A 4 -5.29 -30.66 19.59
N SER A 5 -5.70 -30.29 18.39
CA SER A 5 -4.80 -30.29 17.25
C SER A 5 -4.10 -28.94 17.14
N SER A 6 -2.86 -28.99 16.69
CA SER A 6 -2.07 -27.77 16.52
C SER A 6 -2.15 -26.92 17.79
N GLY A 7 -1.14 -27.07 18.63
CA GLY A 7 -1.08 -26.33 19.87
C GLY A 7 0.12 -25.39 19.90
N SER A 8 0.13 -24.47 18.95
CA SER A 8 1.22 -23.51 18.85
C SER A 8 0.70 -22.18 18.29
N ASN A 9 1.36 -21.11 18.70
CA ASN A 9 0.97 -19.78 18.26
C ASN A 9 2.01 -19.25 17.26
N PRO A 10 1.53 -18.37 16.34
CA PRO A 10 2.40 -17.79 15.33
C PRO A 10 3.30 -16.72 15.95
N SER A 11 4.17 -16.18 15.10
CA SER A 11 5.10 -15.14 15.54
C SER A 11 5.88 -14.59 14.35
N SER A 12 6.32 -13.36 14.49
CA SER A 12 7.08 -12.70 13.43
C SER A 12 7.55 -11.33 13.90
N SER A 13 8.66 -10.89 13.33
CA SER A 13 9.22 -9.60 13.68
C SER A 13 9.65 -8.86 12.41
N GLY A 14 10.55 -9.50 11.67
CA GLY A 14 11.05 -8.91 10.43
C GLY A 14 11.87 -9.92 9.64
N GLY A 15 12.43 -9.44 8.54
CA GLY A 15 13.25 -10.30 7.69
C GLY A 15 14.12 -9.46 6.74
N THR A 16 14.96 -8.63 7.35
CA THR A 16 15.84 -7.78 6.57
C THR A 16 17.13 -8.52 6.23
N THR A 17 17.85 -7.98 5.26
CA THR A 17 19.10 -8.58 4.83
C THR A 17 19.87 -7.62 3.91
N LYS A 18 19.13 -7.04 2.97
CA LYS A 18 19.72 -6.11 2.03
C LYS A 18 18.65 -5.62 1.05
N ARG A 19 17.75 -6.52 0.71
CA ARG A 19 16.67 -6.20 -0.21
C ARG A 19 16.13 -4.81 0.09
N PHE A 20 15.69 -4.14 -0.97
CA PHE A 20 15.14 -2.80 -0.83
C PHE A 20 13.64 -2.79 -1.15
N ARG A 21 12.93 -1.91 -0.46
CA ARG A 21 11.50 -1.78 -0.66
C ARG A 21 10.77 -2.99 -0.07
N THR A 22 9.53 -2.76 0.33
CA THR A 22 8.72 -3.81 0.92
C THR A 22 8.39 -4.88 -0.14
N LYS A 23 8.34 -6.13 0.33
CA LYS A 23 8.05 -7.24 -0.57
C LYS A 23 6.85 -8.02 0.00
N PHE A 24 5.81 -8.10 -0.82
CA PHE A 24 4.61 -8.82 -0.42
C PHE A 24 4.28 -9.93 -1.41
N THR A 25 3.23 -10.68 -1.09
CA THR A 25 2.81 -11.77 -1.94
C THR A 25 1.57 -11.38 -2.74
N ALA A 26 1.37 -12.09 -3.85
CA ALA A 26 0.23 -11.82 -4.70
C ALA A 26 -0.98 -11.46 -3.84
N GLU A 27 -1.33 -12.36 -2.94
CA GLU A 27 -2.47 -12.15 -2.06
C GLU A 27 -2.46 -10.72 -1.53
N GLN A 28 -1.41 -10.40 -0.78
CA GLN A 28 -1.28 -9.07 -0.20
C GLN A 28 -1.60 -8.01 -1.25
N LYS A 29 -0.90 -8.08 -2.37
CA LYS A 29 -1.10 -7.13 -3.45
C LYS A 29 -2.60 -7.05 -3.77
N GLU A 30 -3.12 -8.15 -4.29
CA GLU A 30 -4.53 -8.21 -4.64
C GLU A 30 -5.39 -7.68 -3.49
N LYS A 31 -5.07 -8.14 -2.30
CA LYS A 31 -5.81 -7.71 -1.12
C LYS A 31 -5.78 -6.19 -1.03
N MET A 32 -4.60 -5.63 -1.19
CA MET A 32 -4.42 -4.20 -1.13
C MET A 32 -5.22 -3.50 -2.23
N LEU A 33 -5.06 -4.00 -3.44
CA LEU A 33 -5.76 -3.45 -4.59
C LEU A 33 -7.22 -3.18 -4.21
N ALA A 34 -7.83 -4.19 -3.59
CA ALA A 34 -9.21 -4.07 -3.17
C ALA A 34 -9.29 -3.16 -1.94
N PHE A 35 -8.61 -3.57 -0.89
CA PHE A 35 -8.59 -2.81 0.34
C PHE A 35 -8.55 -1.31 0.06
N ALA A 36 -7.49 -0.90 -0.63
CA ALA A 36 -7.32 0.51 -0.96
C ALA A 36 -8.56 1.00 -1.71
N GLU A 37 -8.91 0.28 -2.77
CA GLU A 37 -10.07 0.63 -3.57
C GLU A 37 -11.28 0.90 -2.66
N ARG A 38 -11.36 0.12 -1.60
CA ARG A 38 -12.45 0.27 -0.65
C ARG A 38 -12.29 1.55 0.16
N LEU A 39 -11.08 1.74 0.67
CA LEU A 39 -10.79 2.92 1.46
C LEU A 39 -10.58 4.12 0.53
N GLY A 40 -10.72 3.85 -0.75
CA GLY A 40 -10.55 4.89 -1.75
C GLY A 40 -9.08 5.30 -1.88
N TRP A 41 -8.20 4.36 -1.56
CA TRP A 41 -6.77 4.61 -1.63
C TRP A 41 -6.43 5.66 -0.56
N ARG A 42 -7.26 5.72 0.46
CA ARG A 42 -7.05 6.67 1.54
C ARG A 42 -7.52 6.07 2.86
N ILE A 43 -6.77 6.38 3.92
CA ILE A 43 -7.10 5.88 5.25
C ILE A 43 -7.65 7.03 6.10
N GLN A 44 -8.61 6.70 6.94
CA GLN A 44 -9.22 7.68 7.82
C GLN A 44 -9.09 7.25 9.28
N LYS A 45 -9.73 8.01 10.15
CA LYS A 45 -9.71 7.73 11.57
C LYS A 45 -10.68 6.58 11.87
N HIS A 46 -11.43 6.20 10.85
CA HIS A 46 -12.40 5.13 11.00
C HIS A 46 -11.84 3.85 10.36
N ASP A 47 -10.92 4.03 9.43
CA ASP A 47 -10.30 2.91 8.75
C ASP A 47 -9.18 2.35 9.62
N ASP A 48 -8.84 3.10 10.65
CA ASP A 48 -7.78 2.69 11.56
C ASP A 48 -7.99 1.23 11.96
N VAL A 49 -9.26 0.85 12.04
CA VAL A 49 -9.61 -0.51 12.40
C VAL A 49 -9.24 -1.45 11.26
N ALA A 50 -9.99 -1.34 10.18
CA ALA A 50 -9.75 -2.17 9.01
C ALA A 50 -8.25 -2.25 8.75
N VAL A 51 -7.61 -1.09 8.82
CA VAL A 51 -6.18 -1.01 8.59
C VAL A 51 -5.46 -2.01 9.50
N GLU A 52 -5.89 -2.05 10.75
CA GLU A 52 -5.30 -2.95 11.72
C GLU A 52 -5.62 -4.40 11.35
N GLN A 53 -6.86 -4.63 10.98
CA GLN A 53 -7.30 -5.96 10.60
C GLN A 53 -6.43 -6.50 9.46
N PHE A 54 -6.26 -5.67 8.44
CA PHE A 54 -5.46 -6.06 7.29
C PHE A 54 -3.99 -6.26 7.70
N CYS A 55 -3.38 -5.17 8.12
CA CYS A 55 -1.98 -5.22 8.53
C CYS A 55 -1.74 -6.53 9.28
N ALA A 56 -2.78 -6.97 9.99
CA ALA A 56 -2.69 -8.21 10.75
C ALA A 56 -2.88 -9.39 9.81
N GLU A 57 -4.10 -9.50 9.28
CA GLU A 57 -4.42 -10.58 8.37
C GLU A 57 -3.32 -10.76 7.35
N THR A 58 -3.18 -9.78 6.47
CA THR A 58 -2.15 -9.82 5.43
C THR A 58 -0.76 -9.85 6.07
N GLY A 59 -0.52 -8.87 6.94
CA GLY A 59 0.77 -8.78 7.61
C GLY A 59 1.51 -7.52 7.18
N VAL A 60 0.78 -6.62 6.54
CA VAL A 60 1.36 -5.37 6.07
C VAL A 60 1.34 -4.35 7.21
N ARG A 61 2.18 -3.33 7.07
CA ARG A 61 2.27 -2.28 8.06
C ARG A 61 1.47 -1.05 7.62
N ARG A 62 0.76 -0.47 8.57
CA ARG A 62 -0.03 0.71 8.29
C ARG A 62 0.68 1.61 7.28
N GLN A 63 1.86 2.08 7.68
CA GLN A 63 2.64 2.95 6.83
C GLN A 63 2.86 2.29 5.45
N VAL A 64 3.24 1.02 5.50
CA VAL A 64 3.48 0.27 4.28
C VAL A 64 2.24 0.34 3.39
N LEU A 65 1.10 0.03 4.00
CA LEU A 65 -0.16 0.04 3.28
C LEU A 65 -0.45 1.47 2.80
N LYS A 66 -0.51 2.39 3.76
CA LYS A 66 -0.77 3.77 3.45
C LYS A 66 0.21 4.25 2.37
N ILE A 67 1.47 3.93 2.59
CA ILE A 67 2.52 4.33 1.66
C ILE A 67 2.32 3.57 0.34
N TRP A 68 1.82 2.34 0.47
CA TRP A 68 1.59 1.50 -0.69
C TRP A 68 0.55 2.21 -1.58
N MET A 69 -0.55 2.60 -0.94
CA MET A 69 -1.62 3.28 -1.65
C MET A 69 -1.08 4.48 -2.43
N HIS A 70 -0.25 5.26 -1.76
CA HIS A 70 0.33 6.44 -2.37
C HIS A 70 1.44 6.03 -3.34
N ASN A 71 1.85 4.77 -3.22
CA ASN A 71 2.88 4.23 -4.08
C ASN A 71 2.24 3.62 -5.32
N ASN A 72 0.94 3.40 -5.23
CA ASN A 72 0.20 2.81 -6.34
C ASN A 72 -0.78 3.85 -6.89
N LYS A 73 -1.67 4.30 -6.03
CA LYS A 73 -2.66 5.29 -6.42
C LYS A 73 -1.97 6.41 -7.18
N ASN A 74 -2.75 7.05 -8.05
CA ASN A 74 -2.22 8.16 -8.86
C ASN A 74 -3.35 9.15 -9.12
N SER A 75 -2.94 10.35 -9.55
CA SER A 75 -3.90 11.40 -9.85
C SER A 75 -3.18 12.61 -10.43
N GLY A 76 -3.95 13.67 -10.66
CA GLY A 76 -3.38 14.90 -11.20
C GLY A 76 -2.31 14.59 -12.25
N PRO A 77 -1.28 15.47 -12.27
CA PRO A 77 -0.19 15.31 -13.22
C PRO A 77 0.75 14.17 -12.79
N SER A 78 0.22 12.96 -12.81
CA SER A 78 0.98 11.79 -12.43
C SER A 78 1.69 11.20 -13.65
N SER A 79 0.88 10.85 -14.64
CA SER A 79 1.41 10.27 -15.86
C SER A 79 0.55 10.68 -17.05
N GLY A 80 -0.73 10.33 -16.97
CA GLY A 80 -1.67 10.65 -18.03
C GLY A 80 -2.01 12.13 -18.03
N GLY A 1 -16.55 17.32 22.49
CA GLY A 1 -16.60 18.71 22.07
C GLY A 1 -17.00 19.62 23.23
N SER A 2 -16.03 20.39 23.70
CA SER A 2 -16.27 21.31 24.80
C SER A 2 -15.71 22.69 24.46
N SER A 3 -14.40 22.81 24.59
CA SER A 3 -13.73 24.07 24.29
C SER A 3 -12.40 23.81 23.57
N GLY A 4 -11.55 23.04 24.24
CA GLY A 4 -10.25 22.72 23.67
C GLY A 4 -10.41 21.92 22.38
N SER A 5 -9.62 20.85 22.28
CA SER A 5 -9.66 20.01 21.10
C SER A 5 -9.24 20.79 19.86
N SER A 6 -8.02 20.53 19.41
CA SER A 6 -7.49 21.22 18.24
C SER A 6 -6.81 20.20 17.32
N GLY A 7 -5.78 19.56 17.87
CA GLY A 7 -5.04 18.57 17.11
C GLY A 7 -5.91 17.37 16.75
N SER A 8 -5.69 16.85 15.55
CA SER A 8 -6.45 15.71 15.07
C SER A 8 -5.53 14.73 14.35
N ASN A 9 -4.89 15.24 13.30
CA ASN A 9 -3.98 14.42 12.51
C ASN A 9 -2.70 15.22 12.23
N PRO A 10 -1.55 14.53 12.41
CA PRO A 10 -0.26 15.16 12.19
C PRO A 10 0.03 15.30 10.69
N SER A 11 1.20 15.84 10.40
CA SER A 11 1.61 16.04 9.02
C SER A 11 3.12 15.89 8.88
N SER A 12 3.54 15.33 7.75
CA SER A 12 4.95 15.13 7.49
C SER A 12 5.17 14.71 6.05
N SER A 13 6.40 14.88 5.58
CA SER A 13 6.75 14.53 4.22
C SER A 13 8.11 13.84 4.19
N GLY A 14 8.09 12.55 3.86
CA GLY A 14 9.31 11.78 3.78
C GLY A 14 9.40 10.81 4.97
N GLY A 15 10.36 9.90 4.87
CA GLY A 15 10.58 8.92 5.91
C GLY A 15 11.61 7.86 5.49
N THR A 16 11.27 7.18 4.40
CA THR A 16 12.15 6.15 3.87
C THR A 16 13.44 6.77 3.33
N THR A 17 14.44 5.91 3.15
CA THR A 17 15.72 6.37 2.63
C THR A 17 16.53 5.18 2.11
N LYS A 18 17.11 5.37 0.93
CA LYS A 18 17.90 4.34 0.31
C LYS A 18 17.24 2.97 0.55
N ARG A 19 18.07 1.94 0.54
CA ARG A 19 17.58 0.59 0.76
C ARG A 19 16.46 0.26 -0.23
N PHE A 20 15.94 -0.95 -0.11
CA PHE A 20 14.86 -1.39 -0.99
C PHE A 20 13.50 -1.03 -0.41
N ARG A 21 12.64 -0.53 -1.28
CA ARG A 21 11.30 -0.15 -0.87
C ARG A 21 10.53 -1.35 -0.33
N THR A 22 9.45 -1.06 0.38
CA THR A 22 8.63 -2.12 0.94
C THR A 22 8.25 -3.15 -0.13
N LYS A 23 8.18 -4.40 0.30
CA LYS A 23 7.84 -5.48 -0.60
C LYS A 23 6.64 -6.26 -0.05
N PHE A 24 5.62 -6.39 -0.89
CA PHE A 24 4.42 -7.10 -0.49
C PHE A 24 4.29 -8.43 -1.24
N THR A 25 3.27 -9.18 -0.88
CA THR A 25 3.02 -10.47 -1.51
C THR A 25 1.74 -10.43 -2.33
N ALA A 26 1.65 -11.33 -3.28
CA ALA A 26 0.48 -11.41 -4.15
C ALA A 26 -0.77 -11.13 -3.33
N GLU A 27 -0.95 -11.92 -2.28
CA GLU A 27 -2.11 -11.76 -1.41
C GLU A 27 -2.34 -10.28 -1.10
N GLN A 28 -1.31 -9.65 -0.54
CA GLN A 28 -1.38 -8.24 -0.20
C GLN A 28 -1.66 -7.40 -1.45
N LYS A 29 -0.87 -7.67 -2.48
CA LYS A 29 -1.02 -6.95 -3.74
C LYS A 29 -2.49 -7.00 -4.18
N GLU A 30 -3.10 -8.15 -3.95
CA GLU A 30 -4.50 -8.34 -4.32
C GLU A 30 -5.41 -7.77 -3.24
N LYS A 31 -5.15 -8.17 -2.01
CA LYS A 31 -5.94 -7.69 -0.89
C LYS A 31 -5.95 -6.16 -0.87
N MET A 32 -4.77 -5.60 -1.09
CA MET A 32 -4.62 -4.16 -1.12
C MET A 32 -5.36 -3.54 -2.30
N LEU A 33 -5.17 -4.16 -3.46
CA LEU A 33 -5.81 -3.69 -4.68
C LEU A 33 -7.28 -3.38 -4.38
N ALA A 34 -7.89 -4.25 -3.58
CA ALA A 34 -9.29 -4.09 -3.22
C ALA A 34 -9.38 -3.18 -1.99
N PHE A 35 -8.75 -3.62 -0.91
CA PHE A 35 -8.77 -2.86 0.32
C PHE A 35 -8.69 -1.36 0.04
N ALA A 36 -7.74 -1.00 -0.82
CA ALA A 36 -7.56 0.40 -1.17
C ALA A 36 -8.81 0.91 -1.89
N GLU A 37 -9.13 0.27 -3.00
CA GLU A 37 -10.29 0.65 -3.77
C GLU A 37 -11.47 0.95 -2.85
N ARG A 38 -11.47 0.27 -1.71
CA ARG A 38 -12.53 0.45 -0.73
C ARG A 38 -12.32 1.74 0.06
N LEU A 39 -11.12 1.85 0.63
CA LEU A 39 -10.78 3.02 1.41
C LEU A 39 -10.64 4.23 0.49
N GLY A 40 -10.55 3.94 -0.80
CA GLY A 40 -10.41 4.98 -1.79
C GLY A 40 -8.95 5.39 -1.98
N TRP A 41 -8.06 4.45 -1.65
CA TRP A 41 -6.64 4.69 -1.78
C TRP A 41 -6.25 5.76 -0.75
N ARG A 42 -7.04 5.83 0.32
CA ARG A 42 -6.80 6.80 1.37
C ARG A 42 -7.19 6.21 2.72
N ILE A 43 -6.33 6.42 3.71
CA ILE A 43 -6.57 5.93 5.05
C ILE A 43 -6.81 7.11 5.99
N GLN A 44 -7.91 7.04 6.72
CA GLN A 44 -8.26 8.10 7.66
C GLN A 44 -8.39 7.52 9.07
N LYS A 45 -8.97 8.33 9.94
CA LYS A 45 -9.16 7.92 11.33
C LYS A 45 -10.18 6.78 11.39
N HIS A 46 -11.13 6.82 10.46
CA HIS A 46 -12.17 5.80 10.40
C HIS A 46 -11.56 4.49 9.91
N ASP A 47 -10.55 4.62 9.06
CA ASP A 47 -9.87 3.46 8.51
C ASP A 47 -8.70 3.08 9.42
N ASP A 48 -8.99 2.99 10.71
CA ASP A 48 -7.97 2.65 11.68
C ASP A 48 -7.99 1.13 11.93
N VAL A 49 -9.19 0.61 12.12
CA VAL A 49 -9.36 -0.81 12.37
C VAL A 49 -9.11 -1.58 11.07
N ALA A 50 -9.90 -1.21 10.06
CA ALA A 50 -9.78 -1.85 8.76
C ALA A 50 -8.30 -2.01 8.40
N VAL A 51 -7.52 -1.02 8.80
CA VAL A 51 -6.09 -1.04 8.52
C VAL A 51 -5.44 -2.14 9.35
N GLU A 52 -5.76 -2.14 10.64
CA GLU A 52 -5.22 -3.13 11.55
C GLU A 52 -5.72 -4.53 11.17
N GLN A 53 -6.96 -4.58 10.71
CA GLN A 53 -7.56 -5.85 10.31
C GLN A 53 -6.79 -6.45 9.14
N PHE A 54 -6.13 -5.58 8.39
CA PHE A 54 -5.35 -6.02 7.24
C PHE A 54 -3.99 -6.59 7.67
N CYS A 55 -3.18 -5.71 8.23
CA CYS A 55 -1.85 -6.10 8.69
C CYS A 55 -2.00 -7.38 9.52
N ALA A 56 -2.88 -7.30 10.52
CA ALA A 56 -3.11 -8.44 11.39
C ALA A 56 -3.24 -9.70 10.55
N GLU A 57 -3.86 -9.54 9.39
CA GLU A 57 -4.05 -10.67 8.48
C GLU A 57 -2.86 -10.79 7.53
N THR A 58 -2.80 -9.89 6.57
CA THR A 58 -1.72 -9.89 5.59
C THR A 58 -0.37 -9.84 6.31
N GLY A 59 -0.22 -8.82 7.15
CA GLY A 59 1.02 -8.64 7.90
C GLY A 59 1.76 -7.39 7.44
N VAL A 60 1.05 -6.58 6.64
CA VAL A 60 1.63 -5.35 6.13
C VAL A 60 1.29 -4.19 7.07
N ARG A 61 2.33 -3.56 7.58
CA ARG A 61 2.15 -2.44 8.50
C ARG A 61 1.28 -1.35 7.85
N ARG A 62 0.89 -0.40 8.68
CA ARG A 62 0.06 0.69 8.19
C ARG A 62 0.84 1.56 7.20
N GLN A 63 1.88 2.20 7.71
CA GLN A 63 2.71 3.05 6.88
C GLN A 63 3.02 2.37 5.55
N VAL A 64 3.34 1.08 5.65
CA VAL A 64 3.66 0.30 4.46
C VAL A 64 2.40 0.16 3.59
N LEU A 65 1.35 -0.36 4.19
CA LEU A 65 0.10 -0.55 3.48
C LEU A 65 -0.34 0.78 2.89
N LYS A 66 -0.23 1.83 3.69
CA LYS A 66 -0.61 3.16 3.26
C LYS A 66 0.36 3.63 2.18
N ILE A 67 1.64 3.56 2.49
CA ILE A 67 2.67 3.97 1.55
C ILE A 67 2.44 3.29 0.20
N TRP A 68 1.96 2.06 0.28
CA TRP A 68 1.68 1.29 -0.92
C TRP A 68 0.68 2.06 -1.76
N MET A 69 -0.52 2.22 -1.21
CA MET A 69 -1.58 2.94 -1.91
C MET A 69 -1.07 4.29 -2.42
N HIS A 70 -0.45 5.03 -1.52
CA HIS A 70 0.08 6.34 -1.87
C HIS A 70 1.15 6.18 -2.95
N ASN A 71 1.58 4.96 -3.14
CA ASN A 71 2.59 4.65 -4.14
C ASN A 71 1.92 4.07 -5.38
N ASN A 72 0.65 3.72 -5.22
CA ASN A 72 -0.11 3.15 -6.32
C ASN A 72 -1.33 4.03 -6.61
N LYS A 73 -1.32 5.21 -6.01
CA LYS A 73 -2.41 6.16 -6.19
C LYS A 73 -2.01 7.18 -7.26
N ASN A 74 -0.70 7.32 -7.44
CA ASN A 74 -0.18 8.26 -8.43
C ASN A 74 1.35 8.20 -8.42
N SER A 75 1.89 7.66 -9.50
CA SER A 75 3.33 7.54 -9.63
C SER A 75 3.68 6.58 -10.77
N GLY A 76 4.96 6.31 -10.90
CA GLY A 76 5.44 5.41 -11.93
C GLY A 76 6.47 6.10 -12.83
N PRO A 77 5.97 6.67 -13.96
CA PRO A 77 6.83 7.36 -14.90
C PRO A 77 7.25 8.72 -14.36
N SER A 78 8.45 8.75 -13.81
CA SER A 78 8.99 9.99 -13.26
C SER A 78 10.40 9.75 -12.72
N SER A 79 11.19 10.81 -12.73
CA SER A 79 12.56 10.72 -12.24
C SER A 79 12.78 11.72 -11.10
N GLY A 80 12.50 11.25 -9.89
CA GLY A 80 12.65 12.09 -8.71
C GLY A 80 11.90 13.40 -8.87
N GLY A 1 -5.20 -0.73 -18.25
CA GLY A 1 -4.33 -1.01 -19.36
C GLY A 1 -3.12 -1.84 -18.92
N SER A 2 -2.39 -2.33 -19.90
CA SER A 2 -1.21 -3.14 -19.62
C SER A 2 -0.26 -3.11 -20.83
N SER A 3 0.89 -2.49 -20.63
CA SER A 3 1.88 -2.38 -21.68
C SER A 3 3.25 -2.04 -21.09
N GLY A 4 4.12 -3.04 -21.09
CA GLY A 4 5.46 -2.86 -20.56
C GLY A 4 6.28 -1.88 -21.42
N SER A 5 6.81 -0.87 -20.76
CA SER A 5 7.60 0.13 -21.46
C SER A 5 8.10 1.19 -20.46
N SER A 6 9.14 1.91 -20.87
CA SER A 6 9.71 2.94 -20.03
C SER A 6 9.79 4.26 -20.80
N GLY A 7 9.60 5.35 -20.07
CA GLY A 7 9.65 6.67 -20.67
C GLY A 7 8.27 7.34 -20.63
N SER A 8 7.92 7.83 -19.45
CA SER A 8 6.64 8.50 -19.27
C SER A 8 5.52 7.64 -19.85
N ASN A 9 4.98 6.78 -19.01
CA ASN A 9 3.90 5.90 -19.42
C ASN A 9 2.71 6.05 -18.47
N PRO A 10 1.50 5.77 -19.01
CA PRO A 10 0.28 5.88 -18.22
C PRO A 10 0.16 4.71 -17.24
N SER A 11 0.53 3.54 -17.72
CA SER A 11 0.47 2.34 -16.90
C SER A 11 1.78 1.55 -17.04
N SER A 12 2.06 0.76 -16.01
CA SER A 12 3.26 -0.05 -15.99
C SER A 12 4.50 0.85 -16.06
N SER A 13 5.32 0.76 -15.03
CA SER A 13 6.53 1.56 -14.97
C SER A 13 7.37 1.15 -13.75
N GLY A 14 8.67 1.10 -13.97
CA GLY A 14 9.59 0.73 -12.90
C GLY A 14 10.60 1.85 -12.61
N GLY A 15 11.86 1.48 -12.62
CA GLY A 15 12.92 2.44 -12.37
C GLY A 15 13.82 1.97 -11.23
N THR A 16 14.43 0.80 -11.43
CA THR A 16 15.31 0.22 -10.43
C THR A 16 16.72 0.82 -10.57
N THR A 17 17.50 0.64 -9.51
CA THR A 17 18.85 1.16 -9.49
C THR A 17 19.61 0.62 -8.27
N LYS A 18 18.92 0.63 -7.14
CA LYS A 18 19.51 0.14 -5.91
C LYS A 18 18.45 0.14 -4.81
N ARG A 19 17.70 1.23 -4.74
CA ARG A 19 16.65 1.37 -3.75
C ARG A 19 15.52 0.40 -4.05
N PHE A 20 15.16 -0.38 -3.03
CA PHE A 20 14.09 -1.35 -3.17
C PHE A 20 12.92 -1.02 -2.23
N ARG A 21 11.71 -1.26 -2.73
CA ARG A 21 10.51 -1.01 -1.94
C ARG A 21 9.99 -2.29 -1.33
N THR A 22 9.04 -2.14 -0.42
CA THR A 22 8.44 -3.28 0.25
C THR A 22 8.12 -4.39 -0.76
N LYS A 23 8.22 -5.62 -0.30
CA LYS A 23 7.95 -6.76 -1.14
C LYS A 23 6.90 -7.65 -0.49
N PHE A 24 5.80 -7.85 -1.20
CA PHE A 24 4.71 -8.66 -0.70
C PHE A 24 4.34 -9.76 -1.70
N THR A 25 3.39 -10.60 -1.29
CA THR A 25 2.93 -11.69 -2.13
C THR A 25 1.68 -11.27 -2.91
N ALA A 26 1.45 -11.97 -4.01
CA ALA A 26 0.29 -11.69 -4.85
C ALA A 26 -0.90 -11.33 -3.95
N GLU A 27 -1.24 -12.26 -3.06
CA GLU A 27 -2.34 -12.06 -2.15
C GLU A 27 -2.36 -10.61 -1.64
N GLN A 28 -1.33 -10.29 -0.86
CA GLN A 28 -1.22 -8.95 -0.30
C GLN A 28 -1.62 -7.91 -1.34
N LYS A 29 -0.93 -7.96 -2.48
CA LYS A 29 -1.20 -7.03 -3.56
C LYS A 29 -2.70 -7.04 -3.88
N GLU A 30 -3.24 -8.24 -3.94
CA GLU A 30 -4.66 -8.41 -4.24
C GLU A 30 -5.51 -7.74 -3.16
N LYS A 31 -5.24 -8.13 -1.92
CA LYS A 31 -5.97 -7.57 -0.78
C LYS A 31 -5.92 -6.05 -0.86
N MET A 32 -4.70 -5.52 -0.86
CA MET A 32 -4.51 -4.08 -0.92
C MET A 32 -5.25 -3.48 -2.11
N LEU A 33 -4.99 -4.05 -3.28
CA LEU A 33 -5.62 -3.57 -4.51
C LEU A 33 -7.09 -3.25 -4.23
N ALA A 34 -7.73 -4.17 -3.52
CA ALA A 34 -9.13 -4.00 -3.18
C ALA A 34 -9.25 -3.11 -1.95
N PHE A 35 -8.63 -3.56 -0.87
CA PHE A 35 -8.66 -2.82 0.39
C PHE A 35 -8.51 -1.32 0.13
N ALA A 36 -7.45 -0.97 -0.60
CA ALA A 36 -7.17 0.41 -0.92
C ALA A 36 -8.36 1.00 -1.69
N GLU A 37 -8.75 0.28 -2.75
CA GLU A 37 -9.85 0.72 -3.57
C GLU A 37 -11.08 1.02 -2.71
N ARG A 38 -11.26 0.19 -1.69
CA ARG A 38 -12.38 0.36 -0.78
C ARG A 38 -12.20 1.63 0.06
N LEU A 39 -10.99 1.77 0.59
CA LEU A 39 -10.66 2.93 1.41
C LEU A 39 -10.44 4.15 0.52
N GLY A 40 -10.46 3.89 -0.78
CA GLY A 40 -10.25 4.94 -1.75
C GLY A 40 -8.77 5.32 -1.85
N TRP A 41 -7.92 4.37 -1.50
CA TRP A 41 -6.49 4.59 -1.54
C TRP A 41 -6.14 5.63 -0.46
N ARG A 42 -6.97 5.67 0.56
CA ARG A 42 -6.76 6.60 1.66
C ARG A 42 -7.23 5.98 2.97
N ILE A 43 -6.55 6.37 4.05
CA ILE A 43 -6.90 5.86 5.36
C ILE A 43 -7.32 7.03 6.26
N GLN A 44 -8.50 6.89 6.84
CA GLN A 44 -9.03 7.92 7.71
C GLN A 44 -9.16 7.39 9.15
N LYS A 45 -9.75 8.21 9.99
CA LYS A 45 -9.93 7.84 11.39
C LYS A 45 -10.88 6.64 11.47
N HIS A 46 -11.72 6.52 10.45
CA HIS A 46 -12.68 5.43 10.40
C HIS A 46 -11.97 4.14 9.98
N ASP A 47 -10.97 4.31 9.12
CA ASP A 47 -10.20 3.18 8.64
C ASP A 47 -9.05 2.89 9.61
N ASP A 48 -9.40 2.77 10.88
CA ASP A 48 -8.41 2.50 11.91
C ASP A 48 -8.33 0.99 12.16
N VAL A 49 -9.50 0.43 12.47
CA VAL A 49 -9.58 -1.01 12.73
C VAL A 49 -9.28 -1.77 11.45
N ALA A 50 -10.05 -1.47 10.41
CA ALA A 50 -9.88 -2.13 9.13
C ALA A 50 -8.39 -2.22 8.80
N VAL A 51 -7.69 -1.12 9.07
CA VAL A 51 -6.26 -1.06 8.81
C VAL A 51 -5.55 -2.12 9.65
N GLU A 52 -5.92 -2.17 10.92
CA GLU A 52 -5.33 -3.13 11.83
C GLU A 52 -5.64 -4.55 11.39
N GLN A 53 -6.85 -4.73 10.88
CA GLN A 53 -7.28 -6.04 10.41
C GLN A 53 -6.40 -6.51 9.26
N PHE A 54 -6.27 -5.64 8.26
CA PHE A 54 -5.46 -5.95 7.10
C PHE A 54 -3.98 -6.12 7.49
N CYS A 55 -3.39 -5.02 7.95
CA CYS A 55 -2.01 -5.03 8.35
C CYS A 55 -1.73 -6.34 9.09
N ALA A 56 -2.75 -6.84 9.75
CA ALA A 56 -2.64 -8.08 10.50
C ALA A 56 -2.88 -9.26 9.55
N GLU A 57 -4.09 -9.33 9.04
CA GLU A 57 -4.46 -10.40 8.12
C GLU A 57 -3.36 -10.61 7.09
N THR A 58 -3.20 -9.61 6.23
CA THR A 58 -2.19 -9.67 5.20
C THR A 58 -0.79 -9.74 5.81
N GLY A 59 -0.53 -8.83 6.73
CA GLY A 59 0.76 -8.78 7.40
C GLY A 59 1.53 -7.51 7.01
N VAL A 60 0.80 -6.57 6.44
CA VAL A 60 1.40 -5.31 6.02
C VAL A 60 1.35 -4.31 7.18
N ARG A 61 2.18 -3.29 7.06
CA ARG A 61 2.24 -2.27 8.09
C ARG A 61 1.46 -1.02 7.66
N ARG A 62 0.70 -0.48 8.59
CA ARG A 62 -0.09 0.70 8.31
C ARG A 62 0.66 1.64 7.37
N GLN A 63 1.83 2.07 7.82
CA GLN A 63 2.65 2.97 7.02
C GLN A 63 2.92 2.36 5.65
N VAL A 64 3.21 1.07 5.65
CA VAL A 64 3.48 0.36 4.42
C VAL A 64 2.26 0.41 3.51
N LEU A 65 1.12 0.10 4.12
CA LEU A 65 -0.14 0.10 3.39
C LEU A 65 -0.40 1.50 2.83
N LYS A 66 -0.41 2.47 3.73
CA LYS A 66 -0.63 3.86 3.34
C LYS A 66 0.34 4.23 2.22
N ILE A 67 1.62 4.02 2.48
CA ILE A 67 2.65 4.33 1.51
C ILE A 67 2.41 3.51 0.24
N TRP A 68 1.99 2.27 0.45
CA TRP A 68 1.71 1.38 -0.68
C TRP A 68 0.68 2.05 -1.57
N MET A 69 -0.40 2.48 -0.96
CA MET A 69 -1.48 3.15 -1.68
C MET A 69 -0.93 4.30 -2.53
N HIS A 70 -0.13 5.14 -1.88
CA HIS A 70 0.45 6.29 -2.55
C HIS A 70 1.40 5.81 -3.66
N ASN A 71 1.87 4.58 -3.49
CA ASN A 71 2.78 3.99 -4.47
C ASN A 71 1.97 3.20 -5.49
N ASN A 72 0.78 3.71 -5.79
CA ASN A 72 -0.10 3.06 -6.74
C ASN A 72 -1.01 4.10 -7.38
N LYS A 73 -1.78 4.77 -6.53
CA LYS A 73 -2.70 5.79 -7.00
C LYS A 73 -2.03 6.62 -8.10
N ASN A 74 -0.72 6.81 -7.93
CA ASN A 74 0.04 7.57 -8.91
C ASN A 74 1.11 6.67 -9.53
N SER A 75 2.00 6.17 -8.68
CA SER A 75 3.06 5.30 -9.12
C SER A 75 4.06 5.06 -7.99
N GLY A 76 4.86 6.09 -7.72
CA GLY A 76 5.86 6.01 -6.67
C GLY A 76 5.85 7.28 -5.81
N PRO A 77 7.07 7.62 -5.31
CA PRO A 77 7.23 8.81 -4.48
C PRO A 77 7.16 10.08 -5.33
N SER A 78 5.96 10.38 -5.81
CA SER A 78 5.77 11.56 -6.64
C SER A 78 4.72 12.48 -5.99
N SER A 79 5.22 13.47 -5.26
CA SER A 79 4.34 14.41 -4.59
C SER A 79 3.27 14.91 -5.56
N GLY A 80 2.13 15.27 -5.00
CA GLY A 80 1.01 15.76 -5.79
C GLY A 80 -0.32 15.30 -5.21
N GLY A 1 -17.78 14.31 -12.50
CA GLY A 1 -17.53 13.31 -13.53
C GLY A 1 -16.78 12.11 -12.96
N SER A 2 -16.49 11.16 -13.84
CA SER A 2 -15.78 9.96 -13.44
C SER A 2 -14.38 9.95 -14.04
N SER A 3 -13.44 9.40 -13.29
CA SER A 3 -12.05 9.32 -13.74
C SER A 3 -11.46 7.96 -13.38
N GLY A 4 -11.73 6.99 -14.24
CA GLY A 4 -11.23 5.64 -14.02
C GLY A 4 -10.16 5.28 -15.05
N SER A 5 -8.98 4.97 -14.54
CA SER A 5 -7.86 4.60 -15.41
C SER A 5 -7.91 3.11 -15.72
N SER A 6 -7.35 2.76 -16.86
CA SER A 6 -7.32 1.36 -17.29
C SER A 6 -6.33 1.18 -18.44
N GLY A 7 -5.07 0.98 -18.08
CA GLY A 7 -4.02 0.80 -19.07
C GLY A 7 -3.22 -0.47 -18.80
N SER A 8 -1.91 -0.34 -18.85
CA SER A 8 -1.02 -1.46 -18.62
C SER A 8 0.00 -1.10 -17.53
N ASN A 9 -0.05 -1.86 -16.45
CA ASN A 9 0.85 -1.65 -15.33
C ASN A 9 1.58 -2.95 -15.00
N PRO A 10 2.85 -3.03 -15.46
CA PRO A 10 3.67 -4.22 -15.22
C PRO A 10 4.15 -4.27 -13.78
N SER A 11 4.38 -5.48 -13.30
CA SER A 11 4.84 -5.67 -11.93
C SER A 11 6.37 -5.67 -11.90
N SER A 12 6.95 -6.61 -12.64
CA SER A 12 8.40 -6.72 -12.71
C SER A 12 8.93 -5.94 -13.91
N SER A 13 9.81 -4.98 -13.61
CA SER A 13 10.40 -4.15 -14.65
C SER A 13 11.51 -3.28 -14.06
N GLY A 14 12.69 -3.87 -13.98
CA GLY A 14 13.85 -3.17 -13.44
C GLY A 14 14.64 -4.06 -12.48
N GLY A 15 15.91 -3.75 -12.35
CA GLY A 15 16.79 -4.50 -11.47
C GLY A 15 17.10 -3.72 -10.20
N THR A 16 17.48 -4.46 -9.16
CA THR A 16 17.80 -3.86 -7.88
C THR A 16 19.22 -3.28 -7.93
N THR A 17 19.49 -2.41 -6.96
CA THR A 17 20.80 -1.77 -6.87
C THR A 17 20.93 -1.01 -5.56
N LYS A 18 19.93 -0.18 -5.28
CA LYS A 18 19.92 0.61 -4.06
C LYS A 18 18.61 1.39 -3.97
N ARG A 19 17.52 0.64 -3.83
CA ARG A 19 16.21 1.24 -3.74
C ARG A 19 15.37 0.51 -2.69
N PHE A 20 14.68 1.29 -1.87
CA PHE A 20 13.84 0.74 -0.82
C PHE A 20 12.40 0.57 -1.30
N ARG A 21 11.88 -0.63 -1.12
CA ARG A 21 10.52 -0.94 -1.53
C ARG A 21 10.01 -2.18 -0.79
N THR A 22 8.71 -2.17 -0.52
CA THR A 22 8.08 -3.28 0.17
C THR A 22 7.89 -4.46 -0.78
N LYS A 23 7.99 -5.66 -0.22
CA LYS A 23 7.83 -6.87 -1.00
C LYS A 23 6.74 -7.74 -0.38
N PHE A 24 5.70 -8.00 -1.16
CA PHE A 24 4.59 -8.81 -0.69
C PHE A 24 4.25 -9.89 -1.71
N THR A 25 3.29 -10.73 -1.33
CA THR A 25 2.84 -11.81 -2.20
C THR A 25 1.57 -11.42 -2.95
N ALA A 26 1.32 -12.11 -4.05
CA ALA A 26 0.15 -11.84 -4.86
C ALA A 26 -1.03 -11.52 -3.94
N GLU A 27 -1.32 -12.47 -3.05
CA GLU A 27 -2.42 -12.30 -2.12
C GLU A 27 -2.43 -10.88 -1.56
N GLN A 28 -1.40 -10.55 -0.79
CA GLN A 28 -1.29 -9.24 -0.20
C GLN A 28 -1.61 -8.17 -1.24
N LYS A 29 -0.87 -8.21 -2.34
CA LYS A 29 -1.06 -7.25 -3.41
C LYS A 29 -2.56 -7.14 -3.74
N GLU A 30 -3.09 -8.24 -4.26
CA GLU A 30 -4.49 -8.29 -4.62
C GLU A 30 -5.35 -7.78 -3.46
N LYS A 31 -5.01 -8.23 -2.26
CA LYS A 31 -5.74 -7.84 -1.07
C LYS A 31 -5.72 -6.32 -0.95
N MET A 32 -4.53 -5.75 -1.14
CA MET A 32 -4.36 -4.31 -1.06
C MET A 32 -5.16 -3.60 -2.16
N LEU A 33 -4.98 -4.07 -3.38
CA LEU A 33 -5.67 -3.48 -4.51
C LEU A 33 -7.13 -3.24 -4.15
N ALA A 34 -7.75 -4.26 -3.58
CA ALA A 34 -9.14 -4.17 -3.18
C ALA A 34 -9.25 -3.26 -1.94
N PHE A 35 -8.57 -3.68 -0.88
CA PHE A 35 -8.57 -2.92 0.35
C PHE A 35 -8.57 -1.41 0.08
N ALA A 36 -7.49 -0.97 -0.56
CA ALA A 36 -7.35 0.45 -0.90
C ALA A 36 -8.59 0.90 -1.66
N GLU A 37 -8.88 0.20 -2.74
CA GLU A 37 -10.04 0.53 -3.56
C GLU A 37 -11.27 0.78 -2.68
N ARG A 38 -11.33 0.01 -1.59
CA ARG A 38 -12.45 0.13 -0.67
C ARG A 38 -12.33 1.43 0.14
N LEU A 39 -11.13 1.67 0.63
CA LEU A 39 -10.86 2.86 1.42
C LEU A 39 -10.59 4.03 0.48
N GLY A 40 -10.77 3.77 -0.81
CA GLY A 40 -10.53 4.80 -1.81
C GLY A 40 -9.06 5.21 -1.85
N TRP A 41 -8.21 4.26 -1.49
CA TRP A 41 -6.77 4.50 -1.48
C TRP A 41 -6.47 5.52 -0.39
N ARG A 42 -7.46 5.73 0.47
CA ARG A 42 -7.32 6.67 1.56
C ARG A 42 -7.71 6.02 2.89
N ILE A 43 -7.04 6.46 3.95
CA ILE A 43 -7.32 5.93 5.27
C ILE A 43 -7.83 7.04 6.18
N GLN A 44 -8.90 6.74 6.89
CA GLN A 44 -9.50 7.71 7.79
C GLN A 44 -9.39 7.22 9.24
N LYS A 45 -10.03 7.97 10.13
CA LYS A 45 -10.01 7.64 11.55
C LYS A 45 -10.90 6.42 11.79
N HIS A 46 -11.78 6.17 10.84
CA HIS A 46 -12.70 5.04 10.93
C HIS A 46 -12.03 3.80 10.34
N ASP A 47 -11.11 4.03 9.43
CA ASP A 47 -10.40 2.94 8.78
C ASP A 47 -9.28 2.46 9.71
N ASP A 48 -8.98 3.27 10.70
CA ASP A 48 -7.94 2.94 11.65
C ASP A 48 -8.09 1.48 12.09
N VAL A 49 -9.32 0.99 12.00
CA VAL A 49 -9.60 -0.38 12.37
C VAL A 49 -9.26 -1.31 11.20
N ALA A 50 -10.01 -1.13 10.12
CA ALA A 50 -9.80 -1.94 8.93
C ALA A 50 -8.30 -2.02 8.63
N VAL A 51 -7.64 -0.87 8.77
CA VAL A 51 -6.20 -0.80 8.53
C VAL A 51 -5.49 -1.84 9.38
N GLU A 52 -5.93 -1.94 10.63
CA GLU A 52 -5.34 -2.88 11.56
C GLU A 52 -5.68 -4.31 11.16
N GLN A 53 -6.96 -4.51 10.84
CA GLN A 53 -7.43 -5.83 10.43
C GLN A 53 -6.52 -6.40 9.34
N PHE A 54 -6.27 -5.57 8.33
CA PHE A 54 -5.43 -5.99 7.21
C PHE A 54 -3.98 -6.13 7.66
N CYS A 55 -3.40 -5.02 8.07
CA CYS A 55 -2.02 -5.01 8.52
C CYS A 55 -1.76 -6.30 9.30
N ALA A 56 -2.80 -6.76 9.99
CA ALA A 56 -2.68 -7.98 10.77
C ALA A 56 -2.94 -9.19 9.86
N GLU A 57 -4.16 -9.28 9.38
CA GLU A 57 -4.54 -10.38 8.50
C GLU A 57 -3.44 -10.64 7.47
N THR A 58 -3.30 -9.69 6.56
CA THR A 58 -2.29 -9.81 5.52
C THR A 58 -0.89 -9.88 6.14
N GLY A 59 -0.61 -8.93 7.02
CA GLY A 59 0.68 -8.88 7.69
C GLY A 59 1.47 -7.66 7.27
N VAL A 60 0.78 -6.76 6.57
CA VAL A 60 1.41 -5.53 6.10
C VAL A 60 1.44 -4.51 7.23
N ARG A 61 2.30 -3.51 7.07
CA ARG A 61 2.42 -2.47 8.08
C ARG A 61 1.62 -1.24 7.66
N ARG A 62 0.93 -0.66 8.62
CA ARG A 62 0.12 0.52 8.37
C ARG A 62 0.83 1.44 7.36
N GLN A 63 2.02 1.87 7.74
CA GLN A 63 2.80 2.75 6.88
C GLN A 63 2.99 2.10 5.50
N VAL A 64 3.36 0.83 5.51
CA VAL A 64 3.57 0.10 4.28
C VAL A 64 2.31 0.18 3.42
N LEU A 65 1.18 -0.12 4.05
CA LEU A 65 -0.09 -0.09 3.35
C LEU A 65 -0.36 1.33 2.86
N LYS A 66 -0.35 2.26 3.80
CA LYS A 66 -0.60 3.66 3.48
C LYS A 66 0.38 4.10 2.38
N ILE A 67 1.65 3.87 2.64
CA ILE A 67 2.69 4.24 1.69
C ILE A 67 2.45 3.50 0.37
N TRP A 68 1.98 2.27 0.50
CA TRP A 68 1.70 1.44 -0.67
C TRP A 68 0.63 2.16 -1.50
N MET A 69 -0.42 2.59 -0.81
CA MET A 69 -1.52 3.28 -1.48
C MET A 69 -1.01 4.51 -2.22
N HIS A 70 -0.23 5.32 -1.52
CA HIS A 70 0.33 6.53 -2.10
C HIS A 70 1.24 6.16 -3.27
N ASN A 71 1.74 4.94 -3.23
CA ASN A 71 2.63 4.45 -4.27
C ASN A 71 1.81 3.74 -5.35
N ASN A 72 0.54 4.14 -5.44
CA ASN A 72 -0.35 3.54 -6.42
C ASN A 72 -1.26 4.63 -7.00
N LYS A 73 -2.10 5.17 -6.13
CA LYS A 73 -3.03 6.21 -6.54
C LYS A 73 -2.29 7.23 -7.41
N ASN A 74 -1.06 7.52 -7.02
CA ASN A 74 -0.24 8.46 -7.75
C ASN A 74 0.23 7.83 -9.06
N SER A 75 -0.37 8.28 -10.15
CA SER A 75 -0.03 7.76 -11.46
C SER A 75 -0.82 8.50 -12.54
N GLY A 76 -0.72 7.98 -13.76
CA GLY A 76 -1.42 8.58 -14.88
C GLY A 76 -0.47 8.80 -16.07
N PRO A 77 -1.07 8.88 -17.28
CA PRO A 77 -0.30 9.09 -18.49
C PRO A 77 0.19 10.54 -18.59
N SER A 78 1.12 10.87 -17.71
CA SER A 78 1.67 12.22 -17.69
C SER A 78 2.49 12.47 -18.96
N SER A 79 3.50 11.62 -19.15
CA SER A 79 4.36 11.74 -20.31
C SER A 79 5.31 10.54 -20.39
N GLY A 80 5.55 10.10 -21.61
CA GLY A 80 6.43 8.97 -21.82
C GLY A 80 7.74 9.41 -22.50
#